data_6B1V
#
_entry.id   6B1V
#
_cell.length_a   130.440
_cell.length_b   130.440
_cell.length_c   229.754
_cell.angle_alpha   90.000
_cell.angle_beta   90.000
_cell.angle_gamma   90.000
#
_symmetry.space_group_name_H-M   'P 43 21 2'
#
loop_
_entity.id
_entity.type
_entity.pdbx_description
1 polymer 'Iota-carrageenan sulfatase'
2 branched 3,6-anhydro-2-O-sulfo-alpha-D-galactopyranose-(1-3)-4-O-sulfo-beta-D-galactopyranose-(1-4)-3,6-anhydro-2-O-sulfo-alpha-D-galactopyranose-(1-3)-4-O-sulfo-beta-D-galactopyranose
3 non-polymer 'CALCIUM ION'
4 non-polymer 1,2-ETHANEDIOL
5 water water
#
_entity_poly.entity_id   1
_entity_poly.type   'polypeptide(L)'
_entity_poly.pdbx_seq_one_letter_code
;QKPNIILIVADDLGYADVGFNGSKDIITPNIDDLAKSGTSFSDAYVAHPFSGPSRAALMTGRYPHKIGSQFNLPTRGSNV
GVPTDAKFISKLLNENNYFTGALGKWHMGDTPQHHPNKRGFDEYYGFLGGGHNYFPDQYQPQYKKQKAQGLKNIFEYITP
LEHNGKEVKETQYITDALSREAVNFVDKAVNKKHPFFLYLAYNAPHTPLQAKDEDMAMFPNIKNKDRKTYAGMVYAVDRG
VGKLVEALKKNNQYDNTLIVFMSDNGGKLSKGANNFPLKAGKGSTQEGGFRVPMLFHWPKHVPAGKRFSHPVSALDLYPT
FAALAGAKVEENQHLDGTNMWPAFIKNENPHKDEPIYALRHRKGYSDAAIRMNQWKALKVNQQPWQLFNIENDISEKHDV
SKSNKALLTDMVREMEKWSWDNQQPSWFHETTEGVNWRLDAMPRFDKTFKTT
;
_entity_poly.pdbx_strand_id   A,B,C
#
loop_
_chem_comp.id
_chem_comp.type
_chem_comp.name
_chem_comp.formula
CA non-polymer 'CALCIUM ION' 'Ca 2'
DGS D-saccharide, alpha linking 3,6-anhydro-2-O-sulfo-alpha-D-galactopyranose 'C6 H10 O8 S'
EDO non-polymer 1,2-ETHANEDIOL 'C2 H6 O2'
G4S D-saccharide, beta linking 4-O-sulfo-beta-D-galactopyranose 'C6 H12 O9 S'
#
# COMPACT_ATOMS: atom_id res chain seq x y z
N GLN A 1 -21.14 24.09 30.06
CA GLN A 1 -19.75 23.81 29.60
C GLN A 1 -19.56 22.31 29.28
N LYS A 2 -18.75 22.02 28.26
CA LYS A 2 -18.40 20.63 27.87
C LYS A 2 -17.40 20.06 28.90
N PRO A 3 -17.46 18.74 29.19
CA PRO A 3 -16.67 18.20 30.31
C PRO A 3 -15.20 17.98 30.03
N ASN A 4 -14.38 18.08 31.07
CA ASN A 4 -12.97 17.69 30.97
C ASN A 4 -12.96 16.16 31.00
N ILE A 5 -11.98 15.56 30.33
CA ILE A 5 -11.86 14.11 30.24
C ILE A 5 -10.45 13.67 30.62
N ILE A 6 -10.35 12.74 31.56
CA ILE A 6 -9.06 12.16 31.92
C ILE A 6 -9.16 10.66 31.68
N LEU A 7 -8.21 10.14 30.88
CA LEU A 7 -8.10 8.72 30.60
C LEU A 7 -6.84 8.24 31.28
N ILE A 8 -7.00 7.44 32.33
CA ILE A 8 -5.87 6.90 33.08
C ILE A 8 -5.70 5.44 32.71
N VAL A 9 -4.48 5.08 32.31
CA VAL A 9 -4.19 3.74 31.84
C VAL A 9 -2.95 3.15 32.53
N ALA A 10 -3.20 2.15 33.37
CA ALA A 10 -2.15 1.33 33.95
C ALA A 10 -1.67 0.32 32.92
N ASP A 11 -0.46 -0.17 33.11
CA ASP A 11 0.23 -1.03 32.16
C ASP A 11 0.42 -2.38 32.85
N ASP A 12 -0.15 -3.43 32.27
CA ASP A 12 -0.12 -4.81 32.83
C ASP A 12 -0.82 -4.96 34.19
N LEU A 13 -1.84 -4.16 34.46
CA LEU A 13 -2.59 -4.27 35.70
C LEU A 13 -3.51 -5.49 35.66
N GLY A 14 -3.35 -6.38 36.63
CA GLY A 14 -4.18 -7.58 36.70
C GLY A 14 -5.63 -7.29 37.04
N TYR A 15 -6.52 -8.18 36.61
CA TYR A 15 -7.97 -8.02 36.82
C TYR A 15 -8.34 -7.87 38.29
N ALA A 16 -7.65 -8.60 39.18
CA ALA A 16 -7.96 -8.61 40.62
C ALA A 16 -6.95 -7.82 41.47
N ASP A 17 -6.38 -6.75 40.92
CA ASP A 17 -5.30 -6.02 41.58
C ASP A 17 -5.66 -4.60 41.97
N VAL A 18 -6.95 -4.27 41.94
CA VAL A 18 -7.49 -3.06 42.56
C VAL A 18 -8.68 -3.46 43.44
N GLY A 19 -8.92 -2.70 44.52
CA GLY A 19 -9.93 -3.06 45.50
C GLY A 19 -11.30 -3.25 44.91
N PHE A 20 -11.71 -2.33 44.04
CA PHE A 20 -13.06 -2.35 43.45
C PHE A 20 -13.34 -3.47 42.46
N ASN A 21 -12.29 -4.20 42.04
CA ASN A 21 -12.46 -5.35 41.14
C ASN A 21 -12.04 -6.67 41.83
N GLY A 22 -12.08 -6.67 43.17
CA GLY A 22 -12.02 -7.90 43.97
C GLY A 22 -10.71 -8.23 44.68
N SER A 23 -9.78 -7.27 44.74
CA SER A 23 -8.48 -7.53 45.35
C SER A 23 -8.63 -7.72 46.83
N LYS A 24 -8.25 -8.89 47.33
CA LYS A 24 -8.25 -9.14 48.78
C LYS A 24 -6.93 -8.70 49.44
N ASP A 25 -5.85 -8.48 48.68
CA ASP A 25 -4.51 -8.16 49.28
C ASP A 25 -3.90 -6.79 48.97
N ILE A 26 -4.01 -6.33 47.72
CA ILE A 26 -3.56 -4.99 47.35
C ILE A 26 -4.67 -4.00 47.70
N ILE A 27 -4.29 -2.84 48.26
CA ILE A 27 -5.26 -1.89 48.77
C ILE A 27 -5.11 -0.56 48.01
N THR A 28 -6.22 -0.12 47.39
CA THR A 28 -6.23 1.02 46.48
C THR A 28 -7.43 1.94 46.82
N PRO A 29 -7.33 2.68 47.93
CA PRO A 29 -8.44 3.46 48.43
C PRO A 29 -8.85 4.65 47.56
N ASN A 30 -7.89 5.39 47.01
CA ASN A 30 -8.22 6.56 46.16
C ASN A 30 -8.88 6.20 44.83
N ILE A 31 -8.41 5.12 44.21
CA ILE A 31 -9.05 4.52 43.04
C ILE A 31 -10.42 3.93 43.41
N ASP A 32 -10.49 3.22 44.54
CA ASP A 32 -11.76 2.71 45.06
C ASP A 32 -12.79 3.83 45.33
N ASP A 33 -12.35 5.02 45.78
CA ASP A 33 -13.26 6.16 45.98
C ASP A 33 -14.00 6.53 44.71
N LEU A 34 -13.24 6.59 43.61
CA LEU A 34 -13.80 6.89 42.29
C LEU A 34 -14.82 5.82 41.90
N ALA A 35 -14.49 4.57 42.17
CA ALA A 35 -15.44 3.48 41.93
C ALA A 35 -16.69 3.65 42.79
N LYS A 36 -16.53 3.84 44.11
CA LYS A 36 -17.66 3.90 45.05
C LYS A 36 -18.66 5.02 44.68
N SER A 37 -18.14 6.16 44.23
CA SER A 37 -18.96 7.30 43.81
C SER A 37 -19.05 7.40 42.28
N GLY A 38 -18.97 6.27 41.60
CA GLY A 38 -19.06 6.19 40.15
C GLY A 38 -19.51 4.80 39.75
N THR A 39 -19.26 4.42 38.49
CA THR A 39 -19.64 3.12 37.98
C THR A 39 -18.42 2.37 37.49
N SER A 40 -18.27 1.12 37.93
CA SER A 40 -17.21 0.21 37.45
C SER A 40 -17.82 -0.74 36.42
N PHE A 41 -16.95 -1.41 35.65
CA PHE A 41 -17.39 -2.24 34.53
C PHE A 41 -16.87 -3.67 34.66
N SER A 42 -17.78 -4.62 34.79
CA SER A 42 -17.42 -6.01 34.98
C SER A 42 -17.13 -6.73 33.68
N ASP A 43 -17.47 -6.13 32.54
CA ASP A 43 -17.26 -6.74 31.22
C ASP A 43 -16.62 -5.72 30.29
N ALA A 44 -15.45 -5.24 30.67
CA ALA A 44 -14.74 -4.22 29.90
C ALA A 44 -13.51 -4.82 29.18
N TYR A 45 -13.45 -4.62 27.86
CA TYR A 45 -12.46 -5.27 27.00
C TYR A 45 -11.59 -4.29 26.21
N VAL A 46 -10.28 -4.46 26.28
CA VAL A 46 -9.38 -3.74 25.37
C VAL A 46 -9.36 -4.44 24.03
N ALA A 47 -8.86 -3.75 23.00
CA ALA A 47 -8.93 -4.23 21.62
C ALA A 47 -7.87 -5.27 21.25
N HIS A 48 -6.87 -5.46 22.11
CA HIS A 48 -5.81 -6.41 21.85
C HIS A 48 -5.11 -6.77 23.18
N PRO A 49 -4.70 -8.02 23.35
CA PRO A 49 -4.24 -8.40 24.70
C PRO A 49 -2.81 -7.98 25.07
N PHE A 50 -2.23 -7.01 24.36
CA PHE A 50 -1.02 -6.35 24.85
C PHE A 50 -0.88 -4.91 24.32
N SER A 51 0.18 -4.24 24.78
CA SER A 51 0.26 -2.76 24.86
C SER A 51 0.06 -1.96 23.57
N GLY A 52 1.03 -2.05 22.65
CA GLY A 52 1.10 -1.18 21.49
C GLY A 52 -0.20 -1.14 20.73
N PRO A 53 -0.67 -2.30 20.25
CA PRO A 53 -1.95 -2.40 19.54
C PRO A 53 -3.15 -1.93 20.37
N SER A 54 -3.17 -2.23 21.66
CA SER A 54 -4.28 -1.80 22.52
C SER A 54 -4.35 -0.29 22.64
N ARG A 55 -3.17 0.34 22.75
CA ARG A 55 -3.05 1.79 22.86
C ARG A 55 -3.35 2.46 21.54
N ALA A 56 -2.80 1.93 20.46
CA ALA A 56 -3.19 2.37 19.11
C ALA A 56 -4.71 2.40 18.95
N ALA A 57 -5.38 1.36 19.45
CA ALA A 57 -6.84 1.26 19.36
C ALA A 57 -7.57 2.28 20.22
N LEU A 58 -7.05 2.57 21.40
CA LEU A 58 -7.64 3.61 22.26
C LEU A 58 -7.68 4.95 21.55
N MET A 59 -6.56 5.32 20.98
CA MET A 59 -6.37 6.64 20.39
C MET A 59 -7.09 6.78 19.05
N THR A 60 -7.12 5.72 18.26
CA THR A 60 -7.67 5.80 16.90
C THR A 60 -9.14 5.41 16.82
N GLY A 61 -9.60 4.62 17.78
CA GLY A 61 -10.97 4.12 17.79
C GLY A 61 -11.19 2.97 16.81
N ARG A 62 -10.08 2.37 16.35
CA ARG A 62 -10.11 1.31 15.34
C ARG A 62 -9.31 0.12 15.85
N TYR A 63 -9.74 -1.09 15.48
CA TYR A 63 -8.96 -2.29 15.78
C TYR A 63 -7.58 -2.11 15.14
N PRO A 64 -6.51 -2.41 15.90
CA PRO A 64 -5.16 -2.18 15.38
C PRO A 64 -4.89 -2.90 14.06
N HIS A 65 -5.57 -4.03 13.82
CA HIS A 65 -5.41 -4.81 12.60
C HIS A 65 -5.76 -4.02 11.34
N LYS A 66 -6.75 -3.13 11.46
CA LYS A 66 -7.22 -2.32 10.32
C LYS A 66 -6.16 -1.31 9.86
N ILE A 67 -5.21 -0.97 10.74
CA ILE A 67 -4.22 0.08 10.48
C ILE A 67 -2.77 -0.43 10.56
N GLY A 68 -2.58 -1.73 10.40
CA GLY A 68 -1.24 -2.30 10.35
C GLY A 68 -0.43 -2.29 11.64
N SER A 69 -1.13 -2.15 12.77
CA SER A 69 -0.53 -1.96 14.09
C SER A 69 -0.77 -3.14 15.04
N GLN A 70 -0.84 -4.36 14.48
CA GLN A 70 -1.14 -5.58 15.26
C GLN A 70 -0.04 -6.01 16.19
N PHE A 71 1.14 -5.40 16.08
CA PHE A 71 2.27 -5.79 16.90
C PHE A 71 2.86 -4.59 17.63
N ASN A 72 3.59 -4.88 18.71
CA ASN A 72 4.41 -3.87 19.39
C ASN A 72 5.49 -3.43 18.43
N LEU A 73 5.92 -2.17 18.57
CA LEU A 73 7.00 -1.64 17.74
C LEU A 73 8.29 -2.37 18.06
N PRO A 74 9.26 -2.36 17.13
CA PRO A 74 10.57 -2.96 17.38
C PRO A 74 11.17 -2.53 18.71
N THR A 75 11.60 -3.51 19.50
CA THR A 75 12.10 -3.29 20.87
C THR A 75 13.35 -2.44 20.90
N ARG A 76 14.17 -2.55 19.87
CA ARG A 76 15.47 -1.89 19.80
C ARG A 76 15.39 -0.57 19.00
N GLY A 77 14.17 -0.09 18.72
CA GLY A 77 13.97 1.20 18.08
C GLY A 77 13.62 1.09 16.61
N SER A 78 12.98 2.15 16.10
CA SER A 78 12.49 2.19 14.73
C SER A 78 12.02 3.56 14.34
N ASN A 79 11.78 3.72 13.05
CA ASN A 79 11.34 4.98 12.48
C ASN A 79 9.96 4.79 11.84
N VAL A 80 9.11 3.96 12.46
CA VAL A 80 7.73 3.72 12.02
C VAL A 80 6.80 3.86 13.21
N GLY A 81 5.49 3.91 12.95
CA GLY A 81 4.50 4.07 14.02
C GLY A 81 3.06 4.03 13.56
N VAL A 82 2.16 4.25 14.52
CA VAL A 82 0.72 4.23 14.25
C VAL A 82 0.46 5.21 13.13
N PRO A 83 -0.21 4.79 12.06
CA PRO A 83 -0.28 5.67 10.89
C PRO A 83 -0.91 7.06 11.19
N THR A 84 -0.43 8.07 10.48
CA THR A 84 -0.81 9.46 10.75
C THR A 84 -2.17 9.82 10.16
N ASP A 85 -2.69 9.02 9.24
CA ASP A 85 -3.99 9.28 8.62
C ASP A 85 -5.19 8.81 9.46
N ALA A 86 -4.94 8.05 10.54
CA ALA A 86 -5.96 7.79 11.57
C ALA A 86 -5.86 8.89 12.64
N LYS A 87 -6.79 9.83 12.61
CA LYS A 87 -6.81 10.95 13.55
C LYS A 87 -7.01 10.45 14.98
N PHE A 88 -6.08 10.81 15.85
CA PHE A 88 -6.15 10.48 17.28
C PHE A 88 -7.26 11.27 17.96
N ILE A 89 -7.85 10.68 19.00
CA ILE A 89 -8.88 11.35 19.80
C ILE A 89 -8.39 12.66 20.41
N SER A 90 -7.10 12.72 20.76
CA SER A 90 -6.47 13.93 21.23
C SER A 90 -6.50 15.03 20.19
N LYS A 91 -6.20 14.68 18.94
CA LYS A 91 -6.24 15.62 17.81
C LYS A 91 -7.66 16.17 17.63
N LEU A 92 -8.65 15.28 17.65
CA LEU A 92 -10.05 15.69 17.45
C LEU A 92 -10.48 16.67 18.54
N LEU A 93 -10.19 16.29 19.79
CA LEU A 93 -10.52 17.13 20.93
C LEU A 93 -9.81 18.48 20.86
N ASN A 94 -8.51 18.48 20.53
CA ASN A 94 -7.74 19.73 20.35
C ASN A 94 -8.40 20.62 19.30
N GLU A 95 -8.88 20.02 18.21
CA GLU A 95 -9.60 20.74 17.15
C GLU A 95 -10.95 21.30 17.59
N ASN A 96 -11.57 20.69 18.60
CA ASN A 96 -12.79 21.23 19.22
C ASN A 96 -12.50 21.92 20.55
N ASN A 97 -11.37 22.61 20.61
CA ASN A 97 -11.07 23.59 21.66
C ASN A 97 -10.65 22.99 23.01
N TYR A 98 -10.10 21.77 23.02
CA TYR A 98 -9.57 21.18 24.26
C TYR A 98 -8.07 21.42 24.43
N PHE A 99 -7.66 21.69 25.66
CA PHE A 99 -6.26 21.71 26.04
C PHE A 99 -5.84 20.26 26.28
N THR A 100 -4.86 19.78 25.53
CA THR A 100 -4.52 18.36 25.51
C THR A 100 -3.18 18.06 26.15
N GLY A 101 -3.13 16.98 26.92
CA GLY A 101 -1.91 16.52 27.56
C GLY A 101 -1.75 15.01 27.55
N ALA A 102 -0.53 14.54 27.32
CA ALA A 102 -0.20 13.11 27.41
C ALA A 102 0.96 12.94 28.36
N LEU A 103 0.87 11.96 29.25
CA LEU A 103 1.90 11.73 30.26
C LEU A 103 2.31 10.29 30.29
N GLY A 104 3.61 10.04 30.42
CA GLY A 104 4.13 8.70 30.64
C GLY A 104 4.41 7.93 29.37
N LYS A 105 3.87 6.70 29.30
CA LYS A 105 4.18 5.77 28.24
C LYS A 105 3.44 6.16 26.96
N TRP A 106 4.16 6.04 25.84
CA TRP A 106 3.61 6.31 24.51
C TRP A 106 3.43 5.00 23.76
N HIS A 107 4.54 4.39 23.32
CA HIS A 107 4.59 3.09 22.61
C HIS A 107 3.87 3.07 21.26
N MET A 108 3.79 4.24 20.62
CA MET A 108 3.09 4.43 19.34
C MET A 108 3.89 5.17 18.26
N GLY A 109 5.21 5.33 18.46
CA GLY A 109 6.13 5.87 17.44
C GLY A 109 7.09 6.95 17.94
N ASP A 110 8.40 6.73 17.76
CA ASP A 110 9.46 7.69 18.19
C ASP A 110 9.69 8.89 17.25
N THR A 111 9.31 8.79 15.97
CA THR A 111 9.69 9.82 14.97
C THR A 111 8.88 11.12 15.12
N PRO A 112 9.34 12.24 14.52
CA PRO A 112 8.64 13.52 14.68
C PRO A 112 7.17 13.53 14.31
N GLN A 113 6.82 12.89 13.20
CA GLN A 113 5.42 12.84 12.71
C GLN A 113 4.51 11.93 13.56
N HIS A 114 5.11 10.95 14.26
CA HIS A 114 4.42 10.04 15.19
C HIS A 114 4.47 10.49 16.67
N HIS A 115 5.16 11.60 16.94
CA HIS A 115 5.37 12.12 18.30
C HIS A 115 4.05 12.65 18.86
N PRO A 116 3.86 12.54 20.20
CA PRO A 116 2.64 13.09 20.84
C PRO A 116 2.25 14.51 20.41
N ASN A 117 3.23 15.41 20.33
CA ASN A 117 3.00 16.82 19.94
C ASN A 117 2.46 17.01 18.51
N LYS A 118 2.60 16.02 17.64
CA LYS A 118 1.96 16.02 16.31
C LYS A 118 0.70 15.14 16.23
N ARG A 119 0.44 14.32 17.25
CA ARG A 119 -0.85 13.62 17.39
C ARG A 119 -1.82 14.35 18.32
N GLY A 120 -1.77 15.68 18.32
CA GLY A 120 -2.79 16.50 18.96
C GLY A 120 -2.67 16.67 20.45
N PHE A 121 -1.46 16.50 20.99
CA PHE A 121 -1.18 16.73 22.41
C PHE A 121 -0.37 18.01 22.62
N ASP A 122 -0.97 19.03 23.23
CA ASP A 122 -0.27 20.29 23.50
C ASP A 122 0.94 20.05 24.42
N GLU A 123 0.71 19.35 25.53
CA GLU A 123 1.77 18.99 26.50
C GLU A 123 2.05 17.49 26.50
N TYR A 124 3.32 17.11 26.58
CA TYR A 124 3.73 15.71 26.79
C TYR A 124 4.93 15.65 27.70
N TYR A 125 4.86 14.77 28.70
CA TYR A 125 5.98 14.50 29.60
C TYR A 125 6.03 12.99 29.79
N GLY A 126 7.13 12.35 29.38
CA GLY A 126 7.26 10.91 29.52
C GLY A 126 8.38 10.29 28.73
N PHE A 127 8.20 9.02 28.38
CA PHE A 127 9.17 8.21 27.64
C PHE A 127 8.42 7.54 26.49
N LEU A 128 9.05 7.51 25.32
CA LEU A 128 8.33 7.19 24.08
C LEU A 128 8.14 5.69 23.78
N GLY A 129 8.95 4.84 24.40
CA GLY A 129 8.96 3.40 24.13
C GLY A 129 8.06 2.55 25.01
N GLY A 130 8.42 1.28 25.19
CA GLY A 130 7.53 0.27 25.81
C GLY A 130 7.46 0.25 27.34
N GLY A 131 8.41 0.89 28.00
CA GLY A 131 8.40 1.00 29.45
C GLY A 131 9.63 1.74 29.93
N HIS A 132 9.88 1.73 31.23
CA HIS A 132 11.03 2.47 31.77
C HIS A 132 11.44 1.98 33.16
N ASN A 133 12.73 2.09 33.45
CA ASN A 133 13.22 1.88 34.82
C ASN A 133 12.62 2.98 35.69
N TYR A 134 12.34 2.63 36.95
CA TYR A 134 11.55 3.50 37.81
C TYR A 134 12.36 4.47 38.66
N PHE A 135 13.65 4.18 38.89
CA PHE A 135 14.48 5.00 39.79
C PHE A 135 15.58 5.75 39.02
N PRO A 136 15.46 7.10 38.93
CA PRO A 136 16.52 7.91 38.31
C PRO A 136 17.93 7.70 38.87
N ASP A 137 18.02 7.43 40.17
CA ASP A 137 19.32 7.12 40.79
C ASP A 137 19.96 5.84 40.23
N GLN A 138 19.17 4.87 39.78
CA GLN A 138 19.67 3.67 39.08
C GLN A 138 19.93 3.91 37.58
N TYR A 139 18.95 4.47 36.88
CA TYR A 139 19.00 4.52 35.41
C TYR A 139 19.88 5.61 34.80
N GLN A 140 19.98 6.78 35.44
CA GLN A 140 20.75 7.89 34.89
C GLN A 140 22.28 7.66 34.85
N PRO A 141 22.84 6.98 35.87
CA PRO A 141 24.27 6.60 35.77
C PRO A 141 24.60 5.63 34.63
N GLN A 142 23.75 4.62 34.43
CA GLN A 142 23.93 3.67 33.33
C GLN A 142 23.88 4.35 31.94
N TYR A 143 22.90 5.23 31.74
CA TYR A 143 22.76 5.95 30.47
C TYR A 143 23.98 6.83 30.18
N LYS A 144 24.41 7.57 31.20
CA LYS A 144 25.60 8.41 31.13
C LYS A 144 26.87 7.60 30.78
N LYS A 145 27.04 6.44 31.42
CA LYS A 145 28.16 5.54 31.14
C LYS A 145 28.17 5.07 29.67
N GLN A 146 26.99 4.73 29.16
CA GLN A 146 26.86 4.21 27.79
C GLN A 146 26.94 5.31 26.72
N LYS A 147 26.41 6.49 27.01
CA LYS A 147 26.49 7.56 26.02
C LYS A 147 27.91 8.05 25.86
N ALA A 148 28.66 8.06 26.97
CA ALA A 148 30.09 8.43 26.93
C ALA A 148 30.96 7.40 26.19
N GLN A 149 30.58 6.12 26.21
CA GLN A 149 31.24 5.10 25.37
C GLN A 149 31.02 5.29 23.87
N GLY A 150 30.04 6.11 23.50
CA GLY A 150 29.75 6.43 22.09
C GLY A 150 28.62 5.62 21.49
N LEU A 151 27.94 4.82 22.31
CA LEU A 151 26.86 3.96 21.84
C LEU A 151 25.63 4.77 21.50
N LYS A 152 25.02 4.44 20.36
CA LYS A 152 23.82 5.10 19.86
C LYS A 152 22.54 4.28 20.10
N ASN A 153 22.66 2.95 20.18
CA ASN A 153 21.49 2.08 20.40
C ASN A 153 21.36 1.68 21.85
N ILE A 154 20.77 2.56 22.65
CA ILE A 154 20.66 2.34 24.07
C ILE A 154 19.26 1.87 24.41
N PHE A 155 19.19 0.82 25.24
CA PHE A 155 17.94 0.25 25.75
C PHE A 155 17.05 1.38 26.25
N GLU A 156 15.84 1.48 25.73
CA GLU A 156 15.03 2.69 25.96
C GLU A 156 14.57 2.88 27.42
N TYR A 157 14.63 1.80 28.22
CA TYR A 157 14.24 1.85 29.64
C TYR A 157 15.14 2.72 30.52
N ILE A 158 16.35 3.03 30.06
CA ILE A 158 17.27 3.90 30.80
C ILE A 158 17.50 5.29 30.17
N THR A 159 16.91 5.57 29.02
CA THR A 159 17.08 6.86 28.37
C THR A 159 16.35 7.97 29.12
N PRO A 160 16.77 9.23 28.91
CA PRO A 160 16.10 10.35 29.59
C PRO A 160 14.63 10.46 29.24
N LEU A 161 13.83 10.96 30.17
CA LEU A 161 12.48 11.41 29.83
C LEU A 161 12.58 12.74 29.09
N GLU A 162 11.46 13.14 28.47
CA GLU A 162 11.39 14.42 27.77
C GLU A 162 10.13 15.18 28.12
N HIS A 163 10.17 16.50 27.89
CA HIS A 163 9.02 17.38 28.00
C HIS A 163 8.93 18.13 26.68
N ASN A 164 7.78 18.02 26.02
CA ASN A 164 7.58 18.57 24.68
C ASN A 164 8.84 18.59 23.82
N GLY A 165 9.48 17.43 23.70
CA GLY A 165 10.63 17.28 22.83
C GLY A 165 12.00 17.47 23.46
N LYS A 166 12.11 18.27 24.52
CA LYS A 166 13.42 18.55 25.15
C LYS A 166 13.64 17.59 26.31
N GLU A 167 14.85 17.04 26.43
CA GLU A 167 15.20 16.07 27.47
C GLU A 167 15.20 16.69 28.86
N VAL A 168 14.91 15.88 29.87
CA VAL A 168 14.93 16.32 31.26
C VAL A 168 15.70 15.34 32.15
N LYS A 169 16.00 15.80 33.37
CA LYS A 169 16.70 15.01 34.39
C LYS A 169 15.72 14.82 35.54
N GLU A 170 15.00 13.71 35.47
CA GLU A 170 13.94 13.41 36.42
C GLU A 170 14.55 13.07 37.78
N THR A 171 13.93 13.54 38.86
CA THR A 171 14.42 13.31 40.22
C THR A 171 13.63 12.28 41.04
N GLN A 172 12.37 12.03 40.68
CA GLN A 172 11.51 11.13 41.48
C GLN A 172 11.30 9.74 40.86
N TYR A 173 10.89 8.80 41.71
CA TYR A 173 10.31 7.52 41.28
C TYR A 173 9.27 7.81 40.21
N ILE A 174 9.33 7.09 39.09
CA ILE A 174 8.60 7.50 37.90
C ILE A 174 7.08 7.63 38.12
N THR A 175 6.51 6.69 38.86
CA THR A 175 5.06 6.73 39.12
C THR A 175 4.69 8.07 39.80
N ASP A 176 5.49 8.50 40.77
CA ASP A 176 5.29 9.81 41.44
C ASP A 176 5.55 10.99 40.52
N ALA A 177 6.57 10.89 39.67
CA ALA A 177 6.91 11.93 38.68
C ALA A 177 5.75 12.24 37.74
N LEU A 178 5.14 11.19 37.22
CA LEU A 178 4.01 11.30 36.33
C LEU A 178 2.81 11.85 37.05
N SER A 179 2.63 11.41 38.30
CA SER A 179 1.55 11.96 39.14
C SER A 179 1.74 13.45 39.40
N ARG A 180 2.97 13.86 39.61
CA ARG A 180 3.28 15.26 39.84
C ARG A 180 2.94 16.07 38.60
N GLU A 181 3.28 15.57 37.43
CA GLU A 181 3.02 16.27 36.18
C GLU A 181 1.55 16.28 35.79
N ALA A 182 0.82 15.24 36.21
CA ALA A 182 -0.65 15.25 36.09
C ALA A 182 -1.26 16.41 36.89
N VAL A 183 -0.73 16.66 38.09
CA VAL A 183 -1.14 17.83 38.88
C VAL A 183 -0.79 19.11 38.13
N ASN A 184 0.46 19.22 37.70
CA ASN A 184 0.92 20.40 36.94
C ASN A 184 0.07 20.68 35.71
N PHE A 185 -0.37 19.62 35.03
CA PHE A 185 -1.19 19.77 33.83
C PHE A 185 -2.56 20.37 34.15
N VAL A 186 -3.27 19.78 35.09
CA VAL A 186 -4.60 20.29 35.45
C VAL A 186 -4.52 21.69 36.05
N ASP A 187 -3.41 22.00 36.73
CA ASP A 187 -3.17 23.35 37.24
C ASP A 187 -2.97 24.37 36.12
N LYS A 188 -2.10 24.03 35.15
CA LYS A 188 -1.93 24.84 33.94
C LYS A 188 -3.28 25.08 33.24
N ALA A 189 -4.14 24.07 33.25
CA ALA A 189 -5.44 24.13 32.59
C ALA A 189 -6.47 25.07 33.20
N VAL A 190 -6.29 25.46 34.47
CA VAL A 190 -7.26 26.37 35.12
C VAL A 190 -7.25 27.73 34.44
N ASN A 191 -6.06 28.18 34.01
CA ASN A 191 -5.87 29.52 33.45
C ASN A 191 -6.21 29.58 31.95
N LYS A 192 -7.31 28.94 31.54
CA LYS A 192 -7.76 28.91 30.15
C LYS A 192 -9.28 28.80 30.12
N LYS A 193 -9.92 29.45 29.16
CA LYS A 193 -11.36 29.30 28.97
C LYS A 193 -11.76 27.90 28.45
N HIS A 194 -10.78 27.13 27.98
CA HIS A 194 -10.99 25.80 27.37
C HIS A 194 -11.15 24.68 28.41
N PRO A 195 -11.96 23.64 28.10
CA PRO A 195 -11.85 22.37 28.84
C PRO A 195 -10.63 21.56 28.42
N PHE A 196 -10.33 20.47 29.11
CA PHE A 196 -9.06 19.77 28.93
C PHE A 196 -9.20 18.26 28.82
N PHE A 197 -8.26 17.66 28.09
CA PHE A 197 -8.15 16.21 27.95
C PHE A 197 -6.76 15.76 28.41
N LEU A 198 -6.73 14.74 29.26
CA LEU A 198 -5.46 14.24 29.81
C LEU A 198 -5.39 12.73 29.67
N TYR A 199 -4.38 12.26 28.94
CA TYR A 199 -4.09 10.82 28.79
C TYR A 199 -2.89 10.52 29.71
N LEU A 200 -3.19 9.93 30.87
CA LEU A 200 -2.19 9.59 31.88
C LEU A 200 -1.85 8.13 31.74
N ALA A 201 -0.69 7.86 31.15
CA ALA A 201 -0.25 6.50 30.81
C ALA A 201 0.84 6.03 31.76
N TYR A 202 0.44 5.58 32.94
CA TYR A 202 1.38 5.00 33.91
C TYR A 202 2.03 3.79 33.27
N ASN A 203 3.32 3.59 33.54
CA ASN A 203 3.97 2.33 33.19
C ASN A 203 3.83 1.29 34.28
N ALA A 204 3.37 1.65 35.49
CA ALA A 204 3.15 0.67 36.56
C ALA A 204 1.86 -0.14 36.29
N PRO A 205 1.77 -1.42 36.65
CA PRO A 205 2.81 -2.19 37.35
C PRO A 205 3.64 -3.09 36.42
N HIS A 206 4.02 -2.55 35.27
CA HIS A 206 4.78 -3.27 34.24
C HIS A 206 6.21 -3.42 34.73
N THR A 207 6.86 -4.44 34.22
CA THR A 207 8.25 -4.72 34.55
C THR A 207 9.13 -3.52 34.14
N PRO A 208 10.30 -3.34 34.77
CA PRO A 208 10.84 -4.21 35.81
C PRO A 208 10.21 -3.94 37.17
N LEU A 209 10.10 -4.98 38.01
CA LEU A 209 9.44 -4.87 39.31
C LEU A 209 10.29 -4.06 40.28
N GLN A 210 9.97 -2.76 40.37
CA GLN A 210 10.71 -1.80 41.19
C GLN A 210 9.73 -0.92 41.95
N ALA A 211 9.81 -0.91 43.28
CA ALA A 211 8.90 -0.13 44.14
C ALA A 211 9.68 0.60 45.20
N LYS A 212 9.08 1.67 45.71
CA LYS A 212 9.63 2.39 46.88
C LYS A 212 9.49 1.53 48.15
N ASP A 213 10.51 1.54 49.00
CA ASP A 213 10.44 0.84 50.29
C ASP A 213 9.23 1.28 51.11
N GLU A 214 8.91 2.57 51.05
CA GLU A 214 7.78 3.14 51.79
C GLU A 214 6.43 2.51 51.38
N ASP A 215 6.27 2.21 50.09
CA ASP A 215 5.05 1.58 49.58
C ASP A 215 4.97 0.13 49.97
N MET A 216 6.07 -0.59 49.81
CA MET A 216 6.13 -2.01 50.17
C MET A 216 5.87 -2.25 51.66
N ALA A 217 6.26 -1.29 52.49
CA ALA A 217 6.03 -1.36 53.95
C ALA A 217 4.54 -1.42 54.33
N MET A 218 3.68 -0.91 53.45
CA MET A 218 2.23 -1.03 53.62
C MET A 218 1.62 -2.43 53.42
N PHE A 219 2.42 -3.38 52.94
CA PHE A 219 1.93 -4.74 52.69
C PHE A 219 2.82 -5.77 53.37
N PRO A 220 2.92 -5.68 54.71
CA PRO A 220 3.78 -6.60 55.43
C PRO A 220 3.27 -8.05 55.44
N ASN A 221 1.96 -8.25 55.23
CA ASN A 221 1.42 -9.60 55.20
C ASN A 221 1.63 -10.34 53.87
N ILE A 222 2.06 -9.64 52.83
CA ILE A 222 2.34 -10.28 51.55
C ILE A 222 3.75 -10.88 51.61
N LYS A 223 3.80 -12.20 51.78
CA LYS A 223 5.06 -12.93 52.00
C LYS A 223 5.89 -13.14 50.73
N ASN A 224 5.23 -13.34 49.59
CA ASN A 224 5.92 -13.46 48.28
C ASN A 224 6.62 -12.15 47.87
N LYS A 225 7.92 -12.22 47.53
CA LYS A 225 8.72 -11.00 47.25
C LYS A 225 8.21 -10.21 46.04
N ASP A 226 7.97 -10.92 44.93
CA ASP A 226 7.49 -10.26 43.69
C ASP A 226 6.11 -9.64 43.86
N ARG A 227 5.22 -10.33 44.56
CA ARG A 227 3.86 -9.82 44.78
C ARG A 227 3.87 -8.57 45.66
N LYS A 228 4.75 -8.56 46.66
CA LYS A 228 4.87 -7.41 47.56
C LYS A 228 5.36 -6.20 46.78
N THR A 229 6.38 -6.39 45.95
CA THR A 229 6.90 -5.31 45.10
C THR A 229 5.80 -4.81 44.18
N TYR A 230 5.19 -5.72 43.43
CA TYR A 230 4.03 -5.43 42.58
C TYR A 230 2.99 -4.60 43.34
N ALA A 231 2.64 -5.04 44.54
CA ALA A 231 1.64 -4.33 45.36
C ALA A 231 2.05 -2.88 45.61
N GLY A 232 3.31 -2.68 45.97
CA GLY A 232 3.84 -1.35 46.18
C GLY A 232 3.77 -0.48 44.94
N MET A 233 4.01 -1.08 43.78
CA MET A 233 3.93 -0.37 42.51
C MET A 233 2.51 0.13 42.29
N VAL A 234 1.53 -0.74 42.57
CA VAL A 234 0.12 -0.41 42.40
C VAL A 234 -0.35 0.65 43.42
N TYR A 235 0.11 0.54 44.66
CA TYR A 235 -0.20 1.56 45.68
C TYR A 235 0.34 2.92 45.29
N ALA A 236 1.53 2.95 44.68
CA ALA A 236 2.10 4.21 44.16
C ALA A 236 1.21 4.86 43.12
N VAL A 237 0.57 4.06 42.28
CA VAL A 237 -0.40 4.57 41.31
C VAL A 237 -1.57 5.18 42.08
N ASP A 238 -2.06 4.44 43.07
CA ASP A 238 -3.18 4.92 43.89
C ASP A 238 -2.90 6.25 44.56
N ARG A 239 -1.69 6.41 45.12
CA ARG A 239 -1.29 7.69 45.68
C ARG A 239 -1.39 8.81 44.64
N GLY A 240 -0.88 8.54 43.44
CA GLY A 240 -0.98 9.46 42.31
C GLY A 240 -2.40 9.85 41.95
N VAL A 241 -3.31 8.87 41.89
CA VAL A 241 -4.69 9.14 41.56
C VAL A 241 -5.30 10.05 42.64
N GLY A 242 -5.01 9.76 43.91
CA GLY A 242 -5.44 10.61 45.03
C GLY A 242 -4.90 12.03 44.97
N LYS A 243 -3.64 12.17 44.57
CA LYS A 243 -2.99 13.46 44.40
C LYS A 243 -3.60 14.26 43.25
N LEU A 244 -3.90 13.58 42.14
CA LEU A 244 -4.62 14.20 41.03
C LEU A 244 -6.00 14.65 41.46
N VAL A 245 -6.74 13.75 42.11
CA VAL A 245 -8.09 14.02 42.59
C VAL A 245 -8.13 15.27 43.48
N GLU A 246 -7.16 15.42 44.40
CA GLU A 246 -7.08 16.62 45.25
C GLU A 246 -6.92 17.88 44.41
N ALA A 247 -5.97 17.87 43.48
CA ALA A 247 -5.74 19.01 42.60
C ALA A 247 -6.99 19.38 41.79
N LEU A 248 -7.74 18.37 41.35
CA LEU A 248 -9.00 18.59 40.65
C LEU A 248 -10.04 19.29 41.55
N LYS A 249 -10.17 18.82 42.79
CA LYS A 249 -11.06 19.44 43.79
C LYS A 249 -10.64 20.86 44.14
N LYS A 250 -9.34 21.04 44.40
CA LYS A 250 -8.74 22.36 44.64
C LYS A 250 -9.11 23.36 43.54
N ASN A 251 -9.16 22.91 42.28
CA ASN A 251 -9.44 23.79 41.14
C ASN A 251 -10.92 23.84 40.69
N ASN A 252 -11.83 23.27 41.46
CA ASN A 252 -13.24 23.08 41.04
C ASN A 252 -13.34 22.47 39.63
N GLN A 253 -12.48 21.49 39.36
CA GLN A 253 -12.51 20.70 38.14
C GLN A 253 -13.21 19.34 38.34
N TYR A 254 -13.11 18.79 39.55
CA TYR A 254 -13.60 17.45 39.89
C TYR A 254 -15.01 17.14 39.39
N ASP A 255 -15.90 18.10 39.57
CA ASP A 255 -17.32 17.87 39.31
C ASP A 255 -17.69 17.82 37.81
N ASN A 256 -16.97 18.55 36.96
CA ASN A 256 -17.22 18.46 35.51
C ASN A 256 -16.06 17.78 34.76
N THR A 257 -15.55 16.70 35.35
CA THR A 257 -14.51 15.90 34.75
C THR A 257 -14.90 14.42 34.77
N LEU A 258 -14.98 13.84 33.56
CA LEU A 258 -15.11 12.39 33.39
C LEU A 258 -13.74 11.77 33.54
N ILE A 259 -13.58 10.93 34.55
CA ILE A 259 -12.36 10.18 34.74
C ILE A 259 -12.63 8.74 34.37
N VAL A 260 -11.79 8.21 33.49
CA VAL A 260 -11.76 6.78 33.18
C VAL A 260 -10.45 6.22 33.72
N PHE A 261 -10.52 5.11 34.45
CA PHE A 261 -9.33 4.38 34.90
C PHE A 261 -9.46 2.96 34.38
N MET A 262 -8.39 2.45 33.77
CA MET A 262 -8.37 1.11 33.21
C MET A 262 -6.95 0.59 33.03
N SER A 263 -6.82 -0.66 32.57
CA SER A 263 -5.53 -1.25 32.16
C SER A 263 -5.45 -1.31 30.63
N ASP A 264 -4.22 -1.38 30.11
CA ASP A 264 -3.99 -1.55 28.67
C ASP A 264 -4.20 -3.00 28.21
N ASN A 265 -3.96 -3.94 29.13
CA ASN A 265 -4.14 -5.36 28.86
C ASN A 265 -4.23 -6.12 30.20
N GLY A 266 -4.35 -7.44 30.14
CA GLY A 266 -4.35 -8.29 31.34
C GLY A 266 -3.03 -8.36 32.06
N GLY A 267 -3.06 -8.84 33.31
CA GLY A 267 -1.87 -8.94 34.13
C GLY A 267 -1.02 -10.11 33.71
N LYS A 268 0.30 -10.00 33.90
CA LYS A 268 1.20 -11.11 33.60
C LYS A 268 1.50 -11.88 34.89
N LEU A 269 1.04 -13.12 34.96
CA LEU A 269 1.14 -13.90 36.20
C LEU A 269 2.59 -14.14 36.65
N SER A 270 3.53 -14.28 35.71
CA SER A 270 4.93 -14.47 36.07
C SER A 270 5.62 -13.20 36.64
N LYS A 271 4.99 -12.04 36.46
CA LYS A 271 5.52 -10.75 36.97
C LYS A 271 4.60 -10.09 37.99
N GLY A 272 4.09 -10.88 38.94
CA GLY A 272 3.42 -10.31 40.14
C GLY A 272 1.91 -10.18 40.14
N ALA A 273 1.29 -10.28 38.96
CA ALA A 273 -0.13 -9.96 38.81
C ALA A 273 -1.07 -11.11 39.20
N ASN A 274 -2.36 -10.75 39.37
CA ASN A 274 -3.48 -11.70 39.64
C ASN A 274 -4.70 -11.29 38.81
N ASN A 275 -5.21 -12.22 38.00
CA ASN A 275 -6.36 -11.98 37.13
C ASN A 275 -7.64 -12.72 37.57
N PHE A 276 -7.75 -13.07 38.86
CA PHE A 276 -8.90 -13.81 39.37
C PHE A 276 -10.22 -13.04 39.06
N PRO A 277 -11.26 -13.70 38.55
CA PRO A 277 -11.35 -15.16 38.34
C PRO A 277 -11.08 -15.60 36.89
N LEU A 278 -10.39 -14.76 36.12
CA LEU A 278 -10.19 -15.02 34.69
C LEU A 278 -9.07 -16.01 34.47
N LYS A 279 -9.15 -16.71 33.34
CA LYS A 279 -8.14 -17.69 32.98
C LYS A 279 -6.98 -17.00 32.27
N ALA A 280 -5.76 -17.50 32.50
CA ALA A 280 -4.56 -17.03 31.82
C ALA A 280 -4.30 -15.54 32.13
N GLY A 281 -3.58 -14.84 31.25
CA GLY A 281 -3.27 -13.43 31.49
C GLY A 281 -2.73 -12.74 30.24
N LYS A 282 -1.82 -11.80 30.44
CA LYS A 282 -1.33 -10.93 29.37
C LYS A 282 -1.10 -11.66 28.04
N GLY A 283 -1.59 -11.09 26.96
CA GLY A 283 -1.33 -11.63 25.61
C GLY A 283 -2.25 -12.73 25.12
N SER A 284 -3.08 -13.29 26.01
CA SER A 284 -3.95 -14.40 25.70
C SER A 284 -5.28 -13.90 25.17
N THR A 285 -5.93 -14.72 24.35
CA THR A 285 -7.31 -14.47 23.95
C THR A 285 -8.28 -15.14 24.92
N GLN A 286 -7.77 -15.81 25.95
CA GLN A 286 -8.60 -16.15 27.11
C GLN A 286 -9.00 -14.80 27.75
N GLU A 287 -10.05 -14.78 28.56
CA GLU A 287 -10.51 -13.53 29.18
C GLU A 287 -9.39 -12.78 29.91
N GLY A 288 -8.49 -13.51 30.55
CA GLY A 288 -7.41 -12.92 31.34
C GLY A 288 -6.54 -11.94 30.60
N GLY A 289 -6.39 -12.13 29.29
CA GLY A 289 -5.53 -11.29 28.46
C GLY A 289 -6.12 -9.97 27.97
N PHE A 290 -7.43 -9.87 27.79
CA PHE A 290 -8.01 -8.63 27.29
C PHE A 290 -9.28 -8.10 27.97
N ARG A 291 -9.70 -8.74 29.06
CA ARG A 291 -10.76 -8.21 29.93
C ARG A 291 -10.07 -7.54 31.10
N VAL A 292 -10.37 -6.26 31.31
CA VAL A 292 -9.61 -5.42 32.24
C VAL A 292 -10.52 -4.67 33.20
N PRO A 293 -9.98 -4.20 34.33
CA PRO A 293 -10.78 -3.36 35.20
C PRO A 293 -11.05 -2.01 34.55
N MET A 294 -12.20 -1.43 34.83
CA MET A 294 -12.48 -0.08 34.35
C MET A 294 -13.53 0.56 35.21
N LEU A 295 -13.39 1.87 35.42
CA LEU A 295 -14.43 2.67 36.06
C LEU A 295 -14.59 3.99 35.35
N PHE A 296 -15.81 4.51 35.34
CA PHE A 296 -16.11 5.89 34.97
C PHE A 296 -16.47 6.64 36.26
N HIS A 297 -16.10 7.93 36.31
CA HIS A 297 -16.47 8.82 37.41
C HIS A 297 -16.73 10.22 36.87
N TRP A 298 -17.92 10.74 37.14
CA TRP A 298 -18.38 12.05 36.66
C TRP A 298 -19.65 12.41 37.45
N PRO A 299 -19.51 13.26 38.49
CA PRO A 299 -20.65 13.48 39.38
C PRO A 299 -21.87 14.08 38.70
N LYS A 300 -23.05 13.65 39.13
CA LYS A 300 -24.36 14.05 38.58
C LYS A 300 -24.57 13.64 37.11
N HIS A 301 -23.77 12.69 36.61
CA HIS A 301 -23.80 12.24 35.21
C HIS A 301 -23.63 10.72 35.13
N VAL A 302 -22.49 10.23 35.62
CA VAL A 302 -22.27 8.80 35.82
C VAL A 302 -22.91 8.39 37.15
N PRO A 303 -23.83 7.39 37.14
CA PRO A 303 -24.43 6.92 38.39
C PRO A 303 -23.37 6.62 39.46
N ALA A 304 -23.68 6.95 40.70
CA ALA A 304 -22.80 6.68 41.84
C ALA A 304 -23.09 5.31 42.44
N GLY A 305 -22.04 4.48 42.56
CA GLY A 305 -22.12 3.19 43.25
C GLY A 305 -22.66 2.00 42.46
N LYS A 306 -22.67 2.10 41.14
CA LYS A 306 -23.21 1.04 40.29
C LYS A 306 -22.09 0.16 39.72
N ARG A 307 -22.47 -1.02 39.24
CA ARG A 307 -21.58 -1.90 38.49
C ARG A 307 -22.28 -2.33 37.20
N PHE A 308 -21.75 -1.87 36.08
CA PHE A 308 -22.34 -2.06 34.75
C PHE A 308 -21.88 -3.40 34.18
N SER A 309 -22.84 -4.29 33.90
CA SER A 309 -22.57 -5.71 33.61
C SER A 309 -22.61 -6.10 32.12
N HIS A 310 -22.84 -5.14 31.23
CA HIS A 310 -22.83 -5.41 29.79
C HIS A 310 -21.48 -5.06 29.17
N PRO A 311 -21.12 -5.72 28.04
CA PRO A 311 -19.83 -5.49 27.38
C PRO A 311 -19.55 -4.04 26.97
N VAL A 312 -18.30 -3.61 27.16
CA VAL A 312 -17.82 -2.33 26.68
C VAL A 312 -16.43 -2.52 26.11
N SER A 313 -16.15 -1.89 24.98
CA SER A 313 -14.84 -1.98 24.32
C SER A 313 -14.08 -0.68 24.51
N ALA A 314 -12.76 -0.78 24.64
CA ALA A 314 -11.87 0.40 24.61
C ALA A 314 -12.11 1.24 23.33
N LEU A 315 -12.49 0.57 22.25
CA LEU A 315 -12.88 1.23 20.99
C LEU A 315 -14.04 2.25 21.12
N ASP A 316 -14.90 2.05 22.13
CA ASP A 316 -16.04 2.91 22.38
C ASP A 316 -15.64 4.27 22.92
N LEU A 317 -14.50 4.34 23.59
CA LEU A 317 -14.04 5.58 24.21
C LEU A 317 -13.92 6.73 23.23
N TYR A 318 -13.39 6.46 22.04
CA TYR A 318 -13.24 7.50 21.01
C TYR A 318 -14.59 8.20 20.69
N PRO A 319 -15.57 7.49 20.08
CA PRO A 319 -16.83 8.16 19.76
C PRO A 319 -17.63 8.63 21.00
N THR A 320 -17.51 7.93 22.12
CA THR A 320 -18.13 8.34 23.37
C THR A 320 -17.58 9.68 23.89
N PHE A 321 -16.25 9.80 23.99
CA PHE A 321 -15.62 11.08 24.36
C PHE A 321 -16.03 12.19 23.36
N ALA A 322 -16.04 11.85 22.08
CA ALA A 322 -16.36 12.82 21.03
C ALA A 322 -17.78 13.35 21.17
N ALA A 323 -18.73 12.46 21.45
CA ALA A 323 -20.13 12.85 21.63
C ALA A 323 -20.31 13.75 22.86
N LEU A 324 -19.61 13.43 23.95
CA LEU A 324 -19.64 14.25 25.17
C LEU A 324 -18.99 15.62 24.99
N ALA A 325 -17.96 15.68 24.14
CA ALA A 325 -17.26 16.93 23.84
C ALA A 325 -17.98 17.76 22.77
N GLY A 326 -19.01 17.20 22.14
CA GLY A 326 -19.68 17.83 21.00
C GLY A 326 -18.81 17.93 19.75
N ALA A 327 -17.90 16.98 19.58
CA ALA A 327 -16.99 16.95 18.43
C ALA A 327 -17.55 16.03 17.34
N LYS A 328 -17.58 16.53 16.10
CA LYS A 328 -18.13 15.79 14.97
C LYS A 328 -17.16 14.66 14.56
N VAL A 329 -17.75 13.54 14.15
CA VAL A 329 -17.02 12.37 13.69
C VAL A 329 -17.45 12.08 12.25
N GLU A 330 -16.52 11.69 11.39
CA GLU A 330 -16.78 11.44 9.97
C GLU A 330 -16.88 9.94 9.66
N GLU A 331 -17.75 9.57 8.70
CA GLU A 331 -17.90 8.16 8.23
C GLU A 331 -16.59 7.59 7.64
N ASN A 332 -15.80 8.45 6.99
CA ASN A 332 -14.50 8.04 6.43
C ASN A 332 -13.42 7.67 7.46
N GLN A 333 -13.61 8.01 8.74
CA GLN A 333 -12.68 7.59 9.81
C GLN A 333 -12.78 6.09 10.17
N HIS A 334 -13.86 5.41 9.76
CA HIS A 334 -14.04 3.96 9.98
C HIS A 334 -13.88 3.53 11.44
N LEU A 335 -14.59 4.22 12.33
CA LEU A 335 -14.54 3.89 13.75
C LEU A 335 -15.18 2.54 13.96
N ASP A 336 -14.52 1.70 14.76
CA ASP A 336 -14.95 0.32 15.02
C ASP A 336 -15.71 0.18 16.34
N GLY A 337 -15.67 1.18 17.21
CA GLY A 337 -16.48 1.20 18.42
C GLY A 337 -17.84 1.86 18.23
N THR A 338 -18.55 2.08 19.33
CA THR A 338 -19.83 2.82 19.34
C THR A 338 -19.85 3.83 20.50
N ASN A 339 -20.55 4.95 20.31
CA ASN A 339 -20.88 5.86 21.41
C ASN A 339 -21.78 5.08 22.37
N MET A 340 -21.23 4.72 23.53
CA MET A 340 -21.92 3.82 24.47
C MET A 340 -22.81 4.54 25.50
N TRP A 341 -22.78 5.86 25.54
CA TRP A 341 -23.47 6.63 26.57
C TRP A 341 -24.99 6.44 26.59
N PRO A 342 -25.66 6.47 25.42
CA PRO A 342 -27.13 6.30 25.42
C PRO A 342 -27.57 4.95 26.00
N ALA A 343 -26.89 3.88 25.60
CA ALA A 343 -27.15 2.55 26.16
C ALA A 343 -26.71 2.45 27.63
N PHE A 344 -25.59 3.09 27.97
CA PHE A 344 -25.07 3.08 29.35
C PHE A 344 -26.08 3.66 30.35
N ILE A 345 -26.64 4.82 30.01
CA ILE A 345 -27.62 5.52 30.85
C ILE A 345 -28.94 4.73 31.03
N LYS A 346 -29.29 3.89 30.06
CA LYS A 346 -30.48 3.04 30.15
C LYS A 346 -30.14 1.62 30.67
N ASN A 347 -28.93 1.42 31.17
CA ASN A 347 -28.45 0.11 31.62
C ASN A 347 -28.67 -1.05 30.61
N GLU A 348 -28.48 -0.72 29.32
CA GLU A 348 -28.62 -1.68 28.20
C GLU A 348 -27.26 -2.03 27.61
N ASN A 349 -27.18 -3.15 26.90
CA ASN A 349 -25.96 -3.61 26.24
C ASN A 349 -25.62 -2.69 25.04
N PRO A 350 -24.52 -1.92 25.13
CA PRO A 350 -24.14 -1.10 23.97
C PRO A 350 -23.68 -1.90 22.75
N HIS A 351 -23.35 -3.19 22.93
CA HIS A 351 -23.00 -4.12 21.86
C HIS A 351 -24.01 -5.27 21.80
N LYS A 352 -25.29 -4.90 21.86
CA LYS A 352 -26.39 -5.85 21.76
C LYS A 352 -26.38 -6.52 20.38
N ASP A 353 -26.28 -7.84 20.38
CA ASP A 353 -26.20 -8.66 19.16
C ASP A 353 -25.05 -8.24 18.24
N GLU A 354 -23.95 -7.75 18.81
CA GLU A 354 -22.76 -7.33 18.05
C GLU A 354 -21.49 -7.85 18.72
N PRO A 355 -20.53 -8.34 17.92
CA PRO A 355 -19.35 -8.97 18.49
C PRO A 355 -18.29 -7.97 18.94
N ILE A 356 -17.50 -8.35 19.94
CA ILE A 356 -16.25 -7.70 20.28
C ILE A 356 -15.14 -8.71 20.06
N TYR A 357 -14.13 -8.32 19.28
CA TYR A 357 -13.12 -9.24 18.80
C TYR A 357 -11.79 -9.04 19.52
N ALA A 358 -11.00 -10.11 19.52
CA ALA A 358 -9.58 -10.05 19.82
C ALA A 358 -8.89 -11.04 18.92
N LEU A 359 -7.82 -10.59 18.27
CA LEU A 359 -7.05 -11.43 17.37
C LEU A 359 -5.58 -11.14 17.65
N ARG A 360 -4.84 -12.16 18.11
CA ARG A 360 -3.43 -12.00 18.46
C ARG A 360 -2.63 -13.06 17.75
N HIS A 361 -1.56 -12.63 17.08
CA HIS A 361 -0.80 -13.50 16.19
C HIS A 361 0.31 -14.21 16.96
N ARG A 362 0.62 -15.43 16.53
CA ARG A 362 1.69 -16.26 17.08
C ARG A 362 2.51 -16.83 15.92
N LYS A 363 3.42 -17.76 16.20
CA LYS A 363 4.32 -18.29 15.14
C LYS A 363 3.55 -19.21 14.18
N GLY A 364 3.17 -18.67 13.03
CA GLY A 364 2.49 -19.45 11.99
C GLY A 364 1.01 -19.72 12.18
N TYR A 365 0.41 -19.20 13.25
CA TYR A 365 -1.03 -19.27 13.48
C TYR A 365 -1.48 -18.07 14.32
N SER A 366 -2.78 -17.97 14.59
CA SER A 366 -3.33 -16.84 15.36
C SER A 366 -4.35 -17.36 16.36
N ASP A 367 -4.35 -16.79 17.56
CA ASP A 367 -5.41 -17.01 18.56
C ASP A 367 -6.45 -15.90 18.44
N ALA A 368 -7.69 -16.23 18.76
CA ALA A 368 -8.80 -15.33 18.53
C ALA A 368 -9.83 -15.40 19.65
N ALA A 369 -10.69 -14.40 19.70
CA ALA A 369 -11.77 -14.36 20.67
C ALA A 369 -12.93 -13.57 20.14
N ILE A 370 -14.14 -13.97 20.53
CA ILE A 370 -15.38 -13.26 20.16
C ILE A 370 -16.26 -13.17 21.38
N ARG A 371 -16.74 -11.96 21.69
CA ARG A 371 -17.66 -11.76 22.78
C ARG A 371 -18.92 -11.11 22.24
N MET A 372 -20.04 -11.82 22.35
CA MET A 372 -21.34 -11.28 21.96
C MET A 372 -22.43 -11.74 22.91
N ASN A 373 -23.13 -10.77 23.51
CA ASN A 373 -24.18 -11.05 24.50
C ASN A 373 -23.60 -11.99 25.58
N GLN A 374 -24.16 -13.18 25.80
CA GLN A 374 -23.66 -14.07 26.84
C GLN A 374 -22.52 -14.99 26.39
N TRP A 375 -22.13 -14.91 25.11
CA TRP A 375 -21.27 -15.93 24.51
C TRP A 375 -19.85 -15.46 24.38
N LYS A 376 -18.92 -16.37 24.57
CA LYS A 376 -17.50 -16.14 24.32
C LYS A 376 -17.01 -17.29 23.45
N ALA A 377 -16.63 -16.99 22.20
CA ALA A 377 -15.97 -17.95 21.32
C ALA A 377 -14.47 -17.81 21.53
N LEU A 378 -13.75 -18.93 21.44
CA LEU A 378 -12.32 -18.95 21.72
C LEU A 378 -11.54 -19.89 20.81
N LYS A 379 -10.56 -19.35 20.09
CA LYS A 379 -9.60 -20.14 19.33
C LYS A 379 -8.25 -19.89 19.98
N VAL A 380 -7.63 -20.96 20.48
CA VAL A 380 -6.38 -20.81 21.21
C VAL A 380 -5.48 -22.05 21.07
N ASN A 381 -4.16 -21.82 21.02
CA ASN A 381 -3.17 -22.90 21.05
C ASN A 381 -3.39 -23.95 19.95
N GLN A 382 -3.87 -23.51 18.79
CA GLN A 382 -4.18 -24.39 17.65
C GLN A 382 -5.27 -25.48 17.89
N GLN A 383 -6.09 -25.29 18.93
CA GLN A 383 -7.20 -26.20 19.22
C GLN A 383 -8.39 -25.85 18.35
N PRO A 384 -9.42 -26.71 18.32
CA PRO A 384 -10.66 -26.29 17.68
C PRO A 384 -11.36 -25.15 18.44
N TRP A 385 -12.23 -24.42 17.75
CA TRP A 385 -13.02 -23.37 18.38
C TRP A 385 -13.80 -23.96 19.55
N GLN A 386 -13.69 -23.32 20.72
CA GLN A 386 -14.50 -23.62 21.89
C GLN A 386 -15.53 -22.48 22.03
N LEU A 387 -16.59 -22.73 22.80
CA LEU A 387 -17.63 -21.74 23.09
C LEU A 387 -18.00 -21.81 24.58
N PHE A 388 -18.20 -20.64 25.19
CA PHE A 388 -18.52 -20.55 26.62
C PHE A 388 -19.71 -19.64 26.84
N ASN A 389 -20.61 -20.05 27.73
CA ASN A 389 -21.58 -19.11 28.30
C ASN A 389 -20.80 -18.35 29.35
N ILE A 390 -20.29 -17.19 28.96
CA ILE A 390 -19.33 -16.48 29.80
C ILE A 390 -19.99 -15.86 31.04
N GLU A 391 -21.29 -15.60 30.99
CA GLU A 391 -22.06 -15.15 32.16
C GLU A 391 -22.16 -16.21 33.26
N ASN A 392 -22.27 -17.48 32.90
CA ASN A 392 -22.27 -18.60 33.87
C ASN A 392 -20.89 -19.20 34.12
N ASP A 393 -19.91 -18.91 33.24
CA ASP A 393 -18.64 -19.63 33.21
C ASP A 393 -17.49 -18.67 32.91
N ILE A 394 -17.30 -17.68 33.78
CA ILE A 394 -16.29 -16.63 33.57
C ILE A 394 -14.83 -17.17 33.42
N SER A 395 -14.54 -18.31 34.06
CA SER A 395 -13.21 -18.95 33.98
C SER A 395 -12.96 -19.82 32.75
N GLU A 396 -13.98 -19.96 31.88
CA GLU A 396 -13.88 -20.71 30.63
C GLU A 396 -13.52 -22.18 30.86
N LYS A 397 -14.18 -22.81 31.82
CA LYS A 397 -13.98 -24.23 32.15
C LYS A 397 -14.88 -25.22 31.36
N HIS A 398 -16.00 -24.76 30.79
CA HIS A 398 -17.04 -25.65 30.22
C HIS A 398 -17.42 -25.28 28.79
N ASP A 399 -16.75 -25.94 27.85
CA ASP A 399 -16.96 -25.76 26.41
C ASP A 399 -18.31 -26.35 26.02
N VAL A 400 -19.22 -25.48 25.57
CA VAL A 400 -20.58 -25.90 25.17
C VAL A 400 -20.75 -25.79 23.66
N SER A 401 -19.66 -25.98 22.91
CA SER A 401 -19.72 -25.94 21.45
C SER A 401 -20.56 -27.09 20.89
N LYS A 402 -20.39 -28.31 21.40
CA LYS A 402 -21.14 -29.48 20.91
C LYS A 402 -22.66 -29.22 20.78
N SER A 403 -23.24 -28.50 21.75
CA SER A 403 -24.68 -28.20 21.73
C SER A 403 -25.08 -26.83 21.14
N ASN A 404 -24.16 -26.11 20.49
CA ASN A 404 -24.48 -24.85 19.77
C ASN A 404 -23.69 -24.75 18.46
N LYS A 405 -23.61 -25.84 17.69
CA LYS A 405 -22.76 -25.88 16.47
C LYS A 405 -23.05 -24.70 15.50
N ALA A 406 -24.35 -24.46 15.23
CA ALA A 406 -24.77 -23.42 14.30
C ALA A 406 -24.37 -22.01 14.75
N LEU A 407 -24.55 -21.72 16.03
CA LEU A 407 -24.20 -20.43 16.62
C LEU A 407 -22.70 -20.13 16.55
N LEU A 408 -21.89 -21.09 16.97
CA LEU A 408 -20.43 -20.95 16.94
C LEU A 408 -19.92 -20.75 15.52
N THR A 409 -20.39 -21.59 14.60
CA THR A 409 -20.04 -21.48 13.19
C THR A 409 -20.39 -20.09 12.66
N ASP A 410 -21.57 -19.60 13.04
CA ASP A 410 -22.00 -18.28 12.61
C ASP A 410 -21.06 -17.19 13.10
N MET A 411 -20.70 -17.22 14.37
CA MET A 411 -19.84 -16.20 14.97
C MET A 411 -18.50 -16.15 14.26
N VAL A 412 -17.91 -17.33 14.07
CA VAL A 412 -16.60 -17.45 13.42
C VAL A 412 -16.63 -16.91 11.99
N ARG A 413 -17.69 -17.23 11.25
CA ARG A 413 -17.86 -16.73 9.88
C ARG A 413 -18.00 -15.23 9.81
N GLU A 414 -18.67 -14.64 10.79
CA GLU A 414 -18.74 -13.19 10.90
C GLU A 414 -17.36 -12.61 11.18
N MET A 415 -16.56 -13.30 12.01
CA MET A 415 -15.17 -12.88 12.22
C MET A 415 -14.35 -13.02 10.93
N GLU A 416 -14.57 -14.11 10.20
CA GLU A 416 -13.93 -14.31 8.90
C GLU A 416 -14.28 -13.14 7.96
N LYS A 417 -15.55 -12.77 7.94
CA LYS A 417 -16.02 -11.62 7.14
C LYS A 417 -15.33 -10.31 7.54
N TRP A 418 -15.20 -10.12 8.86
CA TRP A 418 -14.56 -8.93 9.43
C TRP A 418 -13.05 -8.86 9.09
N SER A 419 -12.42 -10.02 8.93
CA SER A 419 -10.97 -10.11 8.71
C SER A 419 -10.45 -9.48 7.43
N TRP A 420 -11.31 -9.37 6.41
CA TRP A 420 -10.82 -9.06 5.07
C TRP A 420 -10.17 -7.70 4.86
N ASP A 421 -10.56 -6.70 5.63
CA ASP A 421 -9.93 -5.36 5.54
C ASP A 421 -8.83 -5.15 6.57
N ASN A 422 -8.39 -6.21 7.26
CA ASN A 422 -7.18 -6.15 8.11
C ASN A 422 -5.98 -5.93 7.18
N GLN A 423 -5.17 -4.91 7.46
CA GLN A 423 -3.95 -4.68 6.66
C GLN A 423 -2.82 -5.63 7.08
N GLN A 424 -1.94 -5.93 6.15
CA GLN A 424 -0.68 -6.58 6.45
C GLN A 424 0.06 -5.73 7.46
N PRO A 425 0.69 -6.32 8.49
CA PRO A 425 1.40 -5.52 9.49
C PRO A 425 2.49 -4.62 8.91
N SER A 426 2.48 -3.36 9.33
CA SER A 426 3.50 -2.41 8.91
C SER A 426 4.84 -2.60 9.64
N TRP A 427 4.84 -3.38 10.72
CA TRP A 427 6.06 -3.74 11.45
C TRP A 427 5.82 -4.94 12.35
N PHE A 428 6.89 -5.39 13.02
CA PHE A 428 6.86 -6.44 14.04
C PHE A 428 7.76 -6.05 15.23
N HIS A 429 7.62 -6.71 16.37
CA HIS A 429 8.39 -6.34 17.57
C HIS A 429 9.87 -6.78 17.51
N GLU A 430 10.18 -7.73 16.64
CA GLU A 430 11.54 -8.23 16.38
C GLU A 430 11.67 -8.51 14.88
N THR A 431 12.89 -8.46 14.38
CA THR A 431 13.17 -8.74 12.98
C THR A 431 12.72 -10.17 12.56
N THR A 432 13.04 -11.17 13.38
CA THR A 432 12.74 -12.57 13.04
C THR A 432 11.23 -12.85 12.99
N GLU A 433 10.46 -12.11 13.78
CA GLU A 433 9.00 -12.26 13.79
C GLU A 433 8.39 -11.92 12.42
N GLY A 434 8.91 -10.89 11.78
CA GLY A 434 8.49 -10.53 10.42
C GLY A 434 8.98 -11.52 9.38
N VAL A 435 10.18 -12.04 9.57
CA VAL A 435 10.70 -13.05 8.66
C VAL A 435 9.83 -14.31 8.73
N ASN A 436 9.52 -14.74 9.96
CA ASN A 436 8.64 -15.90 10.17
C ASN A 436 7.23 -15.65 9.65
N TRP A 437 6.71 -14.44 9.84
CA TRP A 437 5.44 -14.02 9.26
C TRP A 437 5.43 -14.25 7.73
N ARG A 438 6.46 -13.76 7.03
CA ARG A 438 6.53 -13.92 5.58
C ARG A 438 6.72 -15.39 5.19
N LEU A 439 7.65 -16.08 5.85
CA LEU A 439 7.85 -17.54 5.67
C LEU A 439 6.61 -18.40 5.83
N ASP A 440 5.76 -18.07 6.80
CA ASP A 440 4.57 -18.85 7.09
C ASP A 440 3.34 -18.43 6.29
N ALA A 441 3.50 -17.48 5.38
CA ALA A 441 2.42 -17.03 4.48
C ALA A 441 1.27 -16.42 5.25
N MET A 442 1.61 -15.77 6.37
CA MET A 442 0.62 -15.22 7.27
C MET A 442 -0.14 -14.06 6.62
N PRO A 443 -1.37 -13.79 7.05
CA PRO A 443 -2.08 -14.55 8.11
C PRO A 443 -2.59 -15.91 7.62
N ARG A 444 -2.47 -16.93 8.47
CA ARG A 444 -3.02 -18.25 8.17
C ARG A 444 -4.44 -18.33 8.67
N PHE A 445 -5.31 -17.53 8.06
CA PHE A 445 -6.71 -17.49 8.44
C PHE A 445 -7.50 -18.75 8.04
N ASP A 446 -6.94 -19.59 7.16
CA ASP A 446 -7.50 -20.93 6.88
C ASP A 446 -7.52 -21.82 8.11
N LYS A 447 -6.52 -21.69 8.97
CA LYS A 447 -6.51 -22.35 10.27
C LYS A 447 -7.41 -21.61 11.27
N THR A 448 -7.32 -20.29 11.26
CA THR A 448 -7.99 -19.46 12.24
C THR A 448 -9.52 -19.51 12.19
N PHE A 449 -10.08 -19.66 10.98
CA PHE A 449 -11.54 -19.67 10.80
C PHE A 449 -12.09 -21.00 10.22
N LYS A 450 -11.35 -22.11 10.34
CA LYS A 450 -11.90 -23.44 10.04
C LYS A 450 -12.92 -23.78 11.13
N THR A 451 -14.01 -24.45 10.73
CA THR A 451 -15.14 -24.76 11.60
C THR A 451 -15.39 -26.28 11.77
N THR A 452 -16.00 -26.63 12.91
CA THR A 452 -16.40 -28.00 13.25
C THR A 452 -17.83 -28.30 12.78
N GLN B 1 -30.00 16.76 -28.24
CA GLN B 1 -29.91 16.17 -26.86
C GLN B 1 -28.92 14.99 -26.83
N LYS B 2 -28.21 14.83 -25.72
CA LYS B 2 -27.29 13.69 -25.49
C LYS B 2 -28.12 12.41 -25.21
N PRO B 3 -27.63 11.23 -25.65
CA PRO B 3 -28.47 10.02 -25.63
C PRO B 3 -28.60 9.35 -24.26
N ASN B 4 -29.73 8.67 -24.06
CA ASN B 4 -29.88 7.79 -22.90
C ASN B 4 -29.06 6.54 -23.21
N ILE B 5 -28.53 5.90 -22.17
CA ILE B 5 -27.69 4.71 -22.32
C ILE B 5 -28.18 3.62 -21.38
N ILE B 6 -28.43 2.43 -21.93
CA ILE B 6 -28.79 1.27 -21.13
C ILE B 6 -27.75 0.19 -21.39
N LEU B 7 -27.16 -0.31 -20.31
CA LEU B 7 -26.20 -1.40 -20.36
C LEU B 7 -26.87 -2.59 -19.73
N ILE B 8 -27.20 -3.61 -20.53
CA ILE B 8 -27.83 -4.82 -20.05
C ILE B 8 -26.81 -5.93 -20.02
N VAL B 9 -26.67 -6.57 -18.87
CA VAL B 9 -25.65 -7.60 -18.67
C VAL B 9 -26.25 -8.87 -18.06
N ALA B 10 -26.28 -9.91 -18.89
CA ALA B 10 -26.61 -11.26 -18.44
C ALA B 10 -25.41 -11.86 -17.74
N ASP B 11 -25.68 -12.86 -16.90
CA ASP B 11 -24.67 -13.46 -16.02
C ASP B 11 -24.52 -14.91 -16.48
N ASP B 12 -23.31 -15.29 -16.89
CA ASP B 12 -23.00 -16.65 -17.41
C ASP B 12 -23.74 -17.02 -18.71
N LEU B 13 -24.08 -16.04 -19.54
CA LEU B 13 -24.75 -16.33 -20.82
C LEU B 13 -23.74 -16.90 -21.82
N GLY B 14 -24.06 -18.08 -22.34
CA GLY B 14 -23.20 -18.74 -23.32
C GLY B 14 -23.16 -18.02 -24.65
N TYR B 15 -22.07 -18.20 -25.38
CA TYR B 15 -21.86 -17.54 -26.69
C TYR B 15 -22.97 -17.86 -27.69
N ALA B 16 -23.46 -19.09 -27.69
CA ALA B 16 -24.48 -19.56 -28.64
C ALA B 16 -25.88 -19.69 -28.04
N ASP B 17 -26.23 -18.84 -27.07
CA ASP B 17 -27.49 -18.99 -26.34
C ASP B 17 -28.47 -17.83 -26.54
N VAL B 18 -28.21 -17.02 -27.55
CA VAL B 18 -29.20 -16.07 -28.07
C VAL B 18 -29.28 -16.24 -29.60
N GLY B 19 -30.46 -15.97 -30.17
CA GLY B 19 -30.71 -16.21 -31.59
C GLY B 19 -29.71 -15.54 -32.50
N PHE B 20 -29.42 -14.28 -32.24
CA PHE B 20 -28.53 -13.48 -33.10
C PHE B 20 -27.06 -13.89 -33.07
N ASN B 21 -26.66 -14.73 -32.12
CA ASN B 21 -25.28 -15.23 -32.04
C ASN B 21 -25.21 -16.75 -32.28
N GLY B 22 -26.24 -17.29 -32.97
CA GLY B 22 -26.20 -18.64 -33.55
C GLY B 22 -26.96 -19.75 -32.84
N SER B 23 -27.84 -19.40 -31.92
CA SER B 23 -28.56 -20.41 -31.14
C SER B 23 -29.53 -21.15 -32.02
N LYS B 24 -29.35 -22.47 -32.11
CA LYS B 24 -30.26 -23.32 -32.86
C LYS B 24 -31.51 -23.74 -32.02
N ASP B 25 -31.45 -23.64 -30.69
CA ASP B 25 -32.50 -24.19 -29.80
C ASP B 25 -33.20 -23.19 -28.88
N ILE B 26 -32.46 -22.26 -28.27
CA ILE B 26 -33.05 -21.22 -27.43
C ILE B 26 -33.54 -20.09 -28.34
N ILE B 27 -34.71 -19.54 -28.06
CA ILE B 27 -35.34 -18.57 -28.95
C ILE B 27 -35.52 -17.26 -28.20
N THR B 28 -34.96 -16.18 -28.76
CA THR B 28 -34.87 -14.88 -28.11
C THR B 28 -35.26 -13.77 -29.10
N PRO B 29 -36.56 -13.67 -29.41
CA PRO B 29 -37.02 -12.75 -30.45
C PRO B 29 -36.88 -11.26 -30.13
N ASN B 30 -37.15 -10.85 -28.90
CA ASN B 30 -37.04 -9.42 -28.52
C ASN B 30 -35.61 -8.89 -28.50
N ILE B 31 -34.69 -9.72 -28.02
CA ILE B 31 -33.24 -9.46 -28.10
C ILE B 31 -32.77 -9.50 -29.57
N ASP B 32 -33.23 -10.50 -30.31
CA ASP B 32 -32.95 -10.58 -31.76
C ASP B 32 -33.46 -9.35 -32.54
N ASP B 33 -34.60 -8.75 -32.13
CA ASP B 33 -35.10 -7.52 -32.78
C ASP B 33 -34.09 -6.39 -32.70
N LEU B 34 -33.51 -6.23 -31.51
CA LEU B 34 -32.49 -5.21 -31.29
C LEU B 34 -31.27 -5.49 -32.16
N ALA B 35 -30.89 -6.75 -32.28
CA ALA B 35 -29.82 -7.13 -33.20
C ALA B 35 -30.18 -6.80 -34.63
N LYS B 36 -31.35 -7.25 -35.10
CA LYS B 36 -31.77 -7.09 -36.51
C LYS B 36 -31.78 -5.62 -36.94
N SER B 37 -32.22 -4.73 -36.05
CA SER B 37 -32.25 -3.29 -36.32
C SER B 37 -31.10 -2.55 -35.62
N GLY B 38 -29.98 -3.25 -35.44
CA GLY B 38 -28.77 -2.67 -34.84
C GLY B 38 -27.55 -3.45 -35.29
N THR B 39 -26.46 -3.35 -34.54
CA THR B 39 -25.21 -4.04 -34.88
C THR B 39 -24.79 -4.96 -33.76
N SER B 40 -24.50 -6.22 -34.09
CA SER B 40 -23.95 -7.21 -33.16
C SER B 40 -22.44 -7.29 -33.36
N PHE B 41 -21.74 -7.89 -32.40
CA PHE B 41 -20.28 -7.93 -32.38
C PHE B 41 -19.76 -9.36 -32.30
N SER B 42 -19.06 -9.79 -33.34
CA SER B 42 -18.55 -11.14 -33.41
C SER B 42 -17.23 -11.32 -32.66
N ASP B 43 -16.58 -10.22 -32.28
CA ASP B 43 -15.30 -10.27 -31.58
C ASP B 43 -15.33 -9.35 -30.36
N ALA B 44 -16.25 -9.63 -29.45
CA ALA B 44 -16.45 -8.79 -28.26
C ALA B 44 -15.95 -9.49 -27.01
N TYR B 45 -15.06 -8.82 -26.26
CA TYR B 45 -14.35 -9.43 -25.13
C TYR B 45 -14.55 -8.68 -23.81
N VAL B 46 -14.92 -9.40 -22.76
CA VAL B 46 -14.89 -8.84 -21.41
C VAL B 46 -13.46 -8.89 -20.88
N ALA B 47 -13.20 -8.13 -19.82
CA ALA B 47 -11.83 -7.95 -19.30
C ALA B 47 -11.31 -9.11 -18.44
N HIS B 48 -12.20 -10.03 -18.06
CA HIS B 48 -11.82 -11.16 -17.22
C HIS B 48 -12.88 -12.26 -17.35
N PRO B 49 -12.47 -13.54 -17.33
CA PRO B 49 -13.44 -14.57 -17.66
C PRO B 49 -14.41 -14.98 -16.57
N PHE B 50 -14.59 -14.16 -15.54
CA PHE B 50 -15.71 -14.33 -14.60
C PHE B 50 -16.12 -13.01 -13.94
N SER B 51 -17.18 -13.08 -13.14
CA SER B 51 -18.07 -11.96 -12.79
C SER B 51 -17.46 -10.70 -12.19
N GLY B 52 -16.99 -10.81 -10.94
CA GLY B 52 -16.58 -9.67 -10.12
C GLY B 52 -15.62 -8.78 -10.85
N PRO B 53 -14.45 -9.33 -11.24
CA PRO B 53 -13.45 -8.59 -11.99
C PRO B 53 -13.98 -8.02 -13.33
N SER B 54 -14.80 -8.78 -14.05
CA SER B 54 -15.36 -8.30 -15.32
C SER B 54 -16.25 -7.09 -15.11
N ARG B 55 -17.05 -7.13 -14.06
CA ARG B 55 -17.97 -6.04 -13.71
C ARG B 55 -17.22 -4.83 -13.18
N ALA B 56 -16.28 -5.06 -12.29
CA ALA B 56 -15.34 -4.00 -11.88
C ALA B 56 -14.76 -3.27 -13.08
N ALA B 57 -14.36 -4.03 -14.10
CA ALA B 57 -13.77 -3.46 -15.33
C ALA B 57 -14.75 -2.65 -16.16
N LEU B 58 -16.00 -3.12 -16.24
CA LEU B 58 -17.04 -2.38 -16.94
C LEU B 58 -17.22 -0.98 -16.37
N MET B 59 -17.34 -0.93 -15.05
CA MET B 59 -17.66 0.31 -14.35
C MET B 59 -16.48 1.26 -14.27
N THR B 60 -15.27 0.73 -14.12
CA THR B 60 -14.09 1.57 -13.90
C THR B 60 -13.35 1.92 -15.19
N GLY B 61 -13.51 1.09 -16.21
CA GLY B 61 -12.80 1.25 -17.47
C GLY B 61 -11.34 0.80 -17.40
N ARG B 62 -11.01 0.03 -16.36
CA ARG B 62 -9.64 -0.42 -16.10
C ARG B 62 -9.63 -1.93 -15.92
N TYR B 63 -8.54 -2.58 -16.35
CA TYR B 63 -8.36 -4.00 -16.06
C TYR B 63 -8.40 -4.18 -14.55
N PRO B 64 -9.18 -5.18 -14.08
CA PRO B 64 -9.34 -5.37 -12.64
C PRO B 64 -8.00 -5.55 -11.91
N HIS B 65 -6.99 -6.10 -12.59
CA HIS B 65 -5.67 -6.33 -12.01
C HIS B 65 -5.01 -5.03 -11.52
N LYS B 66 -5.26 -3.93 -12.25
CA LYS B 66 -4.67 -2.63 -11.91
C LYS B 66 -5.19 -2.07 -10.58
N ILE B 67 -6.37 -2.54 -10.15
CA ILE B 67 -7.06 -2.00 -8.96
C ILE B 67 -7.31 -3.07 -7.88
N GLY B 68 -6.54 -4.15 -7.91
CA GLY B 68 -6.58 -5.18 -6.87
C GLY B 68 -7.85 -6.02 -6.83
N SER B 69 -8.58 -6.07 -7.94
CA SER B 69 -9.90 -6.69 -8.03
C SER B 69 -9.92 -7.91 -8.97
N GLN B 70 -8.81 -8.66 -8.99
CA GLN B 70 -8.65 -9.82 -9.88
C GLN B 70 -9.49 -11.01 -9.49
N PHE B 71 -10.11 -10.97 -8.32
CA PHE B 71 -10.90 -12.09 -7.84
C PHE B 71 -12.31 -11.64 -7.44
N ASN B 72 -13.23 -12.61 -7.40
CA ASN B 72 -14.57 -12.39 -6.86
C ASN B 72 -14.43 -12.10 -5.39
N LEU B 73 -15.35 -11.30 -4.85
CA LEU B 73 -15.35 -11.00 -3.40
C LEU B 73 -15.64 -12.27 -2.62
N PRO B 74 -15.22 -12.31 -1.35
CA PRO B 74 -15.52 -13.45 -0.48
C PRO B 74 -16.99 -13.86 -0.53
N THR B 75 -17.22 -15.16 -0.77
CA THR B 75 -18.56 -15.72 -0.94
C THR B 75 -19.44 -15.55 0.29
N ARG B 76 -18.82 -15.58 1.47
CA ARG B 76 -19.58 -15.55 2.73
C ARG B 76 -19.61 -14.13 3.33
N GLY B 77 -19.23 -13.13 2.54
CA GLY B 77 -19.33 -11.73 2.95
C GLY B 77 -18.00 -11.12 3.34
N SER B 78 -17.95 -9.79 3.26
CA SER B 78 -16.73 -9.02 3.52
C SER B 78 -17.01 -7.55 3.62
N ASN B 79 -16.01 -6.81 4.07
CA ASN B 79 -16.12 -5.35 4.22
C ASN B 79 -15.09 -4.67 3.32
N VAL B 80 -14.87 -5.24 2.13
CA VAL B 80 -13.98 -4.66 1.10
C VAL B 80 -14.71 -4.63 -0.24
N GLY B 81 -14.13 -3.94 -1.22
CA GLY B 81 -14.73 -3.83 -2.54
C GLY B 81 -13.90 -3.07 -3.57
N VAL B 82 -14.48 -2.91 -4.76
CA VAL B 82 -13.82 -2.23 -5.86
C VAL B 82 -13.42 -0.85 -5.33
N PRO B 83 -12.14 -0.47 -5.48
CA PRO B 83 -11.70 0.74 -4.77
C PRO B 83 -12.48 2.01 -5.14
N THR B 84 -12.65 2.90 -4.18
CA THR B 84 -13.50 4.08 -4.34
C THR B 84 -12.81 5.20 -5.11
N ASP B 85 -11.49 5.13 -5.28
CA ASP B 85 -10.76 6.16 -6.03
C ASP B 85 -10.79 5.97 -7.56
N ALA B 86 -11.29 4.82 -8.03
CA ALA B 86 -11.58 4.63 -9.46
C ALA B 86 -13.04 5.03 -9.70
N LYS B 87 -13.24 6.21 -10.30
CA LYS B 87 -14.57 6.75 -10.55
C LYS B 87 -15.35 5.85 -11.50
N PHE B 88 -16.52 5.41 -11.05
CA PHE B 88 -17.43 4.58 -11.88
C PHE B 88 -18.04 5.43 -13.00
N ILE B 89 -18.33 4.78 -14.12
CA ILE B 89 -19.00 5.44 -15.25
C ILE B 89 -20.34 6.05 -14.85
N SER B 90 -21.05 5.41 -13.93
CA SER B 90 -22.29 5.94 -13.39
C SER B 90 -22.07 7.27 -12.69
N LYS B 91 -21.01 7.34 -11.88
CA LYS B 91 -20.64 8.60 -11.18
C LYS B 91 -20.35 9.71 -12.18
N LEU B 92 -19.57 9.40 -13.22
CA LEU B 92 -19.19 10.41 -14.23
C LEU B 92 -20.44 10.93 -14.92
N LEU B 93 -21.29 10.01 -15.36
CA LEU B 93 -22.53 10.37 -16.03
C LEU B 93 -23.46 11.20 -15.12
N ASN B 94 -23.59 10.78 -13.85
CA ASN B 94 -24.38 11.54 -12.86
C ASN B 94 -23.85 12.97 -12.73
N GLU B 95 -22.52 13.13 -12.73
CA GLU B 95 -21.88 14.44 -12.68
C GLU B 95 -22.09 15.28 -13.94
N ASN B 96 -22.34 14.63 -15.08
CA ASN B 96 -22.74 15.33 -16.31
C ASN B 96 -24.24 15.22 -16.56
N ASN B 97 -25.03 15.30 -15.49
CA ASN B 97 -26.46 15.54 -15.55
C ASN B 97 -27.33 14.33 -15.96
N TYR B 98 -26.83 13.11 -15.75
CA TYR B 98 -27.63 11.89 -16.02
C TYR B 98 -28.37 11.40 -14.78
N PHE B 99 -29.61 10.94 -14.99
CA PHE B 99 -30.36 10.22 -13.97
C PHE B 99 -29.86 8.77 -14.04
N THR B 100 -29.34 8.27 -12.92
CA THR B 100 -28.65 6.98 -12.91
C THR B 100 -29.41 5.91 -12.14
N GLY B 101 -29.43 4.70 -12.69
CA GLY B 101 -30.07 3.56 -12.04
C GLY B 101 -29.28 2.27 -12.22
N ALA B 102 -29.22 1.46 -11.17
CA ALA B 102 -28.62 0.14 -11.23
C ALA B 102 -29.62 -0.88 -10.73
N LEU B 103 -29.75 -2.00 -11.43
CA LEU B 103 -30.71 -3.02 -11.09
C LEU B 103 -30.07 -4.38 -11.05
N GLY B 104 -30.44 -5.18 -10.06
CA GLY B 104 -30.04 -6.58 -10.01
C GLY B 104 -28.72 -6.83 -9.31
N LYS B 105 -27.84 -7.56 -9.97
CA LYS B 105 -26.58 -8.01 -9.40
C LYS B 105 -25.57 -6.87 -9.33
N TRP B 106 -24.87 -6.80 -8.21
CA TRP B 106 -23.82 -5.82 -7.98
C TRP B 106 -22.45 -6.52 -8.03
N HIS B 107 -22.14 -7.30 -6.99
CA HIS B 107 -20.89 -8.09 -6.86
C HIS B 107 -19.60 -7.26 -6.81
N MET B 108 -19.72 -6.02 -6.33
CA MET B 108 -18.61 -5.06 -6.27
C MET B 108 -18.44 -4.36 -4.91
N GLY B 109 -19.10 -4.86 -3.85
CA GLY B 109 -18.88 -4.40 -2.46
C GLY B 109 -20.15 -4.12 -1.67
N ASP B 110 -20.29 -4.79 -0.50
CA ASP B 110 -21.47 -4.65 0.39
C ASP B 110 -21.45 -3.39 1.29
N THR B 111 -20.30 -2.79 1.55
CA THR B 111 -20.18 -1.71 2.58
C THR B 111 -20.78 -0.37 2.09
N PRO B 112 -21.06 0.57 3.01
CA PRO B 112 -21.69 1.85 2.60
C PRO B 112 -20.95 2.63 1.51
N GLN B 113 -19.61 2.72 1.62
CA GLN B 113 -18.79 3.46 0.64
C GLN B 113 -18.69 2.76 -0.73
N HIS B 114 -18.87 1.44 -0.76
CA HIS B 114 -18.88 0.62 -1.99
C HIS B 114 -20.29 0.37 -2.56
N HIS B 115 -21.32 0.87 -1.86
CA HIS B 115 -22.73 0.66 -2.24
C HIS B 115 -23.05 1.42 -3.54
N PRO B 116 -23.98 0.87 -4.37
CA PRO B 116 -24.38 1.56 -5.61
C PRO B 116 -24.72 3.05 -5.44
N ASN B 117 -25.45 3.40 -4.38
CA ASN B 117 -25.84 4.80 -4.11
C ASN B 117 -24.68 5.77 -3.85
N LYS B 118 -23.50 5.25 -3.51
CA LYS B 118 -22.26 6.06 -3.41
C LYS B 118 -21.33 5.90 -4.62
N ARG B 119 -21.59 4.93 -5.50
CA ARG B 119 -20.91 4.85 -6.80
C ARG B 119 -21.73 5.49 -7.93
N GLY B 120 -22.47 6.54 -7.62
CA GLY B 120 -23.09 7.37 -8.63
C GLY B 120 -24.39 6.86 -9.22
N PHE B 121 -25.09 6.00 -8.49
CA PHE B 121 -26.41 5.50 -8.90
C PHE B 121 -27.52 6.11 -8.04
N ASP B 122 -28.37 6.93 -8.65
CA ASP B 122 -29.48 7.57 -7.93
C ASP B 122 -30.44 6.50 -7.39
N GLU B 123 -30.86 5.58 -8.26
CA GLU B 123 -31.74 4.45 -7.91
C GLU B 123 -30.99 3.11 -7.97
N TYR B 124 -31.23 2.24 -6.99
CA TYR B 124 -30.76 0.85 -7.04
C TYR B 124 -31.81 -0.09 -6.47
N TYR B 125 -32.08 -1.18 -7.20
CA TYR B 125 -33.00 -2.24 -6.76
C TYR B 125 -32.33 -3.55 -7.12
N GLY B 126 -32.01 -4.37 -6.11
CA GLY B 126 -31.37 -5.65 -6.36
C GLY B 126 -30.77 -6.32 -5.15
N PHE B 127 -29.74 -7.13 -5.39
CA PHE B 127 -29.03 -7.91 -4.37
C PHE B 127 -27.54 -7.67 -4.59
N LEU B 128 -26.80 -7.49 -3.50
CA LEU B 128 -25.45 -6.93 -3.56
C LEU B 128 -24.35 -7.95 -3.90
N GLY B 129 -24.59 -9.23 -3.67
CA GLY B 129 -23.55 -10.27 -3.83
C GLY B 129 -23.53 -10.96 -5.18
N GLY B 130 -23.11 -12.22 -5.20
CA GLY B 130 -22.77 -12.92 -6.47
C GLY B 130 -23.91 -13.51 -7.29
N GLY B 131 -25.07 -13.66 -6.67
CA GLY B 131 -26.25 -14.16 -7.37
C GLY B 131 -27.41 -14.27 -6.40
N HIS B 132 -28.49 -14.91 -6.83
CA HIS B 132 -29.68 -15.02 -5.97
C HIS B 132 -30.60 -16.14 -6.39
N ASN B 133 -31.29 -16.71 -5.40
CA ASN B 133 -32.39 -17.64 -5.69
C ASN B 133 -33.48 -16.85 -6.41
N TYR B 134 -34.17 -17.52 -7.31
CA TYR B 134 -35.07 -16.84 -8.25
C TYR B 134 -36.52 -16.73 -7.78
N PHE B 135 -36.95 -17.60 -6.85
CA PHE B 135 -38.35 -17.65 -6.41
C PHE B 135 -38.53 -17.18 -4.96
N PRO B 136 -39.17 -16.02 -4.74
CA PRO B 136 -39.45 -15.56 -3.39
C PRO B 136 -40.22 -16.54 -2.51
N ASP B 137 -41.12 -17.33 -3.11
CA ASP B 137 -41.83 -18.37 -2.37
C ASP B 137 -40.91 -19.47 -1.80
N GLN B 138 -39.78 -19.72 -2.47
CA GLN B 138 -38.72 -20.64 -1.93
C GLN B 138 -37.78 -19.95 -0.93
N TYR B 139 -37.24 -18.79 -1.31
CA TYR B 139 -36.13 -18.19 -0.56
C TYR B 139 -36.54 -17.42 0.72
N GLN B 140 -37.70 -16.78 0.72
CA GLN B 140 -38.12 -15.97 1.88
C GLN B 140 -38.45 -16.80 3.14
N PRO B 141 -39.03 -18.00 2.99
CA PRO B 141 -39.20 -18.87 4.17
C PRO B 141 -37.89 -19.33 4.81
N GLN B 142 -36.91 -19.71 3.99
CA GLN B 142 -35.59 -20.10 4.49
C GLN B 142 -34.88 -18.97 5.26
N TYR B 143 -34.91 -17.75 4.71
CA TYR B 143 -34.29 -16.59 5.34
C TYR B 143 -34.95 -16.27 6.68
N LYS B 144 -36.28 -16.27 6.69
CA LYS B 144 -37.08 -16.05 7.91
C LYS B 144 -36.75 -17.10 9.00
N LYS B 145 -36.65 -18.38 8.62
CA LYS B 145 -36.29 -19.45 9.55
C LYS B 145 -34.90 -19.20 10.17
N GLN B 146 -33.94 -18.78 9.35
CA GLN B 146 -32.56 -18.55 9.82
C GLN B 146 -32.39 -17.25 10.61
N LYS B 147 -33.11 -16.20 10.24
CA LYS B 147 -33.01 -14.95 10.99
C LYS B 147 -33.60 -15.09 12.37
N ALA B 148 -34.69 -15.86 12.48
CA ALA B 148 -35.30 -16.14 13.78
C ALA B 148 -34.42 -17.02 14.69
N GLN B 149 -33.59 -17.89 14.11
CA GLN B 149 -32.58 -18.63 14.90
C GLN B 149 -31.47 -17.72 15.46
N GLY B 150 -31.34 -16.50 14.95
CA GLY B 150 -30.37 -15.53 15.44
C GLY B 150 -29.08 -15.46 14.61
N LEU B 151 -29.05 -16.17 13.48
CA LEU B 151 -27.87 -16.23 12.64
C LEU B 151 -27.68 -14.92 11.88
N LYS B 152 -26.44 -14.46 11.84
CA LYS B 152 -26.05 -13.22 11.17
C LYS B 152 -25.37 -13.46 9.81
N ASN B 153 -24.70 -14.61 9.65
CA ASN B 153 -24.01 -14.95 8.40
C ASN B 153 -24.85 -15.88 7.54
N ILE B 154 -25.77 -15.28 6.80
CA ILE B 154 -26.72 -16.01 5.99
C ILE B 154 -26.27 -15.95 4.54
N PHE B 155 -26.30 -17.10 3.88
CA PHE B 155 -25.99 -17.26 2.46
C PHE B 155 -26.72 -16.18 1.66
N GLU B 156 -25.98 -15.36 0.90
CA GLU B 156 -26.56 -14.15 0.34
C GLU B 156 -27.65 -14.41 -0.72
N TYR B 157 -27.68 -15.63 -1.28
CA TYR B 157 -28.68 -15.99 -2.30
C TYR B 157 -30.13 -16.02 -1.81
N ILE B 158 -30.33 -16.09 -0.48
CA ILE B 158 -31.68 -16.08 0.10
C ILE B 158 -32.04 -14.80 0.88
N THR B 159 -31.12 -13.86 1.01
CA THR B 159 -31.39 -12.61 1.73
C THR B 159 -32.33 -11.73 0.94
N PRO B 160 -33.02 -10.79 1.63
CA PRO B 160 -33.93 -9.89 0.94
C PRO B 160 -33.24 -9.04 -0.10
N LEU B 161 -33.98 -8.67 -1.14
CA LEU B 161 -33.55 -7.58 -2.02
C LEU B 161 -33.73 -6.25 -1.30
N GLU B 162 -33.14 -5.20 -1.85
CA GLU B 162 -33.26 -3.85 -1.30
C GLU B 162 -33.55 -2.83 -2.38
N HIS B 163 -34.10 -1.69 -1.96
CA HIS B 163 -34.29 -0.52 -2.81
C HIS B 163 -33.64 0.65 -2.09
N ASN B 164 -32.71 1.31 -2.75
CA ASN B 164 -31.92 2.40 -2.16
C ASN B 164 -31.67 2.23 -0.66
N GLY B 165 -31.15 1.08 -0.27
CA GLY B 165 -30.77 0.81 1.10
C GLY B 165 -31.79 0.16 2.01
N LYS B 166 -33.10 0.32 1.73
CA LYS B 166 -34.16 -0.29 2.55
C LYS B 166 -34.56 -1.64 1.98
N GLU B 167 -34.73 -2.64 2.83
CA GLU B 167 -35.11 -4.00 2.41
C GLU B 167 -36.53 -4.05 1.86
N VAL B 168 -36.78 -4.99 0.96
CA VAL B 168 -38.11 -5.21 0.40
C VAL B 168 -38.51 -6.69 0.42
N LYS B 169 -39.80 -6.94 0.19
CA LYS B 169 -40.37 -8.28 0.11
C LYS B 169 -40.85 -8.49 -1.32
N GLU B 170 -39.95 -9.05 -2.12
CA GLU B 170 -40.21 -9.22 -3.55
C GLU B 170 -41.25 -10.32 -3.76
N THR B 171 -42.15 -10.11 -4.71
CA THR B 171 -43.24 -11.08 -5.00
C THR B 171 -43.06 -11.89 -6.28
N GLN B 172 -42.25 -11.42 -7.24
CA GLN B 172 -42.10 -12.12 -8.53
C GLN B 172 -40.80 -12.90 -8.69
N TYR B 173 -40.80 -13.84 -9.65
CA TYR B 173 -39.58 -14.48 -10.18
C TYR B 173 -38.59 -13.35 -10.49
N ILE B 174 -37.35 -13.50 -10.05
CA ILE B 174 -36.42 -12.38 -10.00
C ILE B 174 -36.19 -11.73 -11.37
N THR B 175 -36.07 -12.55 -12.42
CA THR B 175 -35.83 -12.01 -13.76
C THR B 175 -36.97 -11.05 -14.14
N ASP B 176 -38.21 -11.43 -13.85
CA ASP B 176 -39.38 -10.55 -14.09
C ASP B 176 -39.41 -9.31 -13.18
N ALA B 177 -39.01 -9.50 -11.92
CA ALA B 177 -38.94 -8.40 -10.93
C ALA B 177 -38.02 -7.27 -11.40
N LEU B 178 -36.84 -7.66 -11.86
CA LEU B 178 -35.85 -6.72 -12.35
C LEU B 178 -36.33 -6.06 -13.63
N SER B 179 -37.00 -6.83 -14.48
CA SER B 179 -37.60 -6.29 -15.70
C SER B 179 -38.70 -5.26 -15.36
N ARG B 180 -39.49 -5.54 -14.34
CA ARG B 180 -40.51 -4.61 -13.92
C ARG B 180 -39.90 -3.31 -13.42
N GLU B 181 -38.82 -3.41 -12.67
CA GLU B 181 -38.17 -2.22 -12.13
C GLU B 181 -37.39 -1.44 -13.19
N ALA B 182 -36.91 -2.13 -14.22
CA ALA B 182 -36.37 -1.46 -15.41
C ALA B 182 -37.43 -0.59 -16.09
N VAL B 183 -38.66 -1.08 -16.17
CA VAL B 183 -39.78 -0.28 -16.68
C VAL B 183 -40.02 0.91 -15.76
N ASN B 184 -40.13 0.64 -14.47
CA ASN B 184 -40.35 1.70 -13.46
C ASN B 184 -39.29 2.79 -13.53
N PHE B 185 -38.04 2.39 -13.78
CA PHE B 185 -36.94 3.34 -13.86
C PHE B 185 -37.07 4.28 -15.05
N VAL B 186 -37.25 3.72 -16.24
CA VAL B 186 -37.39 4.55 -17.44
C VAL B 186 -38.65 5.42 -17.39
N ASP B 187 -39.70 4.93 -16.72
CA ASP B 187 -40.92 5.72 -16.50
C ASP B 187 -40.68 6.90 -15.57
N LYS B 188 -40.02 6.65 -14.44
CA LYS B 188 -39.59 7.74 -13.52
C LYS B 188 -38.74 8.77 -14.28
N ALA B 189 -37.91 8.31 -15.21
CA ALA B 189 -37.02 9.17 -15.99
C ALA B 189 -37.69 10.13 -16.98
N VAL B 190 -38.94 9.86 -17.37
CA VAL B 190 -39.64 10.74 -18.33
C VAL B 190 -39.85 12.13 -17.72
N ASN B 191 -40.13 12.17 -16.42
CA ASN B 191 -40.49 13.40 -15.70
C ASN B 191 -39.24 14.17 -15.23
N LYS B 192 -38.23 14.28 -16.10
CA LYS B 192 -36.98 14.98 -15.81
C LYS B 192 -36.44 15.58 -17.10
N LYS B 193 -35.84 16.76 -17.03
CA LYS B 193 -35.16 17.35 -18.18
C LYS B 193 -33.88 16.60 -18.57
N HIS B 194 -33.39 15.74 -17.66
CA HIS B 194 -32.13 15.00 -17.82
C HIS B 194 -32.28 13.75 -18.69
N PRO B 195 -31.22 13.36 -19.43
CA PRO B 195 -31.13 11.98 -19.97
C PRO B 195 -30.75 10.97 -18.88
N PHE B 196 -30.78 9.68 -19.19
CA PHE B 196 -30.66 8.66 -18.15
C PHE B 196 -29.70 7.54 -18.53
N PHE B 197 -29.09 6.95 -17.50
CA PHE B 197 -28.22 5.77 -17.62
C PHE B 197 -28.78 4.65 -16.76
N LEU B 198 -28.90 3.46 -17.34
CA LEU B 198 -29.43 2.30 -16.64
C LEU B 198 -28.53 1.10 -16.80
N TYR B 199 -28.03 0.57 -15.68
CA TYR B 199 -27.21 -0.65 -15.66
C TYR B 199 -28.13 -1.78 -15.15
N LEU B 200 -28.62 -2.60 -16.09
CA LEU B 200 -29.53 -3.70 -15.78
C LEU B 200 -28.71 -4.97 -15.73
N ALA B 201 -28.46 -5.45 -14.51
CA ALA B 201 -27.61 -6.60 -14.25
C ALA B 201 -28.44 -7.84 -13.87
N TYR B 202 -28.98 -8.51 -14.88
CA TYR B 202 -29.69 -9.77 -14.67
C TYR B 202 -28.74 -10.77 -14.05
N ASN B 203 -29.23 -11.57 -13.13
CA ASN B 203 -28.48 -12.75 -12.67
C ASN B 203 -28.71 -13.98 -13.54
N ALA B 204 -29.69 -13.96 -14.43
CA ALA B 204 -29.91 -15.09 -15.35
C ALA B 204 -28.86 -15.09 -16.46
N PRO B 205 -28.42 -16.24 -16.97
CA PRO B 205 -28.87 -17.60 -16.59
C PRO B 205 -27.90 -18.30 -15.61
N HIS B 206 -27.41 -17.55 -14.62
CA HIS B 206 -26.46 -18.05 -13.63
C HIS B 206 -27.20 -18.97 -12.68
N THR B 207 -26.44 -19.88 -12.08
CA THR B 207 -27.00 -20.82 -11.10
C THR B 207 -27.59 -20.04 -9.93
N PRO B 208 -28.54 -20.63 -9.20
CA PRO B 208 -29.04 -22.00 -9.40
C PRO B 208 -30.06 -22.07 -10.54
N LEU B 209 -30.10 -23.22 -11.22
CA LEU B 209 -30.95 -23.38 -12.39
C LEU B 209 -32.42 -23.47 -11.98
N GLN B 210 -33.11 -22.33 -12.04
CA GLN B 210 -34.49 -22.18 -11.63
C GLN B 210 -35.24 -21.35 -12.68
N ALA B 211 -36.30 -21.93 -13.25
CA ALA B 211 -37.10 -21.26 -14.28
C ALA B 211 -38.56 -21.42 -13.99
N LYS B 212 -39.37 -20.51 -14.55
CA LYS B 212 -40.82 -20.63 -14.49
C LYS B 212 -41.29 -21.79 -15.38
N ASP B 213 -42.27 -22.57 -14.92
CA ASP B 213 -42.84 -23.65 -15.73
C ASP B 213 -43.34 -23.12 -17.08
N GLU B 214 -43.92 -21.92 -17.05
CA GLU B 214 -44.46 -21.27 -18.24
C GLU B 214 -43.39 -21.03 -19.34
N ASP B 215 -42.18 -20.68 -18.92
CA ASP B 215 -41.07 -20.45 -19.85
C ASP B 215 -40.54 -21.76 -20.39
N MET B 216 -40.35 -22.74 -19.52
CA MET B 216 -39.87 -24.06 -19.94
C MET B 216 -40.81 -24.76 -20.92
N ALA B 217 -42.12 -24.48 -20.80
CA ALA B 217 -43.13 -25.04 -21.70
C ALA B 217 -42.92 -24.63 -23.16
N MET B 218 -42.27 -23.49 -23.39
CA MET B 218 -41.91 -23.04 -24.73
C MET B 218 -40.79 -23.84 -25.44
N PHE B 219 -40.13 -24.74 -24.72
CA PHE B 219 -39.03 -25.53 -25.28
C PHE B 219 -39.25 -27.01 -25.07
N PRO B 220 -40.35 -27.54 -25.63
CA PRO B 220 -40.65 -28.96 -25.47
C PRO B 220 -39.67 -29.89 -26.21
N ASN B 221 -38.99 -29.40 -27.24
CA ASN B 221 -38.02 -30.21 -27.99
C ASN B 221 -36.67 -30.37 -27.29
N ILE B 222 -36.41 -29.56 -26.25
CA ILE B 222 -35.18 -29.69 -25.49
C ILE B 222 -35.34 -30.80 -24.47
N LYS B 223 -34.74 -31.95 -24.76
CA LYS B 223 -34.91 -33.18 -23.95
C LYS B 223 -34.08 -33.17 -22.66
N ASN B 224 -32.87 -32.58 -22.70
CA ASN B 224 -32.01 -32.45 -21.51
C ASN B 224 -32.63 -31.52 -20.44
N LYS B 225 -32.73 -31.99 -19.19
CA LYS B 225 -33.43 -31.23 -18.12
C LYS B 225 -32.75 -29.89 -17.82
N ASP B 226 -31.42 -29.89 -17.65
CA ASP B 226 -30.69 -28.66 -17.32
C ASP B 226 -30.75 -27.63 -18.45
N ARG B 227 -30.65 -28.09 -19.68
CA ARG B 227 -30.69 -27.20 -20.84
C ARG B 227 -32.06 -26.57 -21.01
N LYS B 228 -33.11 -27.33 -20.72
CA LYS B 228 -34.48 -26.83 -20.84
C LYS B 228 -34.70 -25.74 -19.80
N THR B 229 -34.27 -25.99 -18.56
CA THR B 229 -34.37 -24.99 -17.50
C THR B 229 -33.60 -23.74 -17.89
N TYR B 230 -32.33 -23.92 -18.23
CA TYR B 230 -31.47 -22.84 -18.73
C TYR B 230 -32.19 -22.03 -19.82
N ALA B 231 -32.78 -22.72 -20.80
CA ALA B 231 -33.49 -22.06 -21.90
C ALA B 231 -34.61 -21.16 -21.39
N GLY B 232 -35.39 -21.69 -20.45
CA GLY B 232 -36.45 -20.91 -19.83
C GLY B 232 -35.95 -19.67 -19.11
N MET B 233 -34.79 -19.80 -18.46
CA MET B 233 -34.17 -18.67 -17.77
C MET B 233 -33.83 -17.57 -18.78
N VAL B 234 -33.27 -17.97 -19.92
CA VAL B 234 -32.89 -17.04 -20.97
C VAL B 234 -34.10 -16.39 -21.64
N TYR B 235 -35.17 -17.18 -21.88
CA TYR B 235 -36.42 -16.66 -22.44
C TYR B 235 -37.03 -15.61 -21.52
N ALA B 236 -36.93 -15.83 -20.20
CA ALA B 236 -37.41 -14.85 -19.22
C ALA B 236 -36.69 -13.50 -19.34
N VAL B 237 -35.40 -13.53 -19.65
CA VAL B 237 -34.63 -12.32 -19.91
C VAL B 237 -35.19 -11.66 -21.16
N ASP B 238 -35.40 -12.46 -22.21
CA ASP B 238 -35.96 -11.94 -23.47
C ASP B 238 -37.32 -11.26 -23.29
N ARG B 239 -38.19 -11.85 -22.49
CA ARG B 239 -39.47 -11.22 -22.17
C ARG B 239 -39.25 -9.86 -21.54
N GLY B 240 -38.33 -9.79 -20.56
CA GLY B 240 -37.93 -8.54 -19.92
C GLY B 240 -37.45 -7.48 -20.89
N VAL B 241 -36.58 -7.86 -21.83
CA VAL B 241 -36.06 -6.93 -22.81
C VAL B 241 -37.19 -6.38 -23.66
N GLY B 242 -38.11 -7.26 -24.07
CA GLY B 242 -39.31 -6.84 -24.81
C GLY B 242 -40.22 -5.88 -24.05
N LYS B 243 -40.38 -6.15 -22.75
CA LYS B 243 -41.15 -5.30 -21.84
C LYS B 243 -40.51 -3.92 -21.65
N LEU B 244 -39.18 -3.90 -21.51
CA LEU B 244 -38.44 -2.65 -21.44
C LEU B 244 -38.58 -1.87 -22.73
N VAL B 245 -38.36 -2.55 -23.86
CA VAL B 245 -38.46 -1.95 -25.19
C VAL B 245 -39.83 -1.26 -25.39
N GLU B 246 -40.92 -1.92 -24.99
CA GLU B 246 -42.26 -1.31 -25.09
C GLU B 246 -42.34 -0.01 -24.29
N ALA B 247 -41.91 -0.06 -23.02
CA ALA B 247 -41.91 1.12 -22.17
C ALA B 247 -41.09 2.27 -22.77
N LEU B 248 -39.96 1.94 -23.39
CA LEU B 248 -39.15 2.95 -24.09
C LEU B 248 -39.89 3.57 -25.25
N LYS B 249 -40.56 2.75 -26.06
CA LYS B 249 -41.38 3.25 -27.19
C LYS B 249 -42.57 4.10 -26.70
N LYS B 250 -43.28 3.60 -25.70
CA LYS B 250 -44.37 4.32 -25.03
C LYS B 250 -43.93 5.74 -24.62
N ASN B 251 -42.69 5.89 -24.13
CA ASN B 251 -42.19 7.18 -23.63
C ASN B 251 -41.40 8.03 -24.65
N ASN B 252 -41.40 7.63 -25.94
CA ASN B 252 -40.51 8.23 -26.96
C ASN B 252 -39.06 8.34 -26.49
N GLN B 253 -38.60 7.29 -25.82
CA GLN B 253 -37.21 7.14 -25.39
C GLN B 253 -36.41 6.25 -26.37
N TYR B 254 -37.09 5.28 -26.98
CA TYR B 254 -36.46 4.25 -27.84
C TYR B 254 -35.46 4.80 -28.84
N ASP B 255 -35.84 5.90 -29.50
CA ASP B 255 -35.07 6.42 -30.62
C ASP B 255 -33.77 7.13 -30.23
N ASN B 256 -33.73 7.77 -29.05
CA ASN B 256 -32.50 8.40 -28.57
C ASN B 256 -31.91 7.65 -27.36
N THR B 257 -31.94 6.31 -27.42
CA THR B 257 -31.35 5.46 -26.40
C THR B 257 -30.44 4.42 -27.04
N LEU B 258 -29.16 4.46 -26.63
CA LEU B 258 -28.20 3.40 -26.94
C LEU B 258 -28.40 2.26 -25.97
N ILE B 259 -28.77 1.11 -26.51
CA ILE B 259 -28.90 -0.10 -25.71
C ILE B 259 -27.71 -0.99 -26.05
N VAL B 260 -27.00 -1.42 -25.02
CA VAL B 260 -25.97 -2.45 -25.12
C VAL B 260 -26.49 -3.68 -24.38
N PHE B 261 -26.42 -4.85 -25.03
CA PHE B 261 -26.76 -6.13 -24.39
C PHE B 261 -25.54 -7.01 -24.53
N MET B 262 -25.13 -7.64 -23.43
CA MET B 262 -23.95 -8.51 -23.40
C MET B 262 -23.99 -9.46 -22.21
N SER B 263 -22.98 -10.34 -22.13
CA SER B 263 -22.75 -11.18 -20.96
C SER B 263 -21.55 -10.68 -20.16
N ASP B 264 -21.48 -11.04 -18.88
CA ASP B 264 -20.36 -10.69 -18.02
C ASP B 264 -19.14 -11.60 -18.28
N ASN B 265 -19.41 -12.83 -18.69
CA ASN B 265 -18.37 -13.80 -19.02
C ASN B 265 -18.96 -14.92 -19.89
N GLY B 266 -18.15 -15.90 -20.24
CA GLY B 266 -18.62 -17.06 -21.00
C GLY B 266 -19.55 -18.00 -20.23
N GLY B 267 -20.24 -18.87 -20.96
CA GLY B 267 -21.18 -19.80 -20.37
C GLY B 267 -20.49 -20.93 -19.67
N LYS B 268 -21.11 -21.46 -18.62
CA LYS B 268 -20.55 -22.63 -17.93
C LYS B 268 -21.21 -23.91 -18.45
N LEU B 269 -20.45 -24.76 -19.14
CA LEU B 269 -21.03 -25.92 -19.81
C LEU B 269 -21.73 -26.91 -18.87
N SER B 270 -21.20 -27.06 -17.66
CA SER B 270 -21.80 -27.96 -16.67
C SER B 270 -23.13 -27.45 -16.06
N LYS B 271 -23.44 -26.16 -16.27
CA LYS B 271 -24.69 -25.55 -15.81
C LYS B 271 -25.56 -25.02 -16.95
N GLY B 272 -25.72 -25.82 -18.00
CA GLY B 272 -26.73 -25.57 -19.04
C GLY B 272 -26.31 -24.82 -20.31
N ALA B 273 -25.16 -24.17 -20.29
CA ALA B 273 -24.78 -23.25 -21.36
C ALA B 273 -24.16 -23.93 -22.60
N ASN B 274 -24.08 -23.16 -23.70
CA ASN B 274 -23.42 -23.56 -24.96
C ASN B 274 -22.62 -22.38 -25.53
N ASN B 275 -21.32 -22.58 -25.75
CA ASN B 275 -20.43 -21.54 -26.26
C ASN B 275 -19.95 -21.79 -27.72
N PHE B 276 -20.72 -22.54 -28.50
CA PHE B 276 -20.35 -22.84 -29.89
C PHE B 276 -20.13 -21.53 -30.69
N PRO B 277 -19.04 -21.41 -31.46
CA PRO B 277 -18.05 -22.45 -31.73
C PRO B 277 -16.77 -22.37 -30.88
N LEU B 278 -16.84 -21.68 -29.75
CA LEU B 278 -15.67 -21.40 -28.94
C LEU B 278 -15.29 -22.59 -28.08
N LYS B 279 -14.01 -22.67 -27.75
CA LYS B 279 -13.50 -23.74 -26.91
C LYS B 279 -13.70 -23.39 -25.44
N ALA B 280 -13.97 -24.40 -24.62
CA ALA B 280 -14.11 -24.25 -23.16
C ALA B 280 -15.25 -23.30 -22.79
N GLY B 281 -15.19 -22.67 -21.62
CA GLY B 281 -16.25 -21.76 -21.19
C GLY B 281 -15.83 -20.93 -20.00
N LYS B 282 -16.78 -20.63 -19.13
CA LYS B 282 -16.58 -19.71 -18.01
C LYS B 282 -15.24 -19.88 -17.31
N GLY B 283 -14.54 -18.77 -17.07
CA GLY B 283 -13.29 -18.79 -16.31
C GLY B 283 -12.03 -19.08 -17.09
N SER B 284 -12.14 -19.55 -18.33
CA SER B 284 -11.00 -19.94 -19.15
C SER B 284 -10.45 -18.75 -19.92
N THR B 285 -9.16 -18.81 -20.23
CA THR B 285 -8.56 -17.85 -21.16
C THR B 285 -8.64 -18.37 -22.60
N GLN B 286 -9.23 -19.55 -22.81
CA GLN B 286 -9.68 -19.92 -24.15
C GLN B 286 -10.78 -18.91 -24.52
N GLU B 287 -11.11 -18.78 -25.80
CA GLU B 287 -12.12 -17.82 -26.23
C GLU B 287 -13.45 -17.98 -25.48
N GLY B 288 -13.82 -19.23 -25.18
CA GLY B 288 -15.09 -19.53 -24.54
C GLY B 288 -15.34 -18.81 -23.24
N GLY B 289 -14.26 -18.51 -22.50
CA GLY B 289 -14.36 -17.85 -21.21
C GLY B 289 -14.53 -16.34 -21.18
N PHE B 290 -14.02 -15.63 -22.18
CA PHE B 290 -14.14 -14.16 -22.17
C PHE B 290 -14.56 -13.47 -23.48
N ARG B 291 -14.94 -14.25 -24.49
CA ARG B 291 -15.54 -13.71 -25.71
C ARG B 291 -17.04 -13.93 -25.57
N VAL B 292 -17.81 -12.86 -25.67
CA VAL B 292 -19.22 -12.87 -25.31
C VAL B 292 -20.09 -12.26 -26.40
N PRO B 293 -21.41 -12.57 -26.38
CA PRO B 293 -22.30 -11.91 -27.32
C PRO B 293 -22.45 -10.44 -26.96
N MET B 294 -22.62 -9.59 -27.95
CA MET B 294 -22.88 -8.20 -27.70
C MET B 294 -23.59 -7.57 -28.89
N LEU B 295 -24.51 -6.66 -28.60
CA LEU B 295 -25.11 -5.84 -29.62
C LEU B 295 -25.25 -4.41 -29.13
N PHE B 296 -25.14 -3.46 -30.07
CA PHE B 296 -25.52 -2.06 -29.86
C PHE B 296 -26.81 -1.83 -30.65
N HIS B 297 -27.68 -0.96 -30.10
CA HIS B 297 -28.90 -0.54 -30.78
C HIS B 297 -29.19 0.92 -30.45
N TRP B 298 -29.30 1.74 -31.49
CA TRP B 298 -29.50 3.19 -31.38
C TRP B 298 -29.91 3.70 -32.77
N PRO B 299 -31.22 3.91 -33.00
CA PRO B 299 -31.66 4.21 -34.36
C PRO B 299 -31.09 5.50 -34.94
N LYS B 300 -30.80 5.46 -36.26
CA LYS B 300 -30.19 6.56 -37.01
C LYS B 300 -28.75 6.90 -36.55
N HIS B 301 -28.10 6.01 -35.81
CA HIS B 301 -26.75 6.22 -35.24
C HIS B 301 -25.92 4.94 -35.35
N VAL B 302 -26.39 3.87 -34.73
CA VAL B 302 -25.84 2.53 -34.92
C VAL B 302 -26.44 1.96 -36.21
N PRO B 303 -25.59 1.53 -37.17
CA PRO B 303 -26.12 0.89 -38.38
C PRO B 303 -27.10 -0.24 -38.07
N ALA B 304 -28.16 -0.33 -38.87
CA ALA B 304 -29.17 -1.38 -38.73
C ALA B 304 -28.78 -2.63 -39.54
N GLY B 305 -28.76 -3.78 -38.88
CA GLY B 305 -28.56 -5.09 -39.54
C GLY B 305 -27.13 -5.52 -39.83
N LYS B 306 -26.15 -4.89 -39.18
CA LYS B 306 -24.74 -5.17 -39.46
C LYS B 306 -24.16 -6.11 -38.40
N ARG B 307 -23.02 -6.70 -38.75
CA ARG B 307 -22.21 -7.48 -37.82
C ARG B 307 -20.77 -6.99 -37.86
N PHE B 308 -20.32 -6.38 -36.77
CA PHE B 308 -19.00 -5.75 -36.65
C PHE B 308 -17.97 -6.80 -36.26
N SER B 309 -16.97 -7.00 -37.12
CA SER B 309 -16.05 -8.13 -37.04
C SER B 309 -14.66 -7.84 -36.42
N HIS B 310 -14.43 -6.61 -35.97
CA HIS B 310 -13.16 -6.25 -35.33
C HIS B 310 -13.30 -6.30 -33.81
N PRO B 311 -12.18 -6.52 -33.08
CA PRO B 311 -12.19 -6.63 -31.62
C PRO B 311 -12.77 -5.41 -30.89
N VAL B 312 -13.54 -5.66 -29.82
CA VAL B 312 -14.03 -4.63 -28.92
C VAL B 312 -13.91 -5.16 -27.50
N SER B 313 -13.47 -4.30 -26.58
CA SER B 313 -13.32 -4.67 -25.17
C SER B 313 -14.42 -4.02 -24.36
N ALA B 314 -14.87 -4.70 -23.32
CA ALA B 314 -15.77 -4.11 -22.32
C ALA B 314 -15.18 -2.83 -21.72
N LEU B 315 -13.85 -2.78 -21.66
CA LEU B 315 -13.11 -1.56 -21.24
C LEU B 315 -13.41 -0.30 -22.07
N ASP B 316 -13.80 -0.50 -23.33
CA ASP B 316 -14.11 0.58 -24.26
C ASP B 316 -15.41 1.30 -23.90
N LEU B 317 -16.32 0.60 -23.24
CA LEU B 317 -17.63 1.16 -22.93
C LEU B 317 -17.55 2.43 -22.10
N TYR B 318 -16.63 2.47 -21.13
CA TYR B 318 -16.45 3.67 -20.29
C TYR B 318 -16.17 4.93 -21.14
N PRO B 319 -15.00 5.01 -21.82
CA PRO B 319 -14.73 6.23 -22.60
C PRO B 319 -15.70 6.45 -23.78
N THR B 320 -16.21 5.37 -24.37
CA THR B 320 -17.23 5.46 -25.43
C THR B 320 -18.53 6.10 -24.94
N PHE B 321 -19.09 5.59 -23.84
CA PHE B 321 -20.28 6.22 -23.23
C PHE B 321 -19.99 7.69 -22.87
N ALA B 322 -18.80 7.94 -22.32
CA ALA B 322 -18.43 9.28 -21.88
C ALA B 322 -18.40 10.27 -23.04
N ALA B 323 -17.83 9.83 -24.17
CA ALA B 323 -17.73 10.67 -25.37
C ALA B 323 -19.12 10.98 -25.94
N LEU B 324 -20.01 9.98 -25.94
CA LEU B 324 -21.38 10.17 -26.40
C LEU B 324 -22.20 11.07 -25.47
N ALA B 325 -21.91 11.03 -24.18
CA ALA B 325 -22.57 11.88 -23.18
C ALA B 325 -21.96 13.28 -23.09
N GLY B 326 -20.85 13.52 -23.80
CA GLY B 326 -20.09 14.77 -23.69
C GLY B 326 -19.42 14.99 -22.36
N ALA B 327 -19.04 13.91 -21.68
CA ALA B 327 -18.41 13.98 -20.35
C ALA B 327 -16.89 13.89 -20.49
N LYS B 328 -16.18 14.82 -19.85
CA LYS B 328 -14.71 14.87 -19.92
C LYS B 328 -14.11 13.72 -19.11
N VAL B 329 -13.01 13.19 -19.63
CA VAL B 329 -12.25 12.11 -19.01
C VAL B 329 -10.82 12.62 -18.79
N GLU B 330 -10.23 12.28 -17.64
CA GLU B 330 -8.90 12.76 -17.25
C GLU B 330 -7.82 11.67 -17.46
N GLU B 331 -6.60 12.09 -17.82
CA GLU B 331 -5.43 11.18 -17.99
C GLU B 331 -5.07 10.45 -16.67
N ASN B 332 -5.29 11.11 -15.52
CA ASN B 332 -5.04 10.49 -14.21
C ASN B 332 -5.99 9.33 -13.83
N GLN B 333 -7.11 9.15 -14.57
CA GLN B 333 -7.99 8.00 -14.35
C GLN B 333 -7.42 6.67 -14.87
N HIS B 334 -6.40 6.71 -15.72
CA HIS B 334 -5.69 5.52 -16.24
C HIS B 334 -6.64 4.52 -16.92
N LEU B 335 -7.48 5.02 -17.83
CA LEU B 335 -8.41 4.17 -18.54
C LEU B 335 -7.63 3.26 -19.46
N ASP B 336 -8.00 1.98 -19.46
CA ASP B 336 -7.32 0.94 -20.25
C ASP B 336 -8.02 0.64 -21.57
N GLY B 337 -9.27 1.09 -21.75
CA GLY B 337 -9.96 0.97 -23.04
C GLY B 337 -9.74 2.14 -23.97
N THR B 338 -10.51 2.19 -25.05
CA THR B 338 -10.52 3.33 -25.98
C THR B 338 -11.96 3.68 -26.37
N ASN B 339 -12.19 4.97 -26.66
CA ASN B 339 -13.45 5.40 -27.29
C ASN B 339 -13.49 4.76 -28.67
N MET B 340 -14.37 3.78 -28.84
CA MET B 340 -14.39 2.96 -30.07
C MET B 340 -15.31 3.49 -31.18
N TRP B 341 -16.08 4.54 -30.88
CA TRP B 341 -17.10 5.03 -31.82
C TRP B 341 -16.53 5.52 -33.16
N PRO B 342 -15.43 6.32 -33.14
CA PRO B 342 -14.87 6.80 -34.42
C PRO B 342 -14.44 5.67 -35.37
N ALA B 343 -13.76 4.68 -34.82
CA ALA B 343 -13.37 3.49 -35.57
C ALA B 343 -14.59 2.62 -35.94
N PHE B 344 -15.55 2.52 -35.04
CA PHE B 344 -16.77 1.75 -35.28
C PHE B 344 -17.55 2.23 -36.50
N ILE B 345 -17.75 3.55 -36.57
CA ILE B 345 -18.48 4.20 -37.66
C ILE B 345 -17.77 4.06 -39.03
N LYS B 346 -16.45 3.94 -39.03
CA LYS B 346 -15.67 3.72 -40.25
C LYS B 346 -15.38 2.23 -40.52
N ASN B 347 -16.04 1.35 -39.78
CA ASN B 347 -15.82 -0.10 -39.87
C ASN B 347 -14.34 -0.54 -39.81
N GLU B 348 -13.57 0.15 -38.95
CA GLU B 348 -12.14 -0.12 -38.72
C GLU B 348 -11.93 -0.75 -37.34
N ASN B 349 -10.78 -1.43 -37.17
CA ASN B 349 -10.41 -2.04 -35.88
C ASN B 349 -10.09 -0.96 -34.82
N PRO B 350 -10.93 -0.84 -33.78
CA PRO B 350 -10.60 0.13 -32.71
C PRO B 350 -9.36 -0.22 -31.88
N HIS B 351 -8.91 -1.48 -31.96
CA HIS B 351 -7.67 -1.95 -31.32
C HIS B 351 -6.67 -2.42 -32.39
N LYS B 352 -6.52 -1.61 -33.42
CA LYS B 352 -5.58 -1.86 -34.51
C LYS B 352 -4.15 -1.85 -33.96
N ASP B 353 -3.45 -2.96 -34.16
CA ASP B 353 -2.08 -3.15 -33.66
C ASP B 353 -1.95 -2.96 -32.15
N GLU B 354 -3.01 -3.27 -31.40
CA GLU B 354 -3.01 -3.13 -29.93
C GLU B 354 -3.63 -4.37 -29.28
N PRO B 355 -3.04 -4.86 -28.17
CA PRO B 355 -3.52 -6.08 -27.57
C PRO B 355 -4.75 -5.89 -26.69
N ILE B 356 -5.56 -6.95 -26.59
CA ILE B 356 -6.58 -7.08 -25.55
C ILE B 356 -6.19 -8.29 -24.71
N TYR B 357 -6.12 -8.09 -23.39
CA TYR B 357 -5.57 -9.08 -22.48
C TYR B 357 -6.64 -9.78 -21.67
N ALA B 358 -6.31 -10.97 -21.20
CA ALA B 358 -7.05 -11.66 -20.15
C ALA B 358 -6.02 -12.41 -19.32
N LEU B 359 -6.11 -12.26 -18.01
CA LEU B 359 -5.19 -12.92 -17.09
C LEU B 359 -6.03 -13.42 -15.93
N ARG B 360 -6.07 -14.74 -15.74
CA ARG B 360 -6.87 -15.37 -14.68
C ARG B 360 -6.00 -16.31 -13.89
N HIS B 361 -6.06 -16.17 -12.56
CA HIS B 361 -5.13 -16.86 -11.68
C HIS B 361 -5.67 -18.21 -11.26
N ARG B 362 -4.76 -19.15 -11.04
CA ARG B 362 -5.08 -20.52 -10.64
C ARG B 362 -4.14 -20.94 -9.51
N LYS B 363 -4.11 -22.24 -9.15
CA LYS B 363 -3.33 -22.71 -8.01
C LYS B 363 -1.84 -22.70 -8.31
N GLY B 364 -1.14 -21.65 -7.92
CA GLY B 364 0.31 -21.53 -8.12
C GLY B 364 0.80 -21.16 -9.51
N TYR B 365 -0.12 -20.89 -10.43
CA TYR B 365 0.19 -20.41 -11.79
C TYR B 365 -0.96 -19.56 -12.31
N SER B 366 -0.84 -19.01 -13.52
CA SER B 366 -1.89 -18.17 -14.11
C SER B 366 -2.06 -18.53 -15.57
N ASP B 367 -3.31 -18.54 -16.04
CA ASP B 367 -3.62 -18.64 -17.48
C ASP B 367 -3.79 -17.24 -18.05
N ALA B 368 -3.45 -17.10 -19.33
CA ALA B 368 -3.41 -15.79 -19.96
C ALA B 368 -3.91 -15.84 -21.39
N ALA B 369 -4.23 -14.67 -21.93
CA ALA B 369 -4.66 -14.57 -23.32
C ALA B 369 -4.32 -13.20 -23.89
N ILE B 370 -4.00 -13.18 -25.18
CA ILE B 370 -3.72 -11.94 -25.89
C ILE B 370 -4.43 -11.96 -27.23
N ARG B 371 -5.18 -10.90 -27.53
CA ARG B 371 -5.85 -10.77 -28.81
C ARG B 371 -5.39 -9.49 -29.49
N MET B 372 -4.73 -9.64 -30.63
CA MET B 372 -4.34 -8.49 -31.44
C MET B 372 -4.48 -8.78 -32.92
N ASN B 373 -5.26 -7.95 -33.61
CA ASN B 373 -5.54 -8.11 -35.04
C ASN B 373 -6.04 -9.55 -35.28
N GLN B 374 -5.37 -10.35 -36.12
CA GLN B 374 -5.85 -11.71 -36.38
C GLN B 374 -5.34 -12.76 -35.38
N TRP B 375 -4.53 -12.35 -34.41
CA TRP B 375 -3.76 -13.30 -33.59
C TRP B 375 -4.38 -13.47 -32.23
N LYS B 376 -4.32 -14.69 -31.71
CA LYS B 376 -4.70 -15.00 -30.35
C LYS B 376 -3.55 -15.80 -29.74
N ALA B 377 -2.88 -15.21 -28.75
CA ALA B 377 -1.87 -15.92 -27.94
C ALA B 377 -2.59 -16.54 -26.76
N LEU B 378 -2.14 -17.71 -26.32
CA LEU B 378 -2.80 -18.47 -25.26
C LEU B 378 -1.82 -19.21 -24.37
N LYS B 379 -1.86 -18.90 -23.07
CA LYS B 379 -1.16 -19.67 -22.04
C LYS B 379 -2.23 -20.30 -21.17
N VAL B 380 -2.24 -21.63 -21.11
CA VAL B 380 -3.29 -22.34 -20.39
C VAL B 380 -2.80 -23.67 -19.82
N ASN B 381 -3.31 -24.05 -18.65
CA ASN B 381 -3.08 -25.39 -18.08
C ASN B 381 -1.57 -25.74 -17.95
N GLN B 382 -0.74 -24.73 -17.68
CA GLN B 382 0.72 -24.88 -17.57
C GLN B 382 1.45 -25.37 -18.85
N GLN B 383 0.80 -25.26 -20.01
CA GLN B 383 1.40 -25.62 -21.30
C GLN B 383 2.24 -24.45 -21.79
N PRO B 384 3.10 -24.69 -22.80
CA PRO B 384 3.78 -23.54 -23.40
C PRO B 384 2.81 -22.62 -24.16
N TRP B 385 3.23 -21.38 -24.40
CA TRP B 385 2.41 -20.44 -25.16
C TRP B 385 2.08 -21.03 -26.52
N GLN B 386 0.79 -21.02 -26.86
CA GLN B 386 0.29 -21.37 -28.19
C GLN B 386 -0.12 -20.08 -28.88
N LEU B 387 -0.24 -20.13 -30.21
CA LEU B 387 -0.67 -18.99 -31.03
C LEU B 387 -1.66 -19.48 -32.09
N PHE B 388 -2.71 -18.69 -32.33
CA PHE B 388 -3.76 -19.05 -33.27
C PHE B 388 -4.07 -17.89 -34.20
N ASN B 389 -4.26 -18.18 -35.49
CA ASN B 389 -4.92 -17.23 -36.37
C ASN B 389 -6.40 -17.38 -36.05
N ILE B 390 -6.89 -16.51 -35.18
CA ILE B 390 -8.21 -16.67 -34.60
C ILE B 390 -9.32 -16.38 -35.62
N GLU B 391 -9.03 -15.57 -36.64
CA GLU B 391 -9.99 -15.35 -37.74
C GLU B 391 -10.25 -16.61 -38.59
N ASN B 392 -9.24 -17.45 -38.78
CA ASN B 392 -9.39 -18.74 -39.49
C ASN B 392 -9.66 -19.93 -38.56
N ASP B 393 -9.42 -19.75 -37.27
CA ASP B 393 -9.38 -20.87 -36.31
C ASP B 393 -10.01 -20.46 -34.98
N ILE B 394 -11.28 -20.10 -35.03
CA ILE B 394 -12.02 -19.62 -33.85
C ILE B 394 -12.06 -20.62 -32.67
N SER B 395 -12.02 -21.91 -32.97
CA SER B 395 -12.02 -22.98 -31.94
C SER B 395 -10.66 -23.30 -31.33
N GLU B 396 -9.61 -22.63 -31.80
CA GLU B 396 -8.25 -22.77 -31.28
C GLU B 396 -7.73 -24.21 -31.39
N LYS B 397 -7.92 -24.82 -32.56
CA LYS B 397 -7.46 -26.19 -32.85
C LYS B 397 -6.03 -26.28 -33.45
N HIS B 398 -5.49 -25.19 -34.02
CA HIS B 398 -4.24 -25.22 -34.82
C HIS B 398 -3.20 -24.19 -34.36
N ASP B 399 -2.32 -24.66 -33.48
CA ASP B 399 -1.23 -23.85 -32.91
C ASP B 399 -0.19 -23.60 -33.99
N VAL B 400 -0.01 -22.33 -34.37
CA VAL B 400 0.95 -21.95 -35.40
C VAL B 400 2.15 -21.20 -34.80
N SER B 401 2.47 -21.49 -33.53
CA SER B 401 3.58 -20.82 -32.86
C SER B 401 4.94 -21.14 -33.50
N LYS B 402 5.19 -22.41 -33.83
CA LYS B 402 6.50 -22.81 -34.41
C LYS B 402 6.91 -21.92 -35.58
N SER B 403 5.97 -21.53 -36.44
CA SER B 403 6.28 -20.68 -37.60
C SER B 403 6.06 -19.15 -37.41
N ASN B 404 5.85 -18.69 -36.17
CA ASN B 404 5.80 -17.24 -35.87
C ASN B 404 6.50 -16.92 -34.53
N LYS B 405 7.66 -17.54 -34.28
CA LYS B 405 8.36 -17.43 -32.98
C LYS B 405 8.55 -15.96 -32.52
N ALA B 406 9.03 -15.11 -33.43
CA ALA B 406 9.31 -13.70 -33.11
C ALA B 406 8.07 -12.92 -32.69
N LEU B 407 6.97 -13.13 -33.41
CA LEU B 407 5.69 -12.45 -33.13
C LEU B 407 5.12 -12.83 -31.76
N LEU B 408 5.05 -14.14 -31.50
CA LEU B 408 4.55 -14.65 -30.23
C LEU B 408 5.36 -14.14 -29.04
N THR B 409 6.68 -14.25 -29.16
CA THR B 409 7.61 -13.79 -28.14
C THR B 409 7.40 -12.29 -27.88
N ASP B 410 7.20 -11.53 -28.96
CA ASP B 410 6.95 -10.09 -28.83
C ASP B 410 5.68 -9.82 -28.02
N MET B 411 4.59 -10.51 -28.36
CA MET B 411 3.31 -10.28 -27.72
C MET B 411 3.41 -10.55 -26.22
N VAL B 412 4.00 -11.70 -25.89
CA VAL B 412 4.18 -12.12 -24.50
C VAL B 412 5.00 -11.11 -23.69
N ARG B 413 6.08 -10.62 -24.28
CA ARG B 413 6.94 -9.62 -23.62
C ARG B 413 6.23 -8.31 -23.38
N GLU B 414 5.36 -7.92 -24.30
CA GLU B 414 4.52 -6.75 -24.08
C GLU B 414 3.53 -7.01 -22.95
N MET B 415 3.00 -8.22 -22.84
CA MET B 415 2.17 -8.59 -21.70
C MET B 415 2.98 -8.56 -20.40
N GLU B 416 4.22 -9.06 -20.45
CA GLU B 416 5.13 -9.00 -19.30
C GLU B 416 5.32 -7.54 -18.87
N LYS B 417 5.55 -6.66 -19.84
CA LYS B 417 5.69 -5.22 -19.60
C LYS B 417 4.44 -4.62 -18.92
N TRP B 418 3.29 -5.03 -19.43
CA TRP B 418 1.99 -4.57 -18.92
C TRP B 418 1.72 -5.04 -17.49
N SER B 419 2.27 -6.20 -17.12
CA SER B 419 2.01 -6.82 -15.82
C SER B 419 2.51 -6.03 -14.61
N TRP B 420 3.51 -5.19 -14.79
CA TRP B 420 4.25 -4.64 -13.63
C TRP B 420 3.45 -3.71 -12.73
N ASP B 421 2.46 -3.00 -13.25
CA ASP B 421 1.61 -2.15 -12.42
C ASP B 421 0.31 -2.81 -11.96
N ASN B 422 0.20 -4.13 -12.14
CA ASN B 422 -0.89 -4.91 -11.53
C ASN B 422 -0.69 -4.88 -10.02
N GLN B 423 -1.71 -4.51 -9.26
CA GLN B 423 -1.61 -4.52 -7.79
C GLN B 423 -1.78 -5.92 -7.24
N GLN B 424 -1.16 -6.19 -6.09
CA GLN B 424 -1.42 -7.42 -5.34
C GLN B 424 -2.91 -7.44 -5.03
N PRO B 425 -3.59 -8.59 -5.14
CA PRO B 425 -5.03 -8.64 -4.89
C PRO B 425 -5.44 -8.15 -3.49
N SER B 426 -6.43 -7.27 -3.45
CA SER B 426 -6.93 -6.75 -2.17
C SER B 426 -7.82 -7.75 -1.43
N TRP B 427 -8.24 -8.81 -2.11
CA TRP B 427 -9.01 -9.91 -1.51
C TRP B 427 -9.00 -11.14 -2.42
N PHE B 428 -9.62 -12.22 -1.94
CA PHE B 428 -9.84 -13.45 -2.69
C PHE B 428 -11.27 -13.97 -2.43
N HIS B 429 -11.76 -14.89 -3.26
CA HIS B 429 -13.16 -15.37 -3.11
C HIS B 429 -13.35 -16.34 -1.90
N GLU B 430 -12.25 -16.91 -1.40
CA GLU B 430 -12.23 -17.79 -0.25
C GLU B 430 -10.94 -17.51 0.53
N THR B 431 -10.96 -17.80 1.83
CA THR B 431 -9.80 -17.64 2.68
C THR B 431 -8.59 -18.46 2.19
N THR B 432 -8.81 -19.73 1.82
CA THR B 432 -7.71 -20.63 1.43
C THR B 432 -7.02 -20.17 0.13
N GLU B 433 -7.78 -19.52 -0.74
CA GLU B 433 -7.23 -19.02 -2.00
C GLU B 433 -6.15 -17.96 -1.77
N GLY B 434 -6.36 -17.10 -0.79
CA GLY B 434 -5.36 -16.11 -0.39
C GLY B 434 -4.17 -16.75 0.31
N VAL B 435 -4.44 -17.76 1.12
CA VAL B 435 -3.37 -18.49 1.79
C VAL B 435 -2.48 -19.18 0.74
N ASN B 436 -3.10 -19.86 -0.22
CA ASN B 436 -2.37 -20.51 -1.32
C ASN B 436 -1.62 -19.49 -2.19
N TRP B 437 -2.25 -18.34 -2.44
CA TRP B 437 -1.58 -17.23 -3.12
C TRP B 437 -0.27 -16.84 -2.43
N ARG B 438 -0.32 -16.63 -1.11
CA ARG B 438 0.88 -16.24 -0.35
C ARG B 438 1.89 -17.38 -0.31
N LEU B 439 1.43 -18.59 -0.01
CA LEU B 439 2.29 -19.81 -0.05
C LEU B 439 3.04 -20.03 -1.35
N ASP B 440 2.39 -19.75 -2.48
CA ASP B 440 2.98 -19.99 -3.80
C ASP B 440 3.79 -18.81 -4.35
N ALA B 441 3.93 -17.76 -3.54
CA ALA B 441 4.74 -16.60 -3.91
C ALA B 441 4.18 -15.89 -5.14
N MET B 442 2.85 -15.93 -5.27
CA MET B 442 2.19 -15.40 -6.44
C MET B 442 2.32 -13.87 -6.52
N PRO B 443 2.24 -13.30 -7.71
CA PRO B 443 2.08 -14.04 -8.98
C PRO B 443 3.36 -14.74 -9.45
N ARG B 444 3.22 -15.95 -9.99
CA ARG B 444 4.35 -16.67 -10.58
C ARG B 444 4.44 -16.31 -12.05
N PHE B 445 4.78 -15.05 -12.31
CA PHE B 445 4.91 -14.57 -13.68
C PHE B 445 6.14 -15.10 -14.42
N ASP B 446 7.10 -15.70 -13.70
CA ASP B 446 8.22 -16.44 -14.33
C ASP B 446 7.73 -17.62 -15.16
N LYS B 447 6.66 -18.27 -14.71
CA LYS B 447 6.00 -19.32 -15.48
C LYS B 447 5.12 -18.71 -16.57
N THR B 448 4.39 -17.65 -16.21
CA THR B 448 3.40 -17.05 -17.09
C THR B 448 3.96 -16.41 -18.35
N PHE B 449 5.16 -15.84 -18.26
CA PHE B 449 5.80 -15.14 -19.39
C PHE B 449 7.13 -15.77 -19.87
N LYS B 450 7.39 -17.04 -19.54
CA LYS B 450 8.54 -17.76 -20.12
C LYS B 450 8.26 -18.02 -21.59
N THR B 451 9.30 -17.89 -22.41
CA THR B 451 9.22 -18.00 -23.89
C THR B 451 10.18 -19.09 -24.41
N THR B 452 9.85 -19.65 -25.59
CA THR B 452 10.66 -20.69 -26.25
C THR B 452 11.62 -20.04 -27.26
N GLN C 1 22.45 37.48 -6.77
CA GLN C 1 21.67 36.40 -7.46
C GLN C 1 21.98 35.03 -6.83
N LYS C 2 20.98 34.14 -6.84
CA LYS C 2 21.13 32.73 -6.41
C LYS C 2 21.91 31.96 -7.50
N PRO C 3 22.73 30.95 -7.13
CA PRO C 3 23.63 30.32 -8.10
C PRO C 3 22.98 29.32 -9.04
N ASN C 4 23.54 29.20 -10.25
CA ASN C 4 23.13 28.14 -11.17
C ASN C 4 23.79 26.87 -10.66
N ILE C 5 23.15 25.73 -10.91
CA ILE C 5 23.65 24.43 -10.44
C ILE C 5 23.65 23.42 -11.58
N ILE C 6 24.80 22.78 -11.81
CA ILE C 6 24.91 21.71 -12.78
C ILE C 6 25.36 20.46 -12.05
N LEU C 7 24.59 19.38 -12.22
CA LEU C 7 24.92 18.07 -11.69
C LEU C 7 25.26 17.19 -12.87
N ILE C 8 26.54 16.83 -12.99
CA ILE C 8 27.01 15.96 -14.06
C ILE C 8 27.25 14.57 -13.50
N VAL C 9 26.66 13.57 -14.13
CA VAL C 9 26.73 12.19 -13.65
C VAL C 9 27.14 11.23 -14.76
N ALA C 10 28.35 10.70 -14.64
CA ALA C 10 28.83 9.61 -15.48
C ALA C 10 28.23 8.30 -14.99
N ASP C 11 28.18 7.32 -15.86
CA ASP C 11 27.50 6.05 -15.62
C ASP C 11 28.58 4.97 -15.63
N ASP C 12 28.74 4.26 -14.52
CA ASP C 12 29.78 3.21 -14.34
C ASP C 12 31.23 3.72 -14.42
N LEU C 13 31.46 4.99 -14.05
CA LEU C 13 32.81 5.52 -14.03
C LEU C 13 33.61 4.98 -12.84
N GLY C 14 34.75 4.35 -13.14
CA GLY C 14 35.60 3.78 -12.09
C GLY C 14 36.26 4.84 -11.23
N TYR C 15 36.59 4.46 -9.99
CA TYR C 15 37.20 5.37 -9.01
C TYR C 15 38.50 6.00 -9.51
N ALA C 16 39.31 5.22 -10.23
CA ALA C 16 40.62 5.68 -10.72
C ALA C 16 40.66 6.01 -12.23
N ASP C 17 39.54 6.49 -12.77
CA ASP C 17 39.43 6.68 -14.22
C ASP C 17 39.27 8.14 -14.66
N VAL C 18 39.56 9.05 -13.74
CA VAL C 18 39.77 10.47 -14.06
C VAL C 18 41.09 10.92 -13.42
N GLY C 19 41.76 11.90 -14.06
CA GLY C 19 43.08 12.33 -13.64
C GLY C 19 43.15 12.75 -12.18
N PHE C 20 42.18 13.55 -11.75
CA PHE C 20 42.16 14.10 -10.39
C PHE C 20 41.91 13.08 -9.27
N ASN C 21 41.49 11.86 -9.62
CA ASN C 21 41.26 10.79 -8.63
C ASN C 21 42.25 9.62 -8.85
N GLY C 22 43.39 9.93 -9.49
CA GLY C 22 44.57 9.05 -9.50
C GLY C 22 44.85 8.26 -10.77
N SER C 23 44.18 8.59 -11.88
CA SER C 23 44.33 7.81 -13.10
C SER C 23 45.72 8.00 -13.68
N LYS C 24 46.48 6.92 -13.79
CA LYS C 24 47.79 6.96 -14.42
C LYS C 24 47.71 6.79 -15.96
N ASP C 25 46.59 6.29 -16.51
CA ASP C 25 46.50 6.00 -17.96
C ASP C 25 45.44 6.79 -18.77
N ILE C 26 44.24 6.98 -18.21
CA ILE C 26 43.22 7.81 -18.85
C ILE C 26 43.49 9.27 -18.54
N ILE C 27 43.33 10.14 -19.53
CA ILE C 27 43.69 11.55 -19.39
C ILE C 27 42.45 12.42 -19.58
N THR C 28 42.15 13.24 -18.58
CA THR C 28 40.91 14.02 -18.49
C THR C 28 41.21 15.46 -18.06
N PRO C 29 41.80 16.26 -18.97
CA PRO C 29 42.27 17.60 -18.62
C PRO C 29 41.19 18.62 -18.28
N ASN C 30 40.08 18.63 -19.02
CA ASN C 30 38.99 19.60 -18.75
C ASN C 30 38.25 19.36 -17.44
N ILE C 31 38.03 18.08 -17.10
CA ILE C 31 37.52 17.67 -15.79
C ILE C 31 38.55 17.96 -14.70
N ASP C 32 39.82 17.64 -14.95
CA ASP C 32 40.92 17.98 -14.04
C ASP C 32 41.02 19.50 -13.77
N ASP C 33 40.73 20.35 -14.77
CA ASP C 33 40.73 21.82 -14.56
C ASP C 33 39.75 22.23 -13.47
N LEU C 34 38.55 21.67 -13.53
CA LEU C 34 37.52 21.93 -12.54
C LEU C 34 37.98 21.47 -11.16
N ALA C 35 38.64 20.31 -11.10
CA ALA C 35 39.23 19.86 -9.85
C ALA C 35 40.31 20.82 -9.36
N LYS C 36 41.27 21.17 -10.21
CA LYS C 36 42.43 22.01 -9.83
C LYS C 36 41.98 23.36 -9.26
N SER C 37 40.94 23.96 -9.84
CA SER C 37 40.38 25.23 -9.38
C SER C 37 39.10 25.04 -8.57
N GLY C 38 38.98 23.90 -7.89
CA GLY C 38 37.82 23.58 -7.04
C GLY C 38 38.23 22.56 -5.99
N THR C 39 37.26 21.85 -5.43
CA THR C 39 37.51 20.86 -4.38
C THR C 39 36.99 19.50 -4.83
N SER C 40 37.83 18.48 -4.73
CA SER C 40 37.47 17.09 -4.99
C SER C 40 37.21 16.39 -3.65
N PHE C 41 36.55 15.23 -3.70
CA PHE C 41 36.11 14.53 -2.48
C PHE C 41 36.65 13.11 -2.46
N SER C 42 37.47 12.82 -1.46
CA SER C 42 38.10 11.50 -1.35
C SER C 42 37.18 10.47 -0.67
N ASP C 43 36.09 10.93 -0.04
CA ASP C 43 35.17 10.04 0.68
C ASP C 43 33.73 10.33 0.27
N ALA C 44 33.45 10.21 -1.02
CA ALA C 44 32.13 10.54 -1.57
C ALA C 44 31.35 9.27 -1.95
N TYR C 45 30.14 9.14 -1.41
CA TYR C 45 29.35 7.91 -1.53
C TYR C 45 27.97 8.11 -2.16
N VAL C 46 27.64 7.32 -3.17
CA VAL C 46 26.26 7.26 -3.67
C VAL C 46 25.43 6.38 -2.75
N ALA C 47 24.11 6.48 -2.89
CA ALA C 47 23.18 5.81 -1.97
C ALA C 47 22.96 4.32 -2.25
N HIS C 48 23.42 3.84 -3.39
CA HIS C 48 23.24 2.44 -3.77
C HIS C 48 24.24 2.08 -4.87
N PRO C 49 24.78 0.86 -4.85
CA PRO C 49 25.90 0.59 -5.74
C PRO C 49 25.56 0.29 -7.20
N PHE C 50 24.36 0.66 -7.66
CA PHE C 50 24.07 0.69 -9.08
C PHE C 50 22.96 1.70 -9.44
N SER C 51 22.69 1.82 -10.75
CA SER C 51 22.10 3.02 -11.37
C SER C 51 20.76 3.53 -10.87
N GLY C 52 19.70 2.76 -11.13
CA GLY C 52 18.32 3.21 -10.92
C GLY C 52 18.12 3.75 -9.52
N PRO C 53 18.38 2.90 -8.50
CA PRO C 53 18.27 3.33 -7.10
C PRO C 53 19.17 4.52 -6.74
N SER C 54 20.40 4.55 -7.26
CA SER C 54 21.30 5.67 -6.97
C SER C 54 20.78 6.98 -7.51
N ARG C 55 20.21 6.91 -8.72
CA ARG C 55 19.65 8.09 -9.38
C ARG C 55 18.36 8.52 -8.71
N ALA C 56 17.48 7.57 -8.42
CA ALA C 56 16.31 7.86 -7.59
C ALA C 56 16.69 8.62 -6.32
N ALA C 57 17.77 8.21 -5.68
CA ALA C 57 18.25 8.84 -4.45
C ALA C 57 18.78 10.25 -4.66
N LEU C 58 19.47 10.48 -5.77
CA LEU C 58 19.95 11.81 -6.10
C LEU C 58 18.81 12.82 -6.19
N MET C 59 17.78 12.43 -6.93
CA MET C 59 16.67 13.31 -7.23
C MET C 59 15.75 13.52 -6.05
N THR C 60 15.54 12.48 -5.25
CA THR C 60 14.56 12.54 -4.17
C THR C 60 15.15 12.95 -2.83
N GLY C 61 16.45 12.74 -2.66
CA GLY C 61 17.12 13.00 -1.40
C GLY C 61 16.85 11.95 -0.34
N ARG C 62 16.35 10.79 -0.77
CA ARG C 62 15.97 9.70 0.12
C ARG C 62 16.62 8.42 -0.33
N TYR C 63 16.97 7.54 0.62
CA TYR C 63 17.45 6.21 0.27
C TYR C 63 16.39 5.53 -0.56
N PRO C 64 16.78 4.90 -1.68
CA PRO C 64 15.81 4.30 -2.57
C PRO C 64 14.89 3.27 -1.88
N HIS C 65 15.41 2.61 -0.83
CA HIS C 65 14.66 1.61 -0.07
C HIS C 65 13.38 2.21 0.55
N LYS C 66 13.44 3.47 0.97
CA LYS C 66 12.30 4.15 1.59
C LYS C 66 11.12 4.36 0.65
N ILE C 67 11.39 4.34 -0.66
CA ILE C 67 10.38 4.65 -1.69
C ILE C 67 10.18 3.49 -2.69
N GLY C 68 10.53 2.28 -2.29
CA GLY C 68 10.28 1.09 -3.09
C GLY C 68 11.08 0.96 -4.38
N SER C 69 12.22 1.67 -4.44
CA SER C 69 13.03 1.80 -5.66
C SER C 69 14.42 1.16 -5.50
N GLN C 70 14.49 0.07 -4.74
CA GLN C 70 15.76 -0.62 -4.46
C GLN C 70 16.34 -1.36 -5.65
N PHE C 71 15.58 -1.47 -6.73
CA PHE C 71 16.03 -2.21 -7.90
C PHE C 71 15.92 -1.35 -9.15
N ASN C 72 16.69 -1.74 -10.18
CA ASN C 72 16.57 -1.16 -11.52
C ASN C 72 15.19 -1.54 -12.04
N LEU C 73 14.62 -0.68 -12.88
CA LEU C 73 13.33 -0.97 -13.51
C LEU C 73 13.47 -2.15 -14.45
N PRO C 74 12.36 -2.85 -14.75
CA PRO C 74 12.37 -3.95 -15.70
C PRO C 74 13.10 -3.61 -17.00
N THR C 75 14.05 -4.46 -17.38
CA THR C 75 14.91 -4.23 -18.54
C THR C 75 14.14 -4.18 -19.85
N ARG C 76 13.06 -4.94 -19.92
CA ARG C 76 12.28 -5.07 -21.16
C ARG C 76 11.05 -4.13 -21.15
N GLY C 77 11.00 -3.19 -20.21
CA GLY C 77 9.97 -2.16 -20.20
C GLY C 77 8.92 -2.40 -19.13
N SER C 78 8.28 -1.30 -18.74
CA SER C 78 7.29 -1.28 -17.68
C SER C 78 6.55 0.05 -17.63
N ASN C 79 5.48 0.05 -16.85
CA ASN C 79 4.63 1.21 -16.68
C ASN C 79 4.65 1.63 -15.19
N VAL C 80 5.81 1.50 -14.55
CA VAL C 80 6.00 1.92 -13.15
C VAL C 80 7.27 2.77 -13.04
N GLY C 81 7.49 3.41 -11.91
CA GLY C 81 8.65 4.26 -11.72
C GLY C 81 8.80 4.88 -10.33
N VAL C 82 9.83 5.70 -10.19
CA VAL C 82 10.13 6.37 -8.92
C VAL C 82 8.86 7.10 -8.51
N PRO C 83 8.37 6.86 -7.27
CA PRO C 83 7.04 7.38 -6.96
C PRO C 83 6.91 8.91 -7.11
N THR C 84 5.72 9.36 -7.50
CA THR C 84 5.48 10.76 -7.81
C THR C 84 5.28 11.63 -6.57
N ASP C 85 5.04 11.01 -5.41
CA ASP C 85 4.84 11.77 -4.16
C ASP C 85 6.16 12.19 -3.48
N ALA C 86 7.31 11.67 -3.96
CA ALA C 86 8.62 12.20 -3.55
C ALA C 86 9.03 13.30 -4.54
N LYS C 87 8.93 14.55 -4.11
CA LYS C 87 9.26 15.69 -4.95
C LYS C 87 10.73 15.67 -5.34
N PHE C 88 10.98 15.70 -6.65
CA PHE C 88 12.34 15.75 -7.20
C PHE C 88 12.96 17.12 -6.93
N ILE C 89 14.29 17.17 -6.79
CA ILE C 89 15.01 18.42 -6.61
C ILE C 89 14.79 19.40 -7.76
N SER C 90 14.63 18.87 -8.96
CA SER C 90 14.29 19.65 -10.14
C SER C 90 12.96 20.36 -9.98
N LYS C 91 11.96 19.64 -9.47
CA LYS C 91 10.63 20.21 -9.21
C LYS C 91 10.72 21.35 -8.18
N LEU C 92 11.46 21.12 -7.08
CA LEU C 92 11.59 22.13 -6.04
C LEU C 92 12.24 23.39 -6.60
N LEU C 93 13.35 23.20 -7.31
CA LEU C 93 14.06 24.31 -7.91
C LEU C 93 13.19 25.06 -8.93
N ASN C 94 12.48 24.33 -9.79
CA ASN C 94 11.53 24.94 -10.74
C ASN C 94 10.49 25.80 -10.02
N GLU C 95 10.01 25.31 -8.88
CA GLU C 95 9.05 26.06 -8.05
C GLU C 95 9.65 27.30 -7.39
N ASN C 96 10.97 27.31 -7.19
CA ASN C 96 11.68 28.52 -6.72
C ASN C 96 12.42 29.22 -7.87
N ASN C 97 11.77 29.24 -9.04
CA ASN C 97 12.14 30.12 -10.15
C ASN C 97 13.38 29.70 -10.94
N TYR C 98 13.73 28.41 -10.94
CA TYR C 98 14.84 27.91 -11.77
C TYR C 98 14.37 27.38 -13.13
N PHE C 99 15.16 27.66 -14.15
CA PHE C 99 15.00 27.04 -15.46
C PHE C 99 15.66 25.66 -15.38
N THR C 100 14.89 24.60 -15.63
CA THR C 100 15.36 23.24 -15.38
C THR C 100 15.56 22.45 -16.66
N GLY C 101 16.64 21.67 -16.69
CA GLY C 101 16.95 20.81 -17.83
C GLY C 101 17.52 19.47 -17.40
N ALA C 102 17.11 18.41 -18.10
CA ALA C 102 17.68 17.07 -17.89
C ALA C 102 18.15 16.53 -19.22
N LEU C 103 19.33 15.93 -19.24
CA LEU C 103 19.92 15.43 -20.48
C LEU C 103 20.42 14.04 -20.30
N GLY C 104 20.19 13.19 -21.31
CA GLY C 104 20.77 11.87 -21.36
C GLY C 104 19.93 10.80 -20.68
N LYS C 105 20.59 10.04 -19.79
CA LYS C 105 19.97 8.88 -19.17
C LYS C 105 18.99 9.30 -18.08
N TRP C 106 17.85 8.61 -18.04
CA TRP C 106 16.81 8.83 -17.04
C TRP C 106 16.80 7.66 -16.07
N HIS C 107 16.30 6.51 -16.51
CA HIS C 107 16.24 5.24 -15.72
C HIS C 107 15.36 5.30 -14.48
N MET C 108 14.36 6.18 -14.51
CA MET C 108 13.45 6.43 -13.39
C MET C 108 11.95 6.42 -13.74
N GLY C 109 11.59 5.92 -14.94
CA GLY C 109 10.19 5.68 -15.36
C GLY C 109 9.82 6.21 -16.74
N ASP C 110 9.30 5.32 -17.60
CA ASP C 110 8.89 5.67 -18.99
C ASP C 110 7.51 6.37 -19.11
N THR C 111 6.62 6.21 -18.13
CA THR C 111 5.20 6.67 -18.28
C THR C 111 5.06 8.19 -18.17
N PRO C 112 3.92 8.75 -18.63
CA PRO C 112 3.75 10.22 -18.62
C PRO C 112 3.96 10.89 -17.27
N GLN C 113 3.41 10.31 -16.20
CA GLN C 113 3.53 10.88 -14.84
C GLN C 113 4.95 10.76 -14.25
N HIS C 114 5.74 9.78 -14.73
CA HIS C 114 7.13 9.58 -14.33
C HIS C 114 8.16 10.24 -15.28
N HIS C 115 7.68 10.86 -16.35
CA HIS C 115 8.51 11.47 -17.40
C HIS C 115 9.23 12.70 -16.84
N PRO C 116 10.46 13.00 -17.31
CA PRO C 116 11.19 14.20 -16.86
C PRO C 116 10.37 15.50 -16.85
N ASN C 117 9.58 15.73 -17.90
CA ASN C 117 8.73 16.95 -18.00
C ASN C 117 7.64 17.08 -16.93
N LYS C 118 7.28 15.99 -16.26
CA LYS C 118 6.40 16.04 -15.08
C LYS C 118 7.14 15.92 -13.74
N ARG C 119 8.43 15.58 -13.77
CA ARG C 119 9.29 15.68 -12.58
C ARG C 119 10.08 16.99 -12.52
N GLY C 120 9.50 18.08 -13.02
CA GLY C 120 10.04 19.42 -12.82
C GLY C 120 11.18 19.82 -13.72
N PHE C 121 11.28 19.18 -14.89
CA PHE C 121 12.29 19.54 -15.91
C PHE C 121 11.64 20.24 -17.10
N ASP C 122 11.95 21.53 -17.29
CA ASP C 122 11.39 22.29 -18.43
C ASP C 122 11.84 21.66 -19.75
N GLU C 123 13.16 21.43 -19.89
CA GLU C 123 13.76 20.80 -21.08
C GLU C 123 14.29 19.38 -20.76
N TYR C 124 14.06 18.44 -21.68
CA TYR C 124 14.70 17.12 -21.61
C TYR C 124 15.08 16.64 -22.99
N TYR C 125 16.31 16.16 -23.12
CA TYR C 125 16.81 15.54 -24.35
C TYR C 125 17.58 14.31 -23.95
N GLY C 126 17.15 13.13 -24.39
CA GLY C 126 17.83 11.89 -24.05
C GLY C 126 17.03 10.63 -24.35
N PHE C 127 17.34 9.59 -23.57
CA PHE C 127 16.72 8.26 -23.69
C PHE C 127 16.30 7.84 -22.28
N LEU C 128 15.12 7.25 -22.17
CA LEU C 128 14.45 7.08 -20.88
C LEU C 128 14.91 5.87 -20.05
N GLY C 129 15.50 4.87 -20.70
CA GLY C 129 15.85 3.59 -20.05
C GLY C 129 17.26 3.53 -19.49
N GLY C 130 17.83 2.33 -19.41
CA GLY C 130 19.09 2.09 -18.67
C GLY C 130 20.41 2.44 -19.35
N GLY C 131 20.37 2.63 -20.66
CA GLY C 131 21.56 3.03 -21.41
C GLY C 131 21.21 3.11 -22.88
N HIS C 132 22.22 3.25 -23.73
CA HIS C 132 21.98 3.40 -25.17
C HIS C 132 23.20 3.06 -26.01
N ASN C 133 22.96 2.55 -27.22
CA ASN C 133 24.02 2.42 -28.21
C ASN C 133 24.50 3.82 -28.57
N TYR C 134 25.79 3.94 -28.87
CA TYR C 134 26.44 5.24 -28.99
C TYR C 134 26.44 5.82 -30.40
N PHE C 135 26.33 4.98 -31.43
CA PHE C 135 26.45 5.43 -32.82
C PHE C 135 25.12 5.35 -33.57
N PRO C 136 24.51 6.51 -33.91
CA PRO C 136 23.29 6.52 -34.72
C PRO C 136 23.38 5.76 -36.04
N ASP C 137 24.55 5.77 -36.68
CA ASP C 137 24.74 4.99 -37.91
C ASP C 137 24.59 3.47 -37.70
N GLN C 138 24.89 2.97 -36.50
CA GLN C 138 24.63 1.55 -36.14
C GLN C 138 23.20 1.30 -35.67
N TYR C 139 22.71 2.13 -34.73
CA TYR C 139 21.44 1.82 -34.04
C TYR C 139 20.17 2.17 -34.80
N GLN C 140 20.17 3.23 -35.61
CA GLN C 140 18.97 3.65 -36.32
C GLN C 140 18.51 2.67 -37.42
N PRO C 141 19.46 2.05 -38.16
CA PRO C 141 19.04 0.99 -39.10
C PRO C 141 18.40 -0.23 -38.44
N GLN C 142 18.95 -0.70 -37.33
CA GLN C 142 18.36 -1.81 -36.57
C GLN C 142 16.95 -1.53 -36.07
N TYR C 143 16.73 -0.34 -35.50
CA TYR C 143 15.40 0.06 -35.00
C TYR C 143 14.38 0.11 -36.13
N LYS C 144 14.77 0.73 -37.25
CA LYS C 144 13.94 0.83 -38.45
C LYS C 144 13.57 -0.58 -38.99
N LYS C 145 14.54 -1.49 -39.04
CA LYS C 145 14.31 -2.89 -39.48
C LYS C 145 13.29 -3.58 -38.58
N GLN C 146 13.40 -3.39 -37.27
CA GLN C 146 12.51 -4.04 -36.30
C GLN C 146 11.12 -3.41 -36.22
N LYS C 147 11.02 -2.09 -36.37
CA LYS C 147 9.72 -1.44 -36.34
C LYS C 147 8.92 -1.83 -37.56
N ALA C 148 9.58 -1.96 -38.72
CA ALA C 148 8.93 -2.39 -39.95
C ALA C 148 8.47 -3.86 -39.91
N GLN C 149 9.15 -4.72 -39.15
CA GLN C 149 8.67 -6.09 -38.91
C GLN C 149 7.40 -6.14 -38.06
N GLY C 150 7.05 -5.04 -37.38
CA GLY C 150 5.85 -4.96 -36.55
C GLY C 150 6.07 -5.21 -35.07
N LEU C 151 7.33 -5.35 -34.66
CA LEU C 151 7.66 -5.62 -33.26
C LEU C 151 7.44 -4.37 -32.40
N LYS C 152 6.82 -4.59 -31.25
CA LYS C 152 6.50 -3.52 -30.30
C LYS C 152 7.48 -3.46 -29.10
N ASN C 153 8.06 -4.60 -28.73
CA ASN C 153 9.00 -4.66 -27.60
C ASN C 153 10.44 -4.64 -28.10
N ILE C 154 10.94 -3.44 -28.35
CA ILE C 154 12.27 -3.26 -28.90
C ILE C 154 13.23 -2.86 -27.79
N PHE C 155 14.39 -3.52 -27.77
CA PHE C 155 15.47 -3.25 -26.81
C PHE C 155 15.73 -1.75 -26.77
N GLU C 156 15.65 -1.15 -25.58
CA GLU C 156 15.60 0.31 -25.49
C GLU C 156 16.91 1.01 -25.93
N TYR C 157 18.02 0.25 -25.98
CA TYR C 157 19.33 0.80 -26.40
C TYR C 157 19.40 1.25 -27.87
N ILE C 158 18.47 0.80 -28.70
CA ILE C 158 18.42 1.22 -30.11
C ILE C 158 17.23 2.12 -30.47
N THR C 159 16.33 2.41 -29.53
CA THR C 159 15.18 3.27 -29.81
C THR C 159 15.61 4.71 -30.01
N PRO C 160 14.76 5.52 -30.67
CA PRO C 160 15.12 6.94 -30.89
C PRO C 160 15.26 7.70 -29.59
N LEU C 161 16.11 8.73 -29.60
CA LEU C 161 16.09 9.73 -28.53
C LEU C 161 14.88 10.63 -28.70
N GLU C 162 14.57 11.41 -27.68
CA GLU C 162 13.44 12.35 -27.72
C GLU C 162 13.85 13.70 -27.15
N HIS C 163 13.08 14.73 -27.54
CA HIS C 163 13.20 16.07 -26.98
C HIS C 163 11.81 16.46 -26.52
N ASN C 164 11.68 16.81 -25.25
CA ASN C 164 10.39 17.10 -24.61
C ASN C 164 9.23 16.29 -25.19
N GLY C 165 9.39 14.96 -25.24
CA GLY C 165 8.34 14.07 -25.67
C GLY C 165 8.29 13.70 -27.15
N LYS C 166 8.82 14.54 -28.04
CA LYS C 166 8.81 14.23 -29.50
C LYS C 166 10.11 13.55 -29.88
N GLU C 167 10.02 12.51 -30.71
CA GLU C 167 11.20 11.73 -31.15
C GLU C 167 12.10 12.55 -32.06
N VAL C 168 13.39 12.24 -32.04
CA VAL C 168 14.38 12.89 -32.91
C VAL C 168 15.27 11.86 -33.61
N LYS C 169 16.00 12.34 -34.62
CA LYS C 169 16.94 11.54 -35.41
C LYS C 169 18.33 12.11 -35.14
N GLU C 170 18.98 11.54 -34.14
CA GLU C 170 20.26 12.04 -33.67
C GLU C 170 21.35 11.72 -34.72
N THR C 171 22.26 12.67 -34.93
CA THR C 171 23.33 12.53 -35.92
C THR C 171 24.72 12.24 -35.33
N GLN C 172 24.96 12.58 -34.07
CA GLN C 172 26.30 12.43 -33.48
C GLN C 172 26.43 11.24 -32.52
N TYR C 173 27.68 10.83 -32.29
CA TYR C 173 28.07 9.96 -31.17
C TYR C 173 27.41 10.51 -29.92
N ILE C 174 26.76 9.65 -29.15
CA ILE C 174 25.82 10.11 -28.11
C ILE C 174 26.49 11.01 -27.07
N THR C 175 27.71 10.68 -26.65
CA THR C 175 28.40 11.49 -25.67
C THR C 175 28.54 12.94 -26.17
N ASP C 176 28.90 13.11 -27.44
CA ASP C 176 28.99 14.44 -28.07
C ASP C 176 27.62 15.12 -28.24
N ALA C 177 26.60 14.33 -28.57
CA ALA C 177 25.21 14.82 -28.72
C ALA C 177 24.70 15.48 -27.45
N LEU C 178 24.91 14.78 -26.33
CA LEU C 178 24.49 15.26 -25.03
C LEU C 178 25.29 16.47 -24.62
N SER C 179 26.59 16.47 -24.96
CA SER C 179 27.44 17.64 -24.73
C SER C 179 26.97 18.86 -25.52
N ARG C 180 26.55 18.63 -26.76
CA ARG C 180 26.02 19.69 -27.59
C ARG C 180 24.77 20.29 -27.00
N GLU C 181 23.89 19.43 -26.49
CA GLU C 181 22.64 19.89 -25.92
C GLU C 181 22.83 20.56 -24.55
N ALA C 182 23.85 20.15 -23.81
CA ALA C 182 24.26 20.87 -22.60
C ALA C 182 24.67 22.31 -22.91
N VAL C 183 25.38 22.52 -24.03
CA VAL C 183 25.71 23.86 -24.49
C VAL C 183 24.42 24.60 -24.85
N ASN C 184 23.57 23.97 -25.67
CA ASN C 184 22.29 24.57 -26.08
C ASN C 184 21.44 24.97 -24.90
N PHE C 185 21.46 24.17 -23.83
CA PHE C 185 20.66 24.45 -22.64
C PHE C 185 21.13 25.72 -21.94
N VAL C 186 22.43 25.78 -21.62
CA VAL C 186 22.97 26.96 -20.93
C VAL C 186 22.86 28.22 -21.78
N ASP C 187 22.93 28.06 -23.11
CA ASP C 187 22.73 29.18 -24.04
C ASP C 187 21.29 29.69 -24.01
N LYS C 188 20.32 28.77 -24.09
CA LYS C 188 18.89 29.11 -23.94
C LYS C 188 18.65 29.84 -22.61
N ALA C 189 19.37 29.43 -21.56
CA ALA C 189 19.23 30.00 -20.22
C ALA C 189 19.70 31.45 -20.05
N VAL C 190 20.54 31.95 -20.95
CA VAL C 190 21.05 33.34 -20.83
C VAL C 190 19.90 34.33 -20.99
N ASN C 191 18.96 34.01 -21.89
CA ASN C 191 17.86 34.90 -22.27
C ASN C 191 16.68 34.83 -21.29
N LYS C 192 16.97 34.76 -19.99
CA LYS C 192 15.94 34.66 -18.93
C LYS C 192 16.45 35.34 -17.68
N LYS C 193 15.56 35.98 -16.93
CA LYS C 193 15.91 36.54 -15.63
C LYS C 193 16.19 35.47 -14.56
N HIS C 194 15.82 34.21 -14.84
CA HIS C 194 15.96 33.11 -13.88
C HIS C 194 17.37 32.50 -13.85
N PRO C 195 17.83 31.99 -12.68
CA PRO C 195 18.98 31.03 -12.68
C PRO C 195 18.55 29.64 -13.15
N PHE C 196 19.50 28.72 -13.33
CA PHE C 196 19.20 27.45 -14.00
C PHE C 196 19.79 26.24 -13.29
N PHE C 197 19.11 25.11 -13.45
CA PHE C 197 19.56 23.80 -12.97
C PHE C 197 19.65 22.84 -14.14
N LEU C 198 20.78 22.13 -14.23
CA LEU C 198 21.02 21.18 -15.32
C LEU C 198 21.51 19.86 -14.77
N TYR C 199 20.75 18.79 -15.04
CA TYR C 199 21.14 17.43 -14.71
C TYR C 199 21.64 16.75 -15.99
N LEU C 200 22.95 16.67 -16.15
CA LEU C 200 23.60 16.07 -17.31
C LEU C 200 23.97 14.65 -16.98
N ALA C 201 23.19 13.70 -17.50
CA ALA C 201 23.35 12.28 -17.21
C ALA C 201 23.97 11.53 -18.40
N TYR C 202 25.29 11.62 -18.51
CA TYR C 202 26.03 10.85 -19.53
C TYR C 202 25.78 9.38 -19.29
N ASN C 203 25.63 8.63 -20.38
CA ASN C 203 25.66 7.16 -20.27
C ASN C 203 27.07 6.58 -20.34
N ALA C 204 28.07 7.38 -20.71
CA ALA C 204 29.47 6.90 -20.73
C ALA C 204 30.02 6.82 -19.30
N PRO C 205 30.89 5.86 -18.96
CA PRO C 205 31.44 4.83 -19.86
C PRO C 205 30.75 3.47 -19.73
N HIS C 206 29.42 3.49 -19.63
CA HIS C 206 28.60 2.29 -19.46
C HIS C 206 28.58 1.53 -20.77
N THR C 207 28.36 0.23 -20.67
CA THR C 207 28.27 -0.64 -21.83
C THR C 207 27.12 -0.17 -22.74
N PRO C 208 27.15 -0.47 -24.03
CA PRO C 208 28.20 -1.25 -24.69
C PRO C 208 29.46 -0.42 -24.97
N LEU C 209 30.62 -1.07 -24.94
CA LEU C 209 31.89 -0.37 -25.11
C LEU C 209 32.07 0.07 -26.57
N GLN C 210 31.72 1.33 -26.83
CA GLN C 210 31.77 1.92 -28.16
C GLN C 210 32.37 3.32 -28.09
N ALA C 211 33.45 3.56 -28.82
CA ALA C 211 34.17 4.85 -28.81
C ALA C 211 34.49 5.29 -30.21
N LYS C 212 34.69 6.60 -30.37
CA LYS C 212 35.18 7.16 -31.64
C LYS C 212 36.65 6.78 -31.88
N ASP C 213 37.01 6.46 -33.12
CA ASP C 213 38.40 6.14 -33.45
C ASP C 213 39.36 7.26 -33.03
N GLU C 214 38.92 8.50 -33.22
CA GLU C 214 39.73 9.67 -32.88
C GLU C 214 40.09 9.73 -31.39
N ASP C 215 39.17 9.32 -30.52
CA ASP C 215 39.39 9.32 -29.07
C ASP C 215 40.33 8.19 -28.68
N MET C 216 40.09 6.99 -29.21
CA MET C 216 40.95 5.84 -28.93
C MET C 216 42.40 6.05 -29.36
N ALA C 217 42.59 6.82 -30.44
CA ALA C 217 43.93 7.15 -30.95
C ALA C 217 44.80 7.90 -29.95
N MET C 218 44.16 8.61 -29.01
CA MET C 218 44.86 9.30 -27.92
C MET C 218 45.48 8.37 -26.84
N PHE C 219 45.18 7.07 -26.88
CA PHE C 219 45.67 6.13 -25.88
C PHE C 219 46.36 4.94 -26.53
N PRO C 220 47.44 5.22 -27.30
CA PRO C 220 48.14 4.15 -28.00
C PRO C 220 48.91 3.20 -27.07
N ASN C 221 49.26 3.64 -25.86
CA ASN C 221 49.96 2.76 -24.92
C ASN C 221 49.05 1.76 -24.19
N ILE C 222 47.75 1.94 -24.28
CA ILE C 222 46.81 1.03 -23.62
C ILE C 222 46.63 -0.20 -24.52
N LYS C 223 47.26 -1.31 -24.12
CA LYS C 223 47.33 -2.54 -24.90
C LYS C 223 46.04 -3.36 -24.86
N ASN C 224 45.35 -3.38 -23.71
CA ASN C 224 44.06 -4.09 -23.58
C ASN C 224 42.95 -3.43 -24.42
N LYS C 225 42.24 -4.21 -25.24
CA LYS C 225 41.24 -3.66 -26.18
C LYS C 225 40.07 -2.96 -25.47
N ASP C 226 39.50 -3.62 -24.46
CA ASP C 226 38.36 -3.05 -23.73
C ASP C 226 38.73 -1.78 -22.96
N ARG C 227 39.91 -1.76 -22.36
CA ARG C 227 40.38 -0.60 -21.60
C ARG C 227 40.62 0.60 -22.51
N LYS C 228 41.13 0.34 -23.71
CA LYS C 228 41.42 1.40 -24.68
C LYS C 228 40.10 2.04 -25.12
N THR C 229 39.12 1.20 -25.43
CA THR C 229 37.79 1.68 -25.83
C THR C 229 37.18 2.49 -24.68
N TYR C 230 37.14 1.89 -23.51
CA TYR C 230 36.71 2.57 -22.28
C TYR C 230 37.37 3.93 -22.14
N ALA C 231 38.69 3.99 -22.31
CA ALA C 231 39.43 5.25 -22.17
C ALA C 231 38.91 6.31 -23.16
N GLY C 232 38.69 5.90 -24.40
CA GLY C 232 38.13 6.79 -25.40
C GLY C 232 36.75 7.32 -25.04
N MET C 233 35.94 6.46 -24.44
CA MET C 233 34.61 6.85 -23.98
C MET C 233 34.70 7.94 -22.92
N VAL C 234 35.64 7.77 -21.99
CA VAL C 234 35.85 8.74 -20.92
C VAL C 234 36.43 10.07 -21.43
N TYR C 235 37.37 9.99 -22.38
CA TYR C 235 37.91 11.20 -23.02
C TYR C 235 36.82 12.00 -23.74
N ALA C 236 35.88 11.28 -24.37
CA ALA C 236 34.73 11.94 -25.02
C ALA C 236 33.88 12.75 -24.02
N VAL C 237 33.74 12.23 -22.81
CA VAL C 237 33.03 12.96 -21.74
C VAL C 237 33.84 14.21 -21.42
N ASP C 238 35.16 14.04 -21.28
CA ASP C 238 36.03 15.18 -20.97
C ASP C 238 35.94 16.29 -22.02
N ARG C 239 35.92 15.92 -23.30
CA ARG C 239 35.73 16.91 -24.35
C ARG C 239 34.42 17.69 -24.15
N GLY C 240 33.34 16.96 -23.86
CA GLY C 240 32.05 17.54 -23.52
C GLY C 240 32.07 18.53 -22.37
N VAL C 241 32.74 18.16 -21.28
CA VAL C 241 32.85 19.02 -20.11
C VAL C 241 33.58 20.30 -20.49
N GLY C 242 34.66 20.17 -21.26
CA GLY C 242 35.40 21.34 -21.78
C GLY C 242 34.58 22.26 -22.66
N LYS C 243 33.75 21.65 -23.50
CA LYS C 243 32.83 22.38 -24.38
C LYS C 243 31.74 23.11 -23.59
N LEU C 244 31.20 22.47 -22.57
CA LEU C 244 30.25 23.10 -21.65
C LEU C 244 30.91 24.26 -20.91
N VAL C 245 32.09 24.01 -20.35
CA VAL C 245 32.86 25.03 -19.61
C VAL C 245 33.08 26.30 -20.46
N GLU C 246 33.45 26.12 -21.74
CA GLU C 246 33.62 27.27 -22.65
C GLU C 246 32.32 28.07 -22.77
N ALA C 247 31.21 27.38 -23.06
CA ALA C 247 29.91 28.02 -23.18
C ALA C 247 29.52 28.78 -21.92
N LEU C 248 29.83 28.22 -20.75
CA LEU C 248 29.59 28.90 -19.47
C LEU C 248 30.40 30.19 -19.35
N LYS C 249 31.68 30.13 -19.71
CA LYS C 249 32.56 31.32 -19.71
C LYS C 249 32.08 32.38 -20.72
N LYS C 250 31.79 31.92 -21.94
CA LYS C 250 31.22 32.77 -23.00
C LYS C 250 30.00 33.55 -22.50
N ASN C 251 29.16 32.93 -21.68
CA ASN C 251 27.91 33.56 -21.19
C ASN C 251 28.01 34.26 -19.82
N ASN C 252 29.23 34.43 -19.27
CA ASN C 252 29.42 34.88 -17.88
C ASN C 252 28.56 34.12 -16.88
N GLN C 253 28.46 32.81 -17.09
CA GLN C 253 27.75 31.90 -16.18
C GLN C 253 28.74 31.17 -15.26
N TYR C 254 29.94 30.90 -15.75
CA TYR C 254 30.96 30.11 -15.04
C TYR C 254 31.15 30.48 -13.59
N ASP C 255 31.20 31.78 -13.32
CA ASP C 255 31.56 32.26 -11.99
C ASP C 255 30.48 32.08 -10.93
N ASN C 256 29.19 32.14 -11.32
CA ASN C 256 28.09 31.91 -10.37
C ASN C 256 27.36 30.60 -10.67
N THR C 257 28.13 29.55 -11.00
CA THR C 257 27.60 28.22 -11.22
C THR C 257 28.36 27.19 -10.41
N LEU C 258 27.63 26.48 -9.54
CA LEU C 258 28.14 25.30 -8.85
C LEU C 258 28.04 24.12 -9.79
N ILE C 259 29.19 23.55 -10.13
CA ILE C 259 29.24 22.33 -10.92
C ILE C 259 29.62 21.19 -10.00
N VAL C 260 28.82 20.14 -10.03
CA VAL C 260 29.16 18.87 -9.40
C VAL C 260 29.40 17.84 -10.52
N PHE C 261 30.51 17.11 -10.44
CA PHE C 261 30.80 16.01 -11.36
C PHE C 261 31.01 14.79 -10.50
N MET C 262 30.35 13.68 -10.87
CA MET C 262 30.43 12.43 -10.11
C MET C 262 30.02 11.23 -10.97
N SER C 263 30.11 10.03 -10.40
CA SER C 263 29.57 8.80 -11.00
C SER C 263 28.29 8.37 -10.28
N ASP C 264 27.47 7.57 -10.95
CA ASP C 264 26.25 7.02 -10.35
C ASP C 264 26.56 5.82 -9.45
N ASN C 265 27.63 5.11 -9.76
CA ASN C 265 28.08 3.96 -8.98
C ASN C 265 29.55 3.65 -9.32
N GLY C 266 30.11 2.61 -8.72
CA GLY C 266 31.47 2.17 -9.02
C GLY C 266 31.65 1.57 -10.40
N GLY C 267 32.91 1.44 -10.82
CA GLY C 267 33.23 0.93 -12.15
C GLY C 267 33.07 -0.58 -12.19
N LYS C 268 32.71 -1.11 -13.37
CA LYS C 268 32.63 -2.56 -13.53
C LYS C 268 33.92 -3.08 -14.14
N LEU C 269 34.68 -3.86 -13.38
CA LEU C 269 36.01 -4.31 -13.81
C LEU C 269 36.00 -5.14 -15.10
N SER C 270 34.96 -5.94 -15.32
CA SER C 270 34.86 -6.75 -16.54
C SER C 270 34.54 -5.92 -17.80
N LYS C 271 34.11 -4.67 -17.63
CA LYS C 271 33.80 -3.76 -18.76
C LYS C 271 34.69 -2.51 -18.78
N GLY C 272 35.99 -2.71 -18.59
CA GLY C 272 36.99 -1.68 -18.84
C GLY C 272 37.45 -0.80 -17.69
N ALA C 273 36.74 -0.80 -16.58
CA ALA C 273 36.97 0.16 -15.50
C ALA C 273 38.10 -0.23 -14.54
N ASN C 274 38.54 0.76 -13.74
CA ASN C 274 39.54 0.59 -12.66
C ASN C 274 39.12 1.38 -11.42
N ASN C 275 39.00 0.70 -10.29
CA ASN C 275 38.57 1.32 -9.03
C ASN C 275 39.70 1.43 -7.98
N PHE C 276 40.95 1.48 -8.41
CA PHE C 276 42.10 1.59 -7.50
C PHE C 276 41.95 2.83 -6.58
N PRO C 277 42.16 2.70 -5.26
CA PRO C 277 42.65 1.49 -4.57
C PRO C 277 41.52 0.66 -3.91
N LEU C 278 40.29 0.83 -4.36
CA LEU C 278 39.14 0.24 -3.70
C LEU C 278 38.96 -1.22 -4.10
N LYS C 279 38.35 -1.99 -3.22
CA LYS C 279 38.09 -3.40 -3.47
C LYS C 279 36.82 -3.57 -4.28
N ALA C 280 36.80 -4.56 -5.17
CA ALA C 280 35.62 -4.90 -5.97
C ALA C 280 35.17 -3.74 -6.86
N GLY C 281 33.90 -3.72 -7.25
CA GLY C 281 33.38 -2.65 -8.12
C GLY C 281 31.87 -2.61 -8.15
N LYS C 282 31.33 -2.23 -9.30
CA LYS C 282 29.88 -2.01 -9.48
C LYS C 282 29.02 -3.03 -8.74
N GLY C 283 28.02 -2.53 -8.01
CA GLY C 283 27.03 -3.40 -7.34
C GLY C 283 27.42 -3.93 -5.97
N SER C 284 28.69 -3.78 -5.56
CA SER C 284 29.19 -4.34 -4.32
C SER C 284 28.98 -3.35 -3.17
N THR C 285 28.86 -3.87 -1.95
CA THR C 285 28.90 -3.04 -0.76
C THR C 285 30.32 -2.89 -0.24
N GLN C 286 31.30 -3.50 -0.92
CA GLN C 286 32.70 -3.11 -0.71
C GLN C 286 32.80 -1.64 -1.21
N GLU C 287 33.84 -0.92 -0.81
CA GLU C 287 33.98 0.48 -1.21
C GLU C 287 33.89 0.69 -2.72
N GLY C 288 34.44 -0.25 -3.49
CA GLY C 288 34.48 -0.13 -4.94
C GLY C 288 33.15 0.07 -5.62
N GLY C 289 32.08 -0.44 -5.02
CA GLY C 289 30.74 -0.34 -5.57
C GLY C 289 29.96 0.94 -5.34
N PHE C 290 30.22 1.65 -4.25
CA PHE C 290 29.47 2.89 -3.99
C PHE C 290 30.27 4.12 -3.52
N ARG C 291 31.59 4.04 -3.50
CA ARG C 291 32.45 5.20 -3.29
C ARG C 291 32.92 5.65 -4.67
N VAL C 292 32.66 6.92 -4.99
CA VAL C 292 32.83 7.42 -6.36
C VAL C 292 33.62 8.72 -6.38
N PRO C 293 34.19 9.07 -7.56
CA PRO C 293 34.85 10.37 -7.66
C PRO C 293 33.83 11.48 -7.60
N MET C 294 34.21 12.61 -7.03
CA MET C 294 33.34 13.77 -7.04
C MET C 294 34.17 15.04 -6.88
N LEU C 295 33.75 16.08 -7.57
CA LEU C 295 34.29 17.41 -7.35
C LEU C 295 33.18 18.45 -7.34
N PHE C 296 33.38 19.50 -6.55
CA PHE C 296 32.58 20.72 -6.60
C PHE C 296 33.45 21.80 -7.25
N HIS C 297 32.82 22.69 -8.01
CA HIS C 297 33.49 23.86 -8.58
C HIS C 297 32.55 25.05 -8.60
N TRP C 298 32.97 26.14 -7.96
CA TRP C 298 32.16 27.35 -7.82
C TRP C 298 33.11 28.47 -7.34
N PRO C 299 33.59 29.32 -8.26
CA PRO C 299 34.66 30.26 -7.88
C PRO C 299 34.26 31.25 -6.79
N LYS C 300 35.22 31.57 -5.92
CA LYS C 300 35.03 32.46 -4.76
C LYS C 300 34.03 31.91 -3.71
N HIS C 301 33.74 30.61 -3.76
CA HIS C 301 32.76 29.94 -2.87
C HIS C 301 33.30 28.58 -2.44
N VAL C 302 33.54 27.71 -3.41
CA VAL C 302 34.24 26.45 -3.21
C VAL C 302 35.73 26.73 -3.24
N PRO C 303 36.47 26.35 -2.17
CA PRO C 303 37.93 26.53 -2.18
C PRO C 303 38.57 25.98 -3.45
N ALA C 304 39.57 26.68 -3.97
CA ALA C 304 40.33 26.25 -5.14
C ALA C 304 41.52 25.37 -4.74
N GLY C 305 41.60 24.18 -5.34
CA GLY C 305 42.76 23.28 -5.18
C GLY C 305 42.79 22.39 -3.94
N LYS C 306 41.64 22.21 -3.28
CA LYS C 306 41.56 21.43 -2.05
C LYS C 306 41.06 20.02 -2.30
N ARG C 307 41.29 19.15 -1.33
CA ARG C 307 40.74 17.80 -1.32
C ARG C 307 40.06 17.55 0.04
N PHE C 308 38.74 17.43 0.01
CA PHE C 308 37.92 17.27 1.21
C PHE C 308 37.86 15.80 1.62
N SER C 309 38.33 15.50 2.83
CA SER C 309 38.59 14.11 3.27
C SER C 309 37.51 13.49 4.19
N HIS C 310 36.43 14.22 4.47
CA HIS C 310 35.34 13.70 5.29
C HIS C 310 34.20 13.16 4.40
N PRO C 311 33.40 12.20 4.93
CA PRO C 311 32.30 11.59 4.18
C PRO C 311 31.25 12.56 3.63
N VAL C 312 30.79 12.32 2.40
CA VAL C 312 29.68 13.04 1.81
C VAL C 312 28.80 12.04 1.07
N SER C 313 27.49 12.18 1.20
CA SER C 313 26.51 11.30 0.54
C SER C 313 25.87 12.03 -0.62
N ALA C 314 25.56 11.30 -1.68
CA ALA C 314 24.72 11.82 -2.78
C ALA C 314 23.38 12.37 -2.26
N LEU C 315 22.90 11.79 -1.17
CA LEU C 315 21.69 12.27 -0.46
C LEU C 315 21.76 13.72 0.02
N ASP C 316 22.98 14.20 0.27
CA ASP C 316 23.22 15.56 0.74
C ASP C 316 22.96 16.61 -0.33
N LEU C 317 23.09 16.22 -1.60
CA LEU C 317 22.93 17.15 -2.71
C LEU C 317 21.57 17.84 -2.72
N TYR C 318 20.51 17.09 -2.44
CA TYR C 318 19.16 17.67 -2.40
C TYR C 318 19.05 18.86 -1.43
N PRO C 319 19.19 18.64 -0.09
CA PRO C 319 19.07 19.79 0.82
C PRO C 319 20.18 20.85 0.66
N THR C 320 21.38 20.43 0.26
CA THR C 320 22.47 21.36 -0.04
C THR C 320 22.14 22.30 -1.21
N PHE C 321 21.72 21.74 -2.35
CA PHE C 321 21.26 22.58 -3.48
C PHE C 321 20.10 23.49 -3.06
N ALA C 322 19.17 22.95 -2.27
CA ALA C 322 17.99 23.69 -1.85
C ALA C 322 18.37 24.89 -0.99
N ALA C 323 19.31 24.69 -0.07
CA ALA C 323 19.78 25.76 0.81
C ALA C 323 20.48 26.87 0.04
N LEU C 324 21.30 26.48 -0.95
CA LEU C 324 21.99 27.43 -1.81
C LEU C 324 21.04 28.21 -2.71
N ALA C 325 19.96 27.56 -3.14
CA ALA C 325 18.94 28.20 -3.98
C ALA C 325 17.93 29.03 -3.17
N GLY C 326 17.98 28.94 -1.83
CA GLY C 326 16.99 29.56 -0.96
C GLY C 326 15.60 28.94 -1.07
N ALA C 327 15.54 27.63 -1.37
CA ALA C 327 14.28 26.91 -1.49
C ALA C 327 13.96 26.20 -0.18
N LYS C 328 12.72 26.37 0.31
CA LYS C 328 12.30 25.79 1.59
C LYS C 328 12.08 24.28 1.42
N VAL C 329 12.43 23.55 2.48
CA VAL C 329 12.26 22.10 2.55
C VAL C 329 11.33 21.79 3.73
N GLU C 330 10.42 20.84 3.53
CA GLU C 330 9.40 20.48 4.54
C GLU C 330 9.75 19.17 5.27
N GLU C 331 9.39 19.06 6.55
CA GLU C 331 9.63 17.84 7.37
C GLU C 331 8.94 16.58 6.80
N ASN C 332 7.78 16.77 6.19
CA ASN C 332 7.05 15.68 5.52
C ASN C 332 7.74 15.06 4.28
N GLN C 333 8.76 15.70 3.74
CA GLN C 333 9.54 15.12 2.62
C GLN C 333 10.48 13.97 3.05
N HIS C 334 10.77 13.85 4.35
CA HIS C 334 11.59 12.76 4.91
C HIS C 334 12.96 12.63 4.23
N LEU C 335 13.67 13.75 4.12
CA LEU C 335 14.99 13.74 3.49
C LEU C 335 15.95 12.99 4.38
N ASP C 336 16.77 12.14 3.76
CA ASP C 336 17.72 11.29 4.48
C ASP C 336 19.15 11.84 4.48
N GLY C 337 19.44 12.85 3.65
CA GLY C 337 20.76 13.52 3.68
C GLY C 337 20.81 14.71 4.62
N THR C 338 21.88 15.48 4.54
CA THR C 338 22.02 16.76 5.28
C THR C 338 22.57 17.86 4.36
N ASN C 339 22.18 19.10 4.62
CA ASN C 339 22.83 20.26 4.00
C ASN C 339 24.27 20.27 4.49
N MET C 340 25.21 19.94 3.61
CA MET C 340 26.60 19.75 3.99
C MET C 340 27.48 21.01 3.91
N TRP C 341 26.93 22.10 3.38
CA TRP C 341 27.71 23.30 3.12
C TRP C 341 28.33 23.94 4.39
N PRO C 342 27.56 24.07 5.49
CA PRO C 342 28.14 24.67 6.70
C PRO C 342 29.35 23.91 7.25
N ALA C 343 29.25 22.59 7.30
CA ALA C 343 30.37 21.74 7.69
C ALA C 343 31.49 21.74 6.65
N PHE C 344 31.12 21.76 5.37
CA PHE C 344 32.10 21.78 4.27
C PHE C 344 33.04 23.00 4.36
N ILE C 345 32.45 24.18 4.55
CA ILE C 345 33.19 25.44 4.66
C ILE C 345 34.12 25.51 5.88
N LYS C 346 33.78 24.79 6.95
CA LYS C 346 34.63 24.72 8.15
C LYS C 346 35.56 23.49 8.14
N ASN C 347 35.65 22.81 7.00
CA ASN C 347 36.42 21.58 6.86
C ASN C 347 36.16 20.51 7.94
N GLU C 348 34.89 20.38 8.34
CA GLU C 348 34.42 19.42 9.35
C GLU C 348 33.60 18.29 8.68
N ASN C 349 33.47 17.17 9.38
CA ASN C 349 32.67 16.03 8.90
C ASN C 349 31.17 16.37 8.91
N PRO C 350 30.54 16.46 7.72
CA PRO C 350 29.09 16.71 7.70
C PRO C 350 28.24 15.56 8.25
N HIS C 351 28.83 14.36 8.35
CA HIS C 351 28.19 13.17 8.94
C HIS C 351 28.97 12.73 10.18
N LYS C 352 29.30 13.70 11.03
CA LYS C 352 30.00 13.46 12.29
C LYS C 352 29.11 12.63 13.20
N ASP C 353 29.63 11.47 13.61
CA ASP C 353 28.90 10.52 14.45
C ASP C 353 27.56 10.07 13.86
N GLU C 354 27.46 10.04 12.53
CA GLU C 354 26.24 9.62 11.83
C GLU C 354 26.57 8.67 10.67
N PRO C 355 25.77 7.60 10.50
CA PRO C 355 26.10 6.59 9.52
C PRO C 355 25.69 6.98 8.09
N ILE C 356 26.42 6.45 7.11
CA ILE C 356 26.00 6.43 5.72
C ILE C 356 25.86 4.97 5.32
N TYR C 357 24.70 4.61 4.76
CA TYR C 357 24.34 3.22 4.53
C TYR C 357 24.41 2.86 3.06
N ALA C 358 24.57 1.55 2.82
CA ALA C 358 24.34 0.95 1.52
C ALA C 358 23.77 -0.43 1.79
N LEU C 359 22.68 -0.76 1.10
CA LEU C 359 22.03 -2.04 1.25
C LEU C 359 21.63 -2.50 -0.15
N ARG C 360 22.18 -3.62 -0.60
CA ARG C 360 21.93 -4.15 -1.94
C ARG C 360 21.51 -5.59 -1.83
N HIS C 361 20.41 -5.93 -2.49
CA HIS C 361 19.79 -7.24 -2.33
C HIS C 361 20.35 -8.23 -3.34
N ARG C 362 20.39 -9.50 -2.93
CA ARG C 362 20.86 -10.61 -3.74
C ARG C 362 19.86 -11.76 -3.61
N LYS C 363 20.17 -12.94 -4.15
CA LYS C 363 19.21 -14.07 -4.13
C LYS C 363 19.08 -14.65 -2.72
N GLY C 364 18.02 -14.26 -2.01
CA GLY C 364 17.71 -14.80 -0.69
C GLY C 364 18.49 -14.21 0.49
N TYR C 365 19.37 -13.23 0.22
CA TYR C 365 20.09 -12.50 1.27
C TYR C 365 20.41 -11.09 0.78
N SER C 366 21.04 -10.28 1.64
CA SER C 366 21.38 -8.90 1.27
C SER C 366 22.79 -8.59 1.75
N ASP C 367 23.55 -7.85 0.94
CA ASP C 367 24.83 -7.27 1.36
C ASP C 367 24.61 -5.85 1.84
N ALA C 368 25.44 -5.40 2.78
CA ALA C 368 25.23 -4.13 3.44
C ALA C 368 26.55 -3.42 3.71
N ALA C 369 26.45 -2.14 4.02
CA ALA C 369 27.64 -1.34 4.36
C ALA C 369 27.24 -0.19 5.26
N ILE C 370 28.15 0.18 6.15
CA ILE C 370 27.96 1.31 7.06
C ILE C 370 29.25 2.10 7.12
N ARG C 371 29.16 3.41 6.90
CA ARG C 371 30.30 4.30 7.03
C ARG C 371 30.01 5.36 8.06
N MET C 372 30.77 5.35 9.14
CA MET C 372 30.67 6.39 10.17
C MET C 372 32.04 6.75 10.73
N ASN C 373 32.38 8.04 10.62
CA ASN C 373 33.67 8.56 11.05
C ASN C 373 34.77 7.71 10.38
N GLN C 374 35.66 7.06 11.15
CA GLN C 374 36.74 6.28 10.55
C GLN C 374 36.36 4.84 10.22
N TRP C 375 35.12 4.43 10.52
CA TRP C 375 34.75 3.02 10.51
C TRP C 375 33.96 2.67 9.28
N LYS C 376 34.19 1.46 8.77
CA LYS C 376 33.39 0.88 7.69
C LYS C 376 32.98 -0.51 8.16
N ALA C 377 31.68 -0.70 8.37
CA ALA C 377 31.11 -2.02 8.63
C ALA C 377 30.71 -2.63 7.31
N LEU C 378 30.86 -3.95 7.18
CA LEU C 378 30.63 -4.66 5.93
C LEU C 378 29.99 -6.03 6.12
N LYS C 379 28.83 -6.23 5.52
CA LYS C 379 28.20 -7.54 5.42
C LYS C 379 28.18 -7.91 3.95
N VAL C 380 28.83 -9.00 3.59
CA VAL C 380 28.98 -9.37 2.19
C VAL C 380 29.07 -10.89 2.00
N ASN C 381 28.51 -11.39 0.89
CA ASN C 381 28.67 -12.80 0.50
C ASN C 381 28.27 -13.80 1.61
N GLN C 382 27.26 -13.44 2.40
CA GLN C 382 26.79 -14.25 3.54
C GLN C 382 27.81 -14.52 4.67
N GLN C 383 28.88 -13.71 4.73
CA GLN C 383 29.89 -13.82 5.78
C GLN C 383 29.40 -13.10 7.02
N PRO C 384 30.06 -13.31 8.17
CA PRO C 384 29.75 -12.45 9.32
C PRO C 384 30.17 -10.99 9.09
N TRP C 385 29.58 -10.08 9.86
CA TRP C 385 29.94 -8.67 9.77
C TRP C 385 31.44 -8.51 10.01
N GLN C 386 32.10 -7.79 9.09
CA GLN C 386 33.49 -7.36 9.24
C GLN C 386 33.48 -5.87 9.56
N LEU C 387 34.60 -5.37 10.10
CA LEU C 387 34.79 -3.95 10.41
C LEU C 387 36.19 -3.51 9.98
N PHE C 388 36.28 -2.31 9.42
CA PHE C 388 37.55 -1.76 8.92
C PHE C 388 37.76 -0.35 9.41
N ASN C 389 38.99 -0.03 9.83
CA ASN C 389 39.39 1.36 9.96
C ASN C 389 39.69 1.82 8.56
N ILE C 390 38.69 2.43 7.93
CA ILE C 390 38.75 2.72 6.50
C ILE C 390 39.75 3.83 6.18
N GLU C 391 40.03 4.71 7.14
CA GLU C 391 41.07 5.74 6.99
C GLU C 391 42.49 5.16 6.89
N ASN C 392 42.77 4.07 7.62
CA ASN C 392 44.06 3.36 7.52
C ASN C 392 44.05 2.20 6.53
N ASP C 393 42.87 1.75 6.10
CA ASP C 393 42.72 0.49 5.36
C ASP C 393 41.65 0.62 4.27
N ILE C 394 41.90 1.53 3.33
CA ILE C 394 40.94 1.82 2.26
C ILE C 394 40.54 0.60 1.39
N SER C 395 41.45 -0.37 1.24
CA SER C 395 41.20 -1.59 0.46
C SER C 395 40.46 -2.71 1.21
N GLU C 396 40.15 -2.48 2.49
CA GLU C 396 39.39 -3.42 3.31
C GLU C 396 40.07 -4.77 3.45
N LYS C 397 41.38 -4.74 3.71
CA LYS C 397 42.20 -5.96 3.91
C LYS C 397 42.27 -6.49 5.37
N HIS C 398 41.97 -5.64 6.37
CA HIS C 398 42.22 -5.95 7.78
C HIS C 398 40.98 -5.77 8.66
N ASP C 399 40.26 -6.88 8.84
CA ASP C 399 39.04 -6.94 9.65
C ASP C 399 39.42 -6.83 11.12
N VAL C 400 38.97 -5.75 11.77
CA VAL C 400 39.28 -5.51 13.18
C VAL C 400 38.04 -5.66 14.06
N SER C 401 37.10 -6.52 13.62
CA SER C 401 35.87 -6.74 14.38
C SER C 401 36.13 -7.39 15.75
N LYS C 402 37.00 -8.40 15.80
CA LYS C 402 37.28 -9.13 17.07
C LYS C 402 37.61 -8.16 18.22
N SER C 403 38.35 -7.09 17.95
CA SER C 403 38.72 -6.11 18.99
C SER C 403 37.81 -4.86 19.10
N ASN C 404 36.65 -4.84 18.44
CA ASN C 404 35.65 -3.76 18.61
C ASN C 404 34.21 -4.32 18.61
N LYS C 405 33.98 -5.45 19.31
CA LYS C 405 32.67 -6.13 19.27
C LYS C 405 31.49 -5.20 19.58
N ALA C 406 31.62 -4.40 20.64
CA ALA C 406 30.54 -3.49 21.08
C ALA C 406 30.17 -2.44 20.02
N LEU C 407 31.19 -1.84 19.41
CA LEU C 407 31.01 -0.81 18.39
C LEU C 407 30.31 -1.35 17.13
N LEU C 408 30.79 -2.48 16.63
CA LEU C 408 30.21 -3.12 15.46
C LEU C 408 28.76 -3.52 15.68
N THR C 409 28.50 -4.16 16.82
CA THR C 409 27.16 -4.54 17.22
C THR C 409 26.24 -3.32 17.27
N ASP C 410 26.75 -2.22 17.81
CA ASP C 410 25.98 -0.98 17.89
C ASP C 410 25.60 -0.47 16.50
N MET C 411 26.57 -0.43 15.60
CA MET C 411 26.35 0.11 14.26
C MET C 411 25.28 -0.71 13.53
N VAL C 412 25.42 -2.03 13.59
CA VAL C 412 24.49 -2.95 12.93
C VAL C 412 23.06 -2.78 13.48
N ARG C 413 22.93 -2.65 14.79
CA ARG C 413 21.62 -2.44 15.43
C ARG C 413 20.96 -1.15 15.02
N GLU C 414 21.77 -0.10 14.84
CA GLU C 414 21.26 1.15 14.30
C GLU C 414 20.79 0.97 12.86
N MET C 415 21.51 0.17 12.08
CA MET C 415 21.07 -0.16 10.73
C MET C 415 19.76 -0.98 10.78
N GLU C 416 19.68 -1.93 11.71
CA GLU C 416 18.44 -2.69 11.92
C GLU C 416 17.28 -1.75 12.22
N LYS C 417 17.52 -0.78 13.10
CA LYS C 417 16.52 0.25 13.44
C LYS C 417 16.08 1.05 12.21
N TRP C 418 17.05 1.42 11.39
CA TRP C 418 16.82 2.19 10.17
C TRP C 418 16.00 1.41 9.12
N SER C 419 16.16 0.09 9.12
CA SER C 419 15.53 -0.77 8.12
C SER C 419 14.00 -0.79 8.13
N TRP C 420 13.39 -0.47 9.25
CA TRP C 420 11.95 -0.75 9.43
C TRP C 420 10.99 0.02 8.52
N ASP C 421 11.36 1.23 8.11
CA ASP C 421 10.52 2.02 7.20
C ASP C 421 10.93 1.88 5.73
N ASN C 422 11.80 0.91 5.42
CA ASN C 422 12.05 0.50 4.05
C ASN C 422 10.76 -0.11 3.49
N GLN C 423 10.28 0.36 2.35
CA GLN C 423 9.11 -0.24 1.70
C GLN C 423 9.48 -1.52 0.95
N GLN C 424 8.52 -2.44 0.85
CA GLN C 424 8.64 -3.58 -0.04
C GLN C 424 8.86 -3.03 -1.45
N PRO C 425 9.77 -3.64 -2.24
CA PRO C 425 10.02 -3.14 -3.59
C PRO C 425 8.79 -3.06 -4.50
N SER C 426 8.60 -1.90 -5.14
CA SER C 426 7.49 -1.72 -6.05
C SER C 426 7.70 -2.41 -7.40
N TRP C 427 8.94 -2.85 -7.68
CA TRP C 427 9.27 -3.62 -8.88
C TRP C 427 10.63 -4.30 -8.73
N PHE C 428 11.01 -5.07 -9.74
CA PHE C 428 12.35 -5.70 -9.86
C PHE C 428 12.86 -5.58 -11.30
N HIS C 429 14.16 -5.80 -11.54
CA HIS C 429 14.73 -5.61 -12.88
C HIS C 429 14.36 -6.75 -13.88
N GLU C 430 13.94 -7.90 -13.34
CA GLU C 430 13.50 -9.05 -14.11
C GLU C 430 12.34 -9.70 -13.34
N THR C 431 11.49 -10.42 -14.07
CA THR C 431 10.38 -11.14 -13.47
C THR C 431 10.84 -12.17 -12.41
N THR C 432 11.87 -12.95 -12.72
CA THR C 432 12.31 -14.03 -11.82
C THR C 432 12.85 -13.48 -10.49
N GLU C 433 13.44 -12.29 -10.52
CA GLU C 433 13.99 -11.67 -9.33
C GLU C 433 12.90 -11.39 -8.29
N GLY C 434 11.74 -10.94 -8.75
CA GLY C 434 10.58 -10.73 -7.88
C GLY C 434 9.98 -12.03 -7.40
N VAL C 435 9.96 -13.04 -8.26
CA VAL C 435 9.46 -14.35 -7.86
C VAL C 435 10.35 -14.92 -6.75
N ASN C 436 11.68 -14.85 -6.96
CA ASN C 436 12.64 -15.33 -5.95
C ASN C 436 12.56 -14.50 -4.66
N TRP C 437 12.37 -13.18 -4.79
CA TRP C 437 12.10 -12.31 -3.64
C TRP C 437 10.93 -12.83 -2.79
N ARG C 438 9.80 -13.12 -3.44
CA ARG C 438 8.61 -13.60 -2.72
C ARG C 438 8.84 -15.01 -2.17
N LEU C 439 9.40 -15.91 -2.98
CA LEU C 439 9.80 -17.26 -2.53
C LEU C 439 10.70 -17.30 -1.30
N ASP C 440 11.66 -16.39 -1.24
CA ASP C 440 12.64 -16.34 -0.15
C ASP C 440 12.20 -15.53 1.07
N ALA C 441 10.95 -15.05 1.05
CA ALA C 441 10.36 -14.32 2.17
C ALA C 441 11.12 -13.03 2.48
N MET C 442 11.68 -12.42 1.44
CA MET C 442 12.56 -11.27 1.58
C MET C 442 11.78 -10.06 2.10
N PRO C 443 12.45 -9.13 2.76
CA PRO C 443 13.90 -9.20 3.08
C PRO C 443 14.23 -10.19 4.20
N ARG C 444 15.34 -10.90 4.06
CA ARG C 444 15.83 -11.77 5.14
C ARG C 444 16.76 -10.99 6.04
N PHE C 445 16.18 -10.02 6.73
CA PHE C 445 16.97 -9.17 7.63
C PHE C 445 17.43 -9.88 8.91
N ASP C 446 16.85 -11.06 9.22
CA ASP C 446 17.37 -11.91 10.30
C ASP C 446 18.80 -12.37 10.04
N LYS C 447 19.13 -12.61 8.77
CA LYS C 447 20.51 -12.90 8.38
C LYS C 447 21.33 -11.62 8.30
N THR C 448 20.73 -10.57 7.75
CA THR C 448 21.44 -9.33 7.47
C THR C 448 21.91 -8.58 8.72
N PHE C 449 21.16 -8.67 9.81
CA PHE C 449 21.50 -7.97 11.06
C PHE C 449 21.78 -8.90 12.26
N LYS C 450 22.11 -10.18 12.03
CA LYS C 450 22.59 -11.04 13.11
C LYS C 450 23.97 -10.59 13.53
N THR C 451 24.26 -10.66 14.84
CA THR C 451 25.51 -10.17 15.43
C THR C 451 26.33 -11.27 16.13
N THR C 452 27.65 -11.07 16.17
CA THR C 452 28.60 -12.02 16.80
C THR C 452 28.88 -11.58 18.24
C1 G4S D . 17.86 -6.95 28.07
C2 G4S D . 16.46 -7.51 28.35
C3 G4S D . 15.60 -6.64 29.25
C4 G4S D . 16.43 -6.11 30.41
C5 G4S D . 17.65 -5.38 29.84
C6 G4S D . 18.52 -4.56 30.82
O1 G4S D . 18.73 -8.02 27.67
O2 G4S D . 15.77 -7.70 27.12
O3 G4S D . 14.51 -7.47 29.72
O4 G4S D . 16.82 -7.20 31.26
O5 G4S D . 18.48 -6.35 29.21
O6 G4S D . 18.03 -4.63 32.18
S G4S D . 16.12 -7.54 32.59
O7 G4S D . 15.72 -6.35 33.30
O8 G4S D . 17.14 -8.44 33.48
O9 G4S D . 14.96 -8.36 32.37
C1 DGS D . 13.26 -6.79 30.05
C2 DGS D . 12.28 -7.82 30.66
C3 DGS D . 10.85 -7.30 30.64
C4 DGS D . 10.47 -7.01 29.21
C5 DGS D . 11.26 -5.73 29.05
C6 DGS D . 11.00 -5.02 30.37
O2 DGS D . 12.33 -9.06 29.94
O3 DGS D . 10.79 -6.06 31.35
O4 DGS D . 9.04 -6.90 29.17
O5 DGS D . 12.66 -6.05 28.97
O7 DGS D . 12.09 -11.44 29.61
O8 DGS D . 10.25 -10.35 30.87
O9 DGS D . 12.60 -10.69 31.73
S DGS D . 11.85 -10.38 30.54
C1 G4S D . 8.54 -6.60 27.88
C2 G4S D . 7.29 -7.44 27.70
C3 G4S D . 6.69 -7.15 26.33
C4 G4S D . 6.35 -5.66 26.19
C5 G4S D . 7.65 -4.86 26.46
C6 G4S D . 7.43 -3.35 26.45
O2 G4S D . 7.64 -8.80 27.83
O3 G4S D . 5.54 -7.97 26.15
O4 G4S D . 5.27 -5.33 27.09
O5 G4S D . 8.21 -5.22 27.73
O6 G4S D . 8.72 -2.74 26.54
S G4S D . 3.99 -4.64 26.58
O7 G4S D . 4.38 -3.30 26.19
O8 G4S D . 2.81 -4.55 27.69
O9 G4S D . 3.49 -5.38 25.46
C1 DGS D . 5.38 -8.34 24.77
C2 DGS D . 4.04 -9.03 24.57
C3 DGS D . 4.04 -9.70 23.18
C4 DGS D . 5.15 -10.73 23.08
C5 DGS D . 6.29 -9.76 23.02
C6 DGS D . 5.79 -8.77 21.98
O2 DGS D . 3.91 -9.95 25.64
O3 DGS D . 4.37 -8.72 22.18
O4 DGS D . 5.15 -11.50 21.87
O5 DGS D . 6.42 -9.22 24.35
O7 DGS D . 2.86 -12.03 24.91
O8 DGS D . 1.49 -10.24 25.60
O9 DGS D . 2.76 -11.47 27.34
S DGS D . 2.74 -10.92 25.81
C1 G4S E . -34.52 -3.47 21.47
C2 G4S E . -35.10 -2.32 22.28
C3 G4S E . -36.10 -2.91 23.28
C4 G4S E . -37.19 -3.82 22.68
C5 G4S E . -36.57 -4.76 21.59
C6 G4S E . -37.61 -5.43 20.69
O1 G4S E . -33.55 -2.97 20.54
O2 G4S E . -34.06 -1.62 22.97
O3 G4S E . -36.69 -1.83 24.02
O4 G4S E . -38.37 -3.08 22.26
O5 G4S E . -35.58 -4.11 20.76
O6 G4S E . -38.37 -6.37 21.46
S G4S E . -39.79 -3.37 22.78
O7 G4S E . -40.87 -2.62 21.83
O8 G4S E . -39.92 -2.91 24.13
O9 G4S E . -40.02 -4.78 22.82
C1 DGS E . -36.85 -2.23 25.40
C2 DGS E . -37.80 -1.29 26.15
C3 DGS E . -37.66 -1.52 27.65
C4 DGS E . -36.25 -1.22 28.10
C5 DGS E . -35.59 -2.44 27.50
C6 DGS E . -36.52 -3.55 27.97
O2 DGS E . -37.49 0.04 25.73
O3 DGS E . -37.81 -2.91 28.00
O4 DGS E . -36.27 -1.17 29.54
O5 DGS E . -35.56 -2.31 26.07
O7 DGS E . -39.44 1.14 27.15
O8 DGS E . -37.26 2.27 26.59
O9 DGS E . -38.78 1.83 24.83
S DGS E . -38.23 1.34 26.06
C1 G4S E . -34.95 -1.00 30.06
C2 G4S E . -35.01 -0.25 31.39
C3 G4S E . -33.64 -0.15 32.04
C4 G4S E . -32.92 -1.51 31.97
C5 G4S E . -32.94 -2.14 30.56
C6 G4S E . -32.23 -3.51 30.44
O2 G4S E . -35.46 1.07 31.12
O3 G4S E . -33.80 0.34 33.40
O4 G4S E . -33.59 -2.36 32.92
O5 G4S E . -34.31 -2.27 30.21
O6 G4S E . -32.08 -3.99 29.09
S G4S E . -32.92 -2.78 34.22
O7 G4S E . -34.06 -3.13 35.37
O8 G4S E . -32.05 -1.76 34.72
O9 G4S E . -32.15 -3.95 33.91
C1 DGS E . -32.76 1.24 33.88
C2 DGS E . -32.93 1.38 35.41
C3 DGS E . -32.20 2.60 35.97
C4 DGS E . -32.71 3.84 35.26
C5 DGS E . -32.03 3.59 33.93
C6 DGS E . -30.63 3.18 34.39
O2 DGS E . -34.33 1.50 35.68
O3 DGS E . -30.82 2.50 35.63
O4 DGS E . -32.29 5.05 35.89
O5 DGS E . -32.72 2.54 33.24
O7 DGS E . -36.12 0.13 36.59
O8 DGS E . -35.60 2.35 37.69
O9 DGS E . -34.13 0.27 37.82
S DGS E . -35.04 1.01 36.95
C1 G4S F . -24.74 -23.46 -0.30
C2 G4S F . -23.90 -23.96 -1.46
C3 G4S F . -24.51 -23.49 -2.77
C4 G4S F . -25.95 -24.04 -2.85
C5 G4S F . -26.80 -23.79 -1.59
C6 G4S F . -28.06 -24.66 -1.56
O1 G4S F . -24.10 -23.82 0.93
O2 G4S F . -22.59 -23.44 -1.33
O3 G4S F . -23.68 -23.87 -3.90
O4 G4S F . -25.84 -25.44 -3.11
O5 G4S F . -26.06 -24.03 -0.37
O6 G4S F . -28.97 -24.13 -0.58
S G4S F . -26.52 -26.11 -4.34
O7 G4S F . -27.03 -25.15 -5.29
O8 G4S F . -25.59 -26.99 -4.99
O9 G4S F . -27.76 -26.98 -3.73
C1 DGS F . -23.86 -22.95 -5.03
C2 DGS F . -23.57 -23.56 -6.40
C3 DGS F . -23.44 -22.47 -7.48
C4 DGS F . -22.28 -21.57 -7.11
C5 DGS F . -22.94 -20.86 -5.97
C6 DGS F . -24.29 -20.50 -6.60
O2 DGS F . -22.35 -24.28 -6.39
O3 DGS F . -24.57 -21.59 -7.48
O4 DGS F . -22.00 -20.73 -8.23
O5 DGS F . -23.04 -21.78 -4.85
O7 DGS F . -23.00 -26.65 -7.05
O8 DGS F . -22.37 -25.03 -8.76
O9 DGS F . -20.65 -25.74 -7.35
S DGS F . -22.04 -25.37 -7.41
C1 G4S F . -20.95 -19.79 -8.01
C2 G4S F . -19.93 -19.96 -9.13
C3 G4S F . -18.84 -18.90 -8.95
C4 G4S F . -19.44 -17.48 -8.87
C5 G4S F . -20.46 -17.49 -7.72
C6 G4S F . -21.11 -16.13 -7.41
O2 G4S F . -19.38 -21.27 -9.10
O3 G4S F . -17.86 -19.05 -10.00
O4 G4S F . -20.04 -17.10 -10.12
O5 G4S F . -21.47 -18.46 -7.97
O6 G4S F . -21.95 -16.25 -6.26
S G4S F . -19.66 -15.75 -10.76
O7 G4S F . -20.03 -14.70 -9.86
O8 G4S F . -18.25 -15.75 -11.00
O9 G4S F . -20.38 -15.53 -12.21
C1 DGS F . -16.58 -18.61 -9.54
C2 DGS F . -15.58 -18.60 -10.70
C3 DGS F . -14.14 -18.50 -10.17
C4 DGS F . -13.85 -19.68 -9.27
C5 DGS F . -14.73 -19.25 -8.12
C6 DGS F . -14.33 -17.79 -7.97
O2 DGS F . -15.79 -19.80 -11.47
O3 DGS F . -14.00 -17.36 -9.31
O4 DGS F . -12.47 -19.74 -8.86
O5 DGS F . -16.09 -19.45 -8.49
O7 DGS F . -16.01 -21.16 -13.66
O8 DGS F . -15.27 -18.75 -13.53
O9 DGS F . -13.81 -20.35 -12.78
S DGS F . -15.18 -20.00 -12.87
C1 G4S G . -17.21 -35.32 -5.62
C2 G4S G . -15.81 -34.76 -5.82
C3 G4S G . -15.62 -34.20 -7.24
C4 G4S G . -15.95 -35.31 -8.27
C5 G4S G . -17.34 -35.91 -7.96
C6 G4S G . -17.68 -37.14 -8.81
O1 G4S G . -17.27 -35.91 -4.31
O2 G4S G . -15.58 -33.75 -4.85
O3 G4S G . -14.29 -33.63 -7.35
O4 G4S G . -14.92 -36.30 -8.30
O5 G4S G . -17.49 -36.33 -6.59
O6 G4S G . -18.89 -37.71 -8.28
S G4S G . -14.20 -36.80 -9.57
O7 G4S G . -12.82 -37.54 -9.12
O8 G4S G . -13.82 -35.70 -10.39
O9 G4S G . -14.97 -37.72 -10.36
C1 DGS G . -14.19 -32.60 -8.36
C2 DGS G . -12.73 -32.44 -8.87
C3 DGS G . -12.45 -31.05 -9.42
C4 DGS G . -12.90 -30.01 -8.42
C5 DGS G . -14.38 -30.17 -8.63
C6 DGS G . -14.51 -30.30 -10.15
O2 DGS G . -11.78 -32.73 -7.82
O3 DGS G . -13.24 -30.81 -10.60
O4 DGS G . -12.39 -28.72 -8.76
O5 DGS G . -14.76 -31.36 -7.91
O7 DGS G . -10.74 -34.49 -9.13
O8 DGS G . -10.21 -34.31 -6.82
O9 DGS G . -9.23 -32.66 -8.42
S DGS G . -10.51 -33.59 -8.03
C1 G4S G . -12.48 -27.78 -7.66
C2 G4S G . -11.36 -26.73 -7.81
C3 G4S G . -11.55 -25.56 -6.85
C4 G4S G . -13.01 -25.12 -6.87
C5 G4S G . -13.92 -26.29 -6.49
C6 G4S G . -15.38 -25.87 -6.21
O2 G4S G . -10.06 -27.28 -7.56
O3 G4S G . -10.64 -24.53 -7.26
O4 G4S G . -13.38 -24.72 -8.19
O5 G4S G . -13.79 -27.21 -7.59
O6 G4S G . -16.31 -26.91 -6.52
S G4S G . -13.62 -23.26 -8.52
O7 G4S G . -14.58 -22.68 -7.63
O8 G4S G . -12.39 -22.52 -8.35
O9 G4S G . -14.11 -23.24 -10.08
C1 DGS G . -10.26 -23.61 -6.22
C2 DGS G . -9.54 -22.42 -6.87
C3 DGS G . -8.68 -21.71 -5.85
C4 DGS G . -7.67 -22.69 -5.26
C5 DGS G . -8.63 -23.43 -4.36
C6 DGS G . -9.44 -22.31 -3.72
O2 DGS G . -8.70 -22.86 -7.97
O3 DGS G . -9.53 -21.33 -4.75
O4 DGS G . -6.58 -22.01 -4.60
O5 DGS G . -9.49 -24.25 -5.17
O7 DGS G . -7.64 -22.89 -10.32
O8 DGS G . -9.77 -21.65 -9.76
O9 DGS G . -7.82 -20.78 -8.98
S DGS G . -8.49 -22.02 -9.24
C1 G4S H . 20.00 -8.55 -25.08
C2 G4S H . 21.28 -8.67 -24.26
C3 G4S H . 22.02 -7.33 -24.20
C4 G4S H . 22.32 -6.90 -25.65
C5 G4S H . 20.99 -6.93 -26.45
C6 G4S H . 21.17 -6.50 -27.91
O1 G4S H . 19.28 -9.79 -25.10
O2 G4S H . 20.95 -9.11 -22.94
O3 G4S H . 23.19 -7.40 -23.35
O4 G4S H . 23.34 -7.71 -26.28
O5 G4S H . 20.34 -8.20 -26.41
O6 G4S H . 21.90 -7.50 -28.62
S G4S H . 24.85 -7.56 -25.95
O7 G4S H . 25.16 -6.17 -25.73
O8 G4S H . 25.22 -8.33 -24.78
O9 G4S H . 25.80 -8.07 -27.16
C1 DGS H . 23.61 -6.10 -22.80
C2 DGS H . 24.96 -6.24 -22.08
C3 DGS H . 25.26 -4.98 -21.25
C4 DGS H . 24.17 -4.82 -20.21
C5 DGS H . 23.11 -4.32 -21.16
C6 DGS H . 23.85 -3.32 -22.03
O2 DGS H . 24.90 -7.40 -21.26
O3 DGS H . 25.18 -3.85 -22.13
O4 DGS H . 24.54 -3.90 -19.16
O5 DGS H . 22.65 -5.46 -21.93
O7 DGS H . 25.62 -9.07 -19.67
O8 DGS H . 26.85 -6.88 -19.56
O9 DGS H . 27.07 -8.50 -21.42
S DGS H . 26.09 -7.99 -20.50
C1 G4S H . 23.51 -3.72 -18.16
C2 G4S H . 24.14 -3.85 -16.77
C3 G4S H . 23.07 -3.60 -15.71
C4 G4S H . 22.42 -2.24 -15.89
C5 G4S H . 21.81 -2.20 -17.30
C6 G4S H . 21.10 -0.89 -17.56
O2 G4S H . 24.65 -5.18 -16.64
O3 G4S H . 23.61 -3.72 -14.38
O4 G4S H . 23.40 -1.22 -15.61
O5 G4S H . 22.86 -2.43 -18.26
O6 G4S H . 20.29 -0.94 -18.73
S G4S H . 23.14 -0.11 -14.58
O7 G4S H . 22.09 0.73 -15.09
O8 G4S H . 24.45 0.84 -14.33
O9 G4S H . 22.80 -0.65 -13.31
C1 DGS H . 22.64 -4.23 -13.45
C2 DGS H . 23.17 -4.12 -12.02
C3 DGS H . 22.30 -4.96 -11.09
C4 DGS H . 22.32 -6.41 -11.50
C5 DGS H . 21.49 -6.28 -12.74
C6 DGS H . 20.33 -5.46 -12.24
O2 DGS H . 24.51 -4.57 -12.09
O3 DGS H . 20.92 -4.58 -11.25
O4 DGS H . 21.66 -7.19 -10.52
O5 DGS H . 22.29 -5.60 -13.72
O7 DGS H . 25.25 -6.04 -10.33
O8 DGS H . 25.40 -3.64 -9.98
O9 DGS H . 27.02 -4.74 -11.47
S DGS H . 25.50 -4.74 -10.91
CA CA I . 0.96 -3.75 28.89
C1 EDO J . 3.49 4.55 7.75
O1 EDO J . 2.82 5.43 8.69
C2 EDO J . 4.18 3.38 8.46
O2 EDO J . 5.00 3.82 9.57
CA CA K . -20.96 -14.81 -14.36
CA CA L . 25.78 2.64 -13.70
#